data_7X54
#
_entry.id   7X54
#
_cell.length_a   1.00
_cell.length_b   1.00
_cell.length_c   1.00
_cell.angle_alpha   90.00
_cell.angle_beta   90.00
_cell.angle_gamma   90.00
#
_symmetry.space_group_name_H-M   'P 1'
#
loop_
_entity.id
_entity.type
_entity.pdbx_description
1 polymer 'ParM/StbA family protein'
2 non-polymer "ADENOSINE-5'-DIPHOSPHATE"
3 non-polymer 'MAGNESIUM ION'
#
_entity_poly.entity_id   1
_entity_poly.type   'polypeptide(L)'
_entity_poly.pdbx_seq_one_letter_code
;MKITVVDLGNINVKYVGENKGRFSSKITNDYQSYEEGFQRVEYNGIKTYIGVGELSREFNKADRDYMAQLLYSLAKANTA
DTKEINLTLLLPIIQMKNKTRLIETLKGENFKFKFNGIDREIKINDLMVLPEGYASYYSLDIENKKGDVCILDLGSRTIN
ICVLENAKIVKTNTIKLGSFDFYSKIKSLENAKGEDYIEEDIQRLIDNGLIKVDSKQYIEFLSDILNAVKPYVNLKTYNT
IFTGGTSLMLKEYIEKLPLNKFKVHPNALTSNVDGAMEASKKVWN
;
_entity_poly.pdbx_strand_id   A,B,C,D,E
#
# COMPACT_ATOMS: atom_id res chain seq x y z
N MET A 1 -2.76 28.71 48.83
CA MET A 1 -1.46 28.29 49.41
C MET A 1 -1.43 26.79 49.63
N LYS A 2 -2.16 26.34 50.65
CA LYS A 2 -2.30 24.91 50.89
C LYS A 2 -2.86 24.22 49.66
N ILE A 3 -2.70 22.90 49.62
CA ILE A 3 -3.26 22.08 48.56
C ILE A 3 -3.99 20.90 49.19
N THR A 4 -5.18 20.60 48.67
CA THR A 4 -5.98 19.49 49.16
C THR A 4 -6.54 18.71 47.98
N VAL A 5 -6.43 17.38 48.04
CA VAL A 5 -6.91 16.49 47.00
C VAL A 5 -7.96 15.57 47.61
N VAL A 6 -9.07 15.40 46.89
CA VAL A 6 -10.21 14.64 47.38
C VAL A 6 -10.70 13.75 46.25
N ASP A 7 -10.72 12.44 46.49
CA ASP A 7 -11.38 11.48 45.61
C ASP A 7 -12.67 11.06 46.29
N LEU A 8 -13.79 11.58 45.81
CA LEU A 8 -15.07 11.27 46.42
C LEU A 8 -15.41 9.79 46.27
N GLY A 9 -15.18 9.24 45.09
CA GLY A 9 -15.52 7.85 44.86
C GLY A 9 -17.03 7.65 44.90
N ASN A 10 -17.40 6.38 45.07
CA ASN A 10 -18.80 6.01 45.23
C ASN A 10 -19.09 5.22 46.50
N ILE A 11 -18.09 4.56 47.08
CA ILE A 11 -18.27 3.82 48.33
C ILE A 11 -17.27 4.31 49.36
N ASN A 12 -16.14 4.84 48.90
CA ASN A 12 -15.10 5.34 49.79
C ASN A 12 -14.65 6.72 49.34
N VAL A 13 -14.31 7.56 50.32
CA VAL A 13 -13.76 8.89 50.08
C VAL A 13 -12.32 8.88 50.59
N LYS A 14 -11.42 9.47 49.80
CA LYS A 14 -9.99 9.48 50.11
C LYS A 14 -9.47 10.90 50.00
N TYR A 15 -8.99 11.45 51.09
CA TYR A 15 -8.52 12.83 51.15
C TYR A 15 -7.04 12.86 51.50
N VAL A 16 -6.33 13.84 50.95
CA VAL A 16 -4.94 14.07 51.30
C VAL A 16 -4.68 15.57 51.28
N GLY A 17 -4.21 16.09 52.41
CA GLY A 17 -3.80 17.48 52.53
C GLY A 17 -2.64 17.57 53.49
N GLU A 18 -2.73 18.47 54.47
CA GLU A 18 -1.75 18.46 55.56
C GLU A 18 -1.75 17.12 56.27
N ASN A 19 -2.92 16.47 56.38
CA ASN A 19 -3.05 15.14 56.93
C ASN A 19 -3.89 14.29 55.98
N LYS A 20 -3.41 13.09 55.70
CA LYS A 20 -4.08 12.20 54.76
C LYS A 20 -5.04 11.26 55.50
N GLY A 21 -5.90 10.61 54.74
CA GLY A 21 -6.81 9.64 55.31
C GLY A 21 -7.93 9.28 54.35
N ARG A 22 -8.85 8.47 54.86
CA ARG A 22 -9.98 8.01 54.06
C ARG A 22 -11.10 7.62 55.00
N PHE A 23 -12.30 7.48 54.43
CA PHE A 23 -13.48 7.05 55.17
C PHE A 23 -14.50 6.53 54.17
N SER A 24 -15.68 6.18 54.67
CA SER A 24 -16.73 5.61 53.84
C SER A 24 -17.59 6.71 53.24
N SER A 25 -18.13 6.43 52.05
CA SER A 25 -18.92 7.41 51.32
C SER A 25 -20.37 7.44 51.77
N LYS A 26 -20.77 6.59 52.72
CA LYS A 26 -22.15 6.57 53.16
C LYS A 26 -22.56 7.93 53.71
N ILE A 27 -23.72 8.41 53.28
CA ILE A 27 -24.25 9.70 53.72
C ILE A 27 -25.75 9.54 53.96
N THR A 28 -26.23 10.14 55.03
CA THR A 28 -27.65 10.09 55.38
C THR A 28 -28.09 11.41 55.97
N ASN A 29 -29.22 11.91 55.48
CA ASN A 29 -29.89 13.07 56.07
C ASN A 29 -30.94 12.66 57.11
N ASP A 30 -31.04 11.36 57.40
CA ASP A 30 -32.07 10.88 58.32
C ASP A 30 -31.90 11.50 59.69
N TYR A 31 -33.02 11.77 60.35
CA TYR A 31 -32.97 12.30 61.71
C TYR A 31 -32.30 11.30 62.64
N GLN A 32 -31.55 11.82 63.60
CA GLN A 32 -30.76 10.99 64.50
C GLN A 32 -30.93 11.50 65.93
N SER A 33 -30.98 10.56 66.86
CA SER A 33 -31.19 10.88 68.27
C SER A 33 -29.88 11.29 68.96
N TYR A 34 -28.91 10.38 68.99
CA TYR A 34 -27.65 10.62 69.71
C TYR A 34 -26.64 11.20 68.72
N GLU A 35 -26.79 12.50 68.45
CA GLU A 35 -25.91 13.17 67.50
C GLU A 35 -24.46 13.13 67.96
N GLU A 36 -24.23 13.30 69.27
CA GLU A 36 -22.88 13.23 69.81
C GLU A 36 -22.43 11.78 69.82
N GLY A 37 -21.41 11.46 69.02
CA GLY A 37 -20.94 10.11 68.87
C GLY A 37 -20.77 9.74 67.41
N PHE A 38 -21.52 10.41 66.55
CA PHE A 38 -21.42 10.25 65.11
C PHE A 38 -20.64 11.40 64.50
N GLN A 39 -20.13 11.17 63.30
CA GLN A 39 -19.50 12.23 62.52
C GLN A 39 -20.56 12.85 61.61
N ARG A 40 -20.60 14.17 61.58
CA ARG A 40 -21.66 14.87 60.86
C ARG A 40 -21.14 16.21 60.38
N VAL A 41 -21.90 16.82 59.47
CA VAL A 41 -21.68 18.20 59.07
C VAL A 41 -23.03 18.84 58.78
N GLU A 42 -23.20 20.09 59.19
CA GLU A 42 -24.39 20.87 58.91
C GLU A 42 -24.00 22.03 58.01
N TYR A 43 -24.66 22.12 56.85
CA TYR A 43 -24.41 23.17 55.87
C TYR A 43 -25.71 23.90 55.60
N ASN A 44 -25.68 25.23 55.69
CA ASN A 44 -26.84 26.09 55.47
C ASN A 44 -28.13 25.50 56.04
N GLY A 45 -28.05 24.88 57.22
CA GLY A 45 -29.22 24.44 57.95
C GLY A 45 -29.55 22.98 57.81
N ILE A 46 -29.03 22.29 56.79
CA ILE A 46 -29.30 20.88 56.58
C ILE A 46 -28.13 20.06 57.14
N LYS A 47 -28.45 19.03 57.90
CA LYS A 47 -27.48 18.21 58.60
C LYS A 47 -27.36 16.85 57.91
N THR A 48 -26.13 16.33 57.86
CA THR A 48 -25.87 15.02 57.28
C THR A 48 -24.86 14.28 58.13
N TYR A 49 -25.13 12.99 58.33
CA TYR A 49 -24.27 12.11 59.11
C TYR A 49 -23.48 11.22 58.17
N ILE A 50 -22.17 11.14 58.38
CA ILE A 50 -21.25 10.48 57.47
C ILE A 50 -20.84 9.14 58.07
N GLY A 51 -20.47 8.21 57.20
CA GLY A 51 -20.03 6.90 57.64
C GLY A 51 -21.13 5.91 57.93
N VAL A 52 -22.38 6.23 57.60
CA VAL A 52 -23.51 5.36 57.89
C VAL A 52 -24.69 5.77 57.01
N GLY A 53 -25.60 4.85 56.80
CA GLY A 53 -26.85 5.14 56.12
C GLY A 53 -26.82 4.68 54.68
N GLU A 54 -27.24 5.55 53.76
CA GLU A 54 -27.34 5.22 52.35
C GLU A 54 -25.95 5.26 51.73
N LEU A 55 -25.88 5.19 50.40
CA LEU A 55 -24.61 5.04 49.70
C LEU A 55 -24.43 5.98 48.52
N SER A 56 -25.49 6.63 48.02
CA SER A 56 -25.38 7.63 46.96
C SER A 56 -24.76 7.02 45.70
N ARG A 57 -25.51 6.08 45.11
CA ARG A 57 -25.07 5.36 43.92
C ARG A 57 -25.19 6.16 42.64
N GLU A 58 -25.73 7.39 42.69
CA GLU A 58 -25.99 8.13 41.47
C GLU A 58 -24.72 8.27 40.63
N PHE A 59 -24.85 7.94 39.35
CA PHE A 59 -23.76 8.14 38.40
C PHE A 59 -23.55 9.64 38.18
N ASN A 60 -22.61 9.99 37.32
CA ASN A 60 -22.26 11.37 37.02
C ASN A 60 -22.13 12.18 38.32
N LYS A 61 -21.13 11.79 39.11
CA LYS A 61 -20.99 12.25 40.48
C LYS A 61 -20.74 13.75 40.57
N ALA A 62 -20.77 14.48 39.45
CA ALA A 62 -20.71 15.93 39.51
C ALA A 62 -21.88 16.53 40.27
N ASP A 63 -22.97 15.78 40.45
CA ASP A 63 -24.17 16.32 41.09
C ASP A 63 -24.78 15.36 42.12
N ARG A 64 -24.04 14.35 42.58
CA ARG A 64 -24.59 13.39 43.54
C ARG A 64 -24.40 13.86 44.98
N ASP A 65 -24.81 15.10 45.26
CA ASP A 65 -24.67 15.70 46.58
C ASP A 65 -23.23 15.56 47.07
N TYR A 66 -22.31 16.08 46.28
CA TYR A 66 -20.90 16.12 46.64
C TYR A 66 -20.66 17.27 47.59
N MET A 67 -21.47 17.37 48.64
CA MET A 67 -21.57 18.57 49.44
C MET A 67 -21.04 18.37 50.86
N ALA A 68 -21.60 17.42 51.60
CA ALA A 68 -21.16 17.19 52.97
C ALA A 68 -19.83 16.46 53.03
N GLN A 69 -19.66 15.45 52.16
CA GLN A 69 -18.41 14.69 52.17
C GLN A 69 -17.22 15.59 51.91
N LEU A 70 -17.36 16.50 50.95
CA LEU A 70 -16.24 17.38 50.61
C LEU A 70 -15.81 18.22 51.81
N LEU A 71 -16.76 18.93 52.43
CA LEU A 71 -16.41 19.80 53.54
C LEU A 71 -15.88 18.99 54.72
N TYR A 72 -16.48 17.83 54.99
CA TYR A 72 -15.98 16.98 56.06
C TYR A 72 -14.54 16.57 55.81
N SER A 73 -14.22 16.18 54.59
CA SER A 73 -12.85 15.80 54.26
C SER A 73 -11.89 16.97 54.40
N LEU A 74 -12.30 18.15 53.93
CA LEU A 74 -11.45 19.32 54.05
C LEU A 74 -11.15 19.61 55.52
N ALA A 75 -12.18 19.59 56.36
CA ALA A 75 -11.97 19.87 57.78
C ALA A 75 -11.06 18.82 58.42
N LYS A 76 -11.27 17.55 58.10
CA LYS A 76 -10.46 16.50 58.71
C LYS A 76 -9.01 16.59 58.27
N ALA A 77 -8.78 16.86 56.99
CA ALA A 77 -7.40 16.87 56.47
C ALA A 77 -6.62 18.03 57.03
N ASN A 78 -7.06 19.26 56.76
CA ASN A 78 -6.37 20.45 57.22
C ASN A 78 -6.73 20.72 58.68
N THR A 79 -6.37 21.90 59.17
CA THR A 79 -6.66 22.31 60.54
C THR A 79 -7.60 23.51 60.53
N ALA A 80 -8.05 23.89 61.73
CA ALA A 80 -9.01 24.97 61.85
C ALA A 80 -8.42 26.30 61.39
N ASP A 81 -7.13 26.52 61.65
CA ASP A 81 -6.52 27.80 61.33
C ASP A 81 -6.57 28.07 59.82
N THR A 82 -6.37 27.05 59.01
CA THR A 82 -6.36 27.24 57.57
C THR A 82 -7.69 27.82 57.08
N LYS A 83 -7.59 28.82 56.21
CA LYS A 83 -8.76 29.47 55.63
C LYS A 83 -8.81 29.35 54.12
N GLU A 84 -7.68 29.54 53.43
CA GLU A 84 -7.62 29.49 51.97
C GLU A 84 -6.79 28.30 51.53
N ILE A 85 -7.28 27.58 50.52
CA ILE A 85 -6.59 26.41 50.01
C ILE A 85 -6.77 26.32 48.51
N ASN A 86 -6.12 25.33 47.88
CA ASN A 86 -6.29 25.01 46.47
C ASN A 86 -6.79 23.58 46.38
N LEU A 87 -7.98 23.41 45.80
CA LEU A 87 -8.60 22.11 45.70
C LEU A 87 -8.29 21.48 44.36
N THR A 88 -7.93 20.20 44.39
CA THR A 88 -7.65 19.43 43.19
C THR A 88 -8.50 18.16 43.24
N LEU A 89 -9.63 18.18 42.53
CA LEU A 89 -10.56 17.07 42.52
C LEU A 89 -10.24 16.10 41.38
N LEU A 90 -10.78 14.90 41.50
CA LEU A 90 -10.58 13.83 40.53
C LEU A 90 -11.94 13.40 40.01
N LEU A 91 -12.19 13.65 38.73
CA LEU A 91 -13.40 13.20 38.08
C LEU A 91 -13.10 12.05 37.13
N PRO A 92 -14.10 11.26 36.77
CA PRO A 92 -13.86 10.19 35.81
C PRO A 92 -13.46 10.77 34.46
N ILE A 93 -12.74 9.96 33.70
CA ILE A 93 -12.03 10.42 32.51
C ILE A 93 -12.99 10.72 31.37
N ILE A 94 -14.29 10.56 31.62
CA ILE A 94 -15.31 10.81 30.59
C ILE A 94 -16.24 11.98 30.91
N GLN A 95 -16.36 12.38 32.17
CA GLN A 95 -17.30 13.44 32.58
C GLN A 95 -16.62 14.78 32.76
N MET A 96 -15.66 15.11 31.90
CA MET A 96 -14.89 16.34 32.08
C MET A 96 -15.76 17.58 32.01
N LYS A 97 -16.65 17.64 31.02
CA LYS A 97 -17.40 18.87 30.79
C LYS A 97 -18.17 19.28 32.04
N ASN A 98 -18.54 18.31 32.87
CA ASN A 98 -19.25 18.62 34.11
C ASN A 98 -18.41 19.50 35.03
N LYS A 99 -17.09 19.57 34.82
CA LYS A 99 -16.28 20.48 35.61
C LYS A 99 -16.78 21.92 35.48
N THR A 100 -17.35 22.26 34.33
CA THR A 100 -17.94 23.59 34.17
C THR A 100 -19.04 23.81 35.20
N ARG A 101 -19.89 22.80 35.40
CA ARG A 101 -20.91 22.87 36.43
C ARG A 101 -20.32 22.83 37.83
N LEU A 102 -19.09 22.36 37.98
CA LEU A 102 -18.45 22.30 39.29
C LEU A 102 -17.87 23.66 39.68
N ILE A 103 -16.98 24.18 38.84
CA ILE A 103 -16.24 25.40 39.19
C ILE A 103 -17.20 26.52 39.54
N GLU A 104 -18.26 26.68 38.74
CA GLU A 104 -19.19 27.77 38.96
C GLU A 104 -19.74 27.79 40.39
N THR A 105 -19.92 26.61 40.98
CA THR A 105 -20.51 26.51 42.31
C THR A 105 -19.47 26.52 43.43
N LEU A 106 -18.18 26.45 43.10
CA LEU A 106 -17.15 26.34 44.13
C LEU A 106 -16.12 27.45 44.09
N LYS A 107 -15.65 27.83 42.91
CA LYS A 107 -14.55 28.77 42.81
C LYS A 107 -14.90 30.10 43.48
N GLY A 108 -13.98 30.60 44.30
CA GLY A 108 -14.21 31.85 44.98
C GLY A 108 -15.43 31.85 45.87
N GLU A 109 -15.65 30.76 46.60
CA GLU A 109 -16.80 30.62 47.49
C GLU A 109 -16.32 30.28 48.89
N ASN A 110 -16.96 30.89 49.88
CA ASN A 110 -16.65 30.64 51.28
C ASN A 110 -17.74 29.74 51.88
N PHE A 111 -17.32 28.63 52.46
CA PHE A 111 -18.22 27.65 53.05
C PHE A 111 -18.03 27.64 54.56
N LYS A 112 -19.13 27.79 55.29
CA LYS A 112 -19.15 27.68 56.74
C LYS A 112 -19.92 26.44 57.15
N PHE A 113 -19.39 25.70 58.11
CA PHE A 113 -20.06 24.48 58.53
C PHE A 113 -19.67 24.18 59.98
N LYS A 114 -20.29 23.13 60.52
CA LYS A 114 -20.20 22.81 61.93
C LYS A 114 -19.09 21.80 62.23
N PHE A 115 -19.10 20.65 61.55
CA PHE A 115 -18.10 19.61 61.77
C PHE A 115 -18.11 19.16 63.24
N ASN A 116 -19.23 18.56 63.62
CA ASN A 116 -19.44 18.03 64.96
C ASN A 116 -19.57 19.13 66.01
N GLY A 117 -20.12 20.28 65.61
CA GLY A 117 -20.45 21.34 66.53
C GLY A 117 -19.43 22.45 66.64
N ILE A 118 -18.18 22.20 66.22
CA ILE A 118 -17.13 23.21 66.30
C ILE A 118 -17.19 24.00 64.99
N ASP A 119 -18.00 25.05 65.00
CA ASP A 119 -18.23 25.83 63.79
C ASP A 119 -16.94 26.40 63.25
N ARG A 120 -16.80 26.40 61.92
CA ARG A 120 -15.63 26.94 61.27
C ARG A 120 -16.00 27.33 59.84
N GLU A 121 -15.04 27.98 59.18
CA GLU A 121 -15.20 28.48 57.82
C GLU A 121 -13.99 28.05 57.00
N ILE A 122 -14.14 28.15 55.67
CA ILE A 122 -13.04 27.83 54.78
C ILE A 122 -13.34 28.41 53.41
N LYS A 123 -12.29 28.87 52.73
CA LYS A 123 -12.40 29.36 51.36
C LYS A 123 -11.36 28.65 50.50
N ILE A 124 -11.62 28.63 49.19
CA ILE A 124 -10.73 28.00 48.23
C ILE A 124 -10.32 29.05 47.20
N ASN A 125 -9.00 29.21 47.02
CA ASN A 125 -8.50 30.18 46.05
C ASN A 125 -8.95 29.84 44.65
N ASP A 126 -8.52 28.68 44.15
CA ASP A 126 -8.90 28.23 42.82
C ASP A 126 -9.13 26.72 42.85
N LEU A 127 -9.97 26.25 41.93
CA LEU A 127 -10.30 24.85 41.79
C LEU A 127 -9.61 24.26 40.58
N MET A 128 -9.22 22.99 40.69
CA MET A 128 -8.60 22.27 39.59
C MET A 128 -9.16 20.85 39.55
N VAL A 129 -9.15 20.26 38.36
CA VAL A 129 -9.77 18.95 38.14
C VAL A 129 -8.82 18.10 37.31
N LEU A 130 -8.78 16.80 37.62
CA LEU A 130 -7.97 15.86 36.87
C LEU A 130 -8.77 14.60 36.60
N PRO A 131 -8.50 13.90 35.49
CA PRO A 131 -9.16 12.61 35.25
C PRO A 131 -8.72 11.57 36.28
N GLU A 132 -9.61 10.63 36.53
CA GLU A 132 -9.27 9.48 37.35
C GLU A 132 -8.33 8.56 36.56
N GLY A 133 -7.47 7.86 37.30
CA GLY A 133 -6.54 6.94 36.66
C GLY A 133 -5.34 7.64 36.06
N TYR A 134 -5.58 8.57 35.14
CA TYR A 134 -4.49 9.39 34.63
C TYR A 134 -3.65 9.96 35.76
N ALA A 135 -4.31 10.43 36.82
CA ALA A 135 -3.58 11.00 37.95
C ALA A 135 -2.56 10.01 38.49
N SER A 136 -2.97 8.76 38.69
CA SER A 136 -2.11 7.78 39.34
C SER A 136 -0.80 7.59 38.61
N TYR A 137 -0.77 7.89 37.30
CA TYR A 137 0.46 7.75 36.54
C TYR A 137 1.62 8.51 37.17
N TYR A 138 1.33 9.69 37.72
CA TYR A 138 2.38 10.47 38.37
C TYR A 138 2.91 9.78 39.60
N SER A 139 2.04 9.14 40.39
CA SER A 139 2.48 8.37 41.54
C SER A 139 3.27 7.14 41.14
N LEU A 140 3.20 6.75 39.87
CA LEU A 140 3.85 5.53 39.42
C LEU A 140 5.37 5.66 39.50
N ASP A 141 6.03 4.51 39.58
CA ASP A 141 7.49 4.51 39.65
C ASP A 141 8.08 4.85 38.29
N ILE A 142 9.32 5.35 38.31
CA ILE A 142 9.96 5.81 37.08
C ILE A 142 10.16 4.65 36.12
N GLU A 143 10.45 3.46 36.65
CA GLU A 143 10.76 2.32 35.78
C GLU A 143 9.62 1.99 34.84
N ASN A 144 8.39 2.40 35.16
CA ASN A 144 7.24 2.10 34.32
C ASN A 144 6.80 3.29 33.47
N LYS A 145 7.23 4.51 33.81
CA LYS A 145 6.78 5.68 33.07
C LYS A 145 7.30 5.67 31.63
N LYS A 146 8.56 5.28 31.43
CA LYS A 146 9.14 5.37 30.11
C LYS A 146 8.39 4.50 29.11
N GLY A 147 8.04 3.28 29.49
CA GLY A 147 7.37 2.38 28.58
C GLY A 147 5.93 2.77 28.32
N ASP A 148 5.39 2.24 27.23
CA ASP A 148 3.98 2.43 26.88
C ASP A 148 3.14 1.59 27.84
N VAL A 149 2.36 2.24 28.69
CA VAL A 149 1.64 1.57 29.76
C VAL A 149 0.16 1.84 29.60
N CYS A 150 -0.63 1.16 30.44
CA CYS A 150 -2.07 1.31 30.49
C CYS A 150 -2.49 1.41 31.95
N ILE A 151 -2.95 2.58 32.36
CA ILE A 151 -3.49 2.76 33.70
C ILE A 151 -4.92 2.25 33.70
N LEU A 152 -5.21 1.30 34.59
CA LEU A 152 -6.50 0.62 34.68
C LEU A 152 -6.99 0.75 36.11
N ASP A 153 -7.92 1.68 36.34
CA ASP A 153 -8.50 1.87 37.66
C ASP A 153 -9.79 1.06 37.74
N LEU A 154 -9.86 0.16 38.72
CA LEU A 154 -11.02 -0.71 38.92
C LEU A 154 -11.81 -0.14 40.09
N GLY A 155 -12.68 0.82 39.78
CA GLY A 155 -13.49 1.46 40.80
C GLY A 155 -14.65 0.59 41.25
N SER A 156 -15.35 1.08 42.27
CA SER A 156 -16.49 0.35 42.80
C SER A 156 -17.59 0.21 41.75
N ARG A 157 -17.76 1.23 40.91
CA ARG A 157 -18.75 1.19 39.84
C ARG A 157 -18.20 1.56 38.46
N THR A 158 -17.01 2.16 38.38
CA THR A 158 -16.47 2.64 37.12
C THR A 158 -15.08 2.05 36.89
N ILE A 159 -14.86 1.55 35.68
CA ILE A 159 -13.54 1.13 35.23
C ILE A 159 -13.00 2.25 34.35
N ASN A 160 -11.82 2.74 34.68
CA ASN A 160 -11.20 3.84 33.94
C ASN A 160 -9.95 3.33 33.24
N ILE A 161 -9.88 3.55 31.93
CA ILE A 161 -8.77 3.11 31.11
C ILE A 161 -8.10 4.34 30.52
N CYS A 162 -6.79 4.46 30.75
CA CYS A 162 -6.00 5.54 30.16
C CYS A 162 -4.69 4.95 29.66
N VAL A 163 -4.54 4.89 28.34
CA VAL A 163 -3.35 4.32 27.72
C VAL A 163 -2.34 5.44 27.50
N LEU A 164 -1.14 5.26 28.03
CA LEU A 164 -0.09 6.27 27.97
C LEU A 164 1.05 5.77 27.08
N GLU A 165 1.36 6.56 26.05
CA GLU A 165 2.59 6.37 25.29
C GLU A 165 3.72 7.01 26.08
N ASN A 166 4.86 7.27 25.45
CA ASN A 166 6.01 7.76 26.18
C ASN A 166 5.75 9.18 26.68
N ALA A 167 5.10 9.26 27.84
CA ALA A 167 4.72 10.52 28.48
C ALA A 167 3.55 11.19 27.78
N LYS A 168 2.79 10.46 26.97
CA LYS A 168 1.63 11.00 26.28
C LYS A 168 0.52 9.98 26.29
N ILE A 169 -0.71 10.47 26.21
CA ILE A 169 -1.90 9.62 26.23
C ILE A 169 -2.35 9.36 24.80
N VAL A 170 -2.93 8.19 24.58
CA VAL A 170 -3.46 7.80 23.27
C VAL A 170 -4.93 7.45 23.35
N LYS A 171 -5.32 6.65 24.34
CA LYS A 171 -6.70 6.19 24.49
C LYS A 171 -7.21 6.52 25.88
N THR A 172 -8.49 6.88 25.96
CA THR A 172 -9.12 7.25 27.22
C THR A 172 -10.57 6.80 27.18
N ASN A 173 -11.01 6.04 28.17
CA ASN A 173 -12.39 5.60 28.16
C ASN A 173 -12.82 5.12 29.54
N THR A 174 -14.13 4.92 29.68
CA THR A 174 -14.76 4.49 30.92
C THR A 174 -15.76 3.38 30.62
N ILE A 175 -15.92 2.50 31.61
CA ILE A 175 -16.87 1.39 31.55
C ILE A 175 -17.68 1.39 32.84
N LYS A 176 -18.97 1.09 32.74
CA LYS A 176 -19.86 1.01 33.90
C LYS A 176 -19.72 -0.39 34.47
N LEU A 177 -18.83 -0.54 35.44
CA LEU A 177 -18.57 -1.84 36.05
C LEU A 177 -17.65 -1.64 37.24
N GLY A 178 -17.79 -2.52 38.23
CA GLY A 178 -16.96 -2.43 39.41
C GLY A 178 -17.44 -3.39 40.48
N SER A 179 -16.89 -3.23 41.68
CA SER A 179 -17.19 -4.12 42.79
C SER A 179 -18.65 -4.05 43.22
N PHE A 180 -19.33 -2.93 42.93
CA PHE A 180 -20.73 -2.82 43.30
C PHE A 180 -21.57 -3.89 42.60
N ASP A 181 -21.27 -4.15 41.32
CA ASP A 181 -21.98 -5.21 40.61
C ASP A 181 -21.69 -6.57 41.22
N PHE A 182 -20.47 -6.79 41.69
CA PHE A 182 -20.14 -8.04 42.36
C PHE A 182 -20.94 -8.19 43.64
N TYR A 183 -21.07 -7.12 44.42
CA TYR A 183 -21.86 -7.17 45.63
C TYR A 183 -23.33 -7.45 45.31
N SER A 184 -23.84 -6.82 44.25
CA SER A 184 -25.20 -7.10 43.81
C SER A 184 -25.36 -8.56 43.44
N LYS A 185 -24.37 -9.12 42.75
CA LYS A 185 -24.43 -10.53 42.38
C LYS A 185 -24.48 -11.43 43.62
N ILE A 186 -23.64 -11.14 44.61
CA ILE A 186 -23.60 -11.96 45.81
C ILE A 186 -24.94 -11.87 46.55
N LYS A 187 -25.45 -10.65 46.70
CA LYS A 187 -26.73 -10.50 47.41
C LYS A 187 -27.86 -11.15 46.63
N SER A 188 -27.77 -11.20 45.30
CA SER A 188 -28.82 -11.81 44.51
C SER A 188 -29.08 -13.24 44.96
N LEU A 189 -28.03 -13.99 45.31
CA LEU A 189 -28.20 -15.35 45.79
C LEU A 189 -28.30 -15.46 47.29
N GLU A 190 -27.76 -14.49 48.05
CA GLU A 190 -27.86 -14.57 49.49
C GLU A 190 -29.25 -14.17 49.98
N ASN A 191 -29.73 -13.00 49.55
CA ASN A 191 -31.06 -12.55 49.94
C ASN A 191 -32.14 -13.55 49.52
N ALA A 192 -31.86 -14.35 48.49
CA ALA A 192 -32.89 -15.26 47.98
C ALA A 192 -33.33 -16.25 49.03
N LYS A 193 -32.38 -16.86 49.75
CA LYS A 193 -32.74 -17.94 50.66
C LYS A 193 -33.65 -17.45 51.78
N GLY A 194 -33.12 -16.67 52.71
CA GLY A 194 -33.92 -16.12 53.78
C GLY A 194 -33.48 -14.77 54.30
N GLU A 195 -32.43 -14.20 53.73
CA GLU A 195 -31.70 -13.12 54.37
C GLU A 195 -32.16 -11.77 53.84
N ASP A 196 -31.52 -10.71 54.33
CA ASP A 196 -31.91 -9.33 54.05
C ASP A 196 -30.70 -8.46 53.78
N TYR A 197 -29.64 -9.05 53.23
CA TYR A 197 -28.42 -8.28 52.98
C TYR A 197 -28.61 -7.35 51.79
N ILE A 198 -27.84 -6.27 51.79
CA ILE A 198 -27.83 -5.28 50.73
C ILE A 198 -26.37 -5.00 50.35
N GLU A 199 -26.19 -4.09 49.38
CA GLU A 199 -24.86 -3.80 48.86
C GLU A 199 -23.96 -3.08 49.85
N GLU A 200 -24.52 -2.59 50.96
CA GLU A 200 -23.74 -1.82 51.93
C GLU A 200 -23.08 -2.72 52.98
N ASP A 201 -23.86 -3.56 53.65
CA ASP A 201 -23.38 -4.39 54.76
C ASP A 201 -22.97 -5.77 54.31
N ILE A 202 -22.48 -5.92 53.07
CA ILE A 202 -22.18 -7.23 52.51
C ILE A 202 -20.67 -7.46 52.52
N GLN A 203 -19.90 -6.41 52.25
CA GLN A 203 -18.44 -6.55 52.28
C GLN A 203 -17.97 -6.90 53.69
N ARG A 204 -18.54 -6.25 54.70
CA ARG A 204 -18.18 -6.55 56.07
C ARG A 204 -18.47 -8.02 56.40
N LEU A 205 -19.53 -8.58 55.82
CA LEU A 205 -19.82 -10.00 56.04
C LEU A 205 -18.72 -10.88 55.48
N ILE A 206 -18.20 -10.55 54.30
CA ILE A 206 -17.08 -11.29 53.76
C ILE A 206 -15.86 -11.13 54.67
N ASP A 207 -15.61 -9.91 55.14
CA ASP A 207 -14.44 -9.66 55.96
C ASP A 207 -14.49 -10.44 57.27
N ASN A 208 -15.64 -10.48 57.93
CA ASN A 208 -15.76 -11.12 59.23
C ASN A 208 -15.99 -12.63 59.14
N GLY A 209 -16.28 -13.15 57.95
CA GLY A 209 -16.37 -14.58 57.76
C GLY A 209 -17.76 -15.16 57.95
N LEU A 210 -18.75 -14.57 57.30
CA LEU A 210 -20.09 -15.14 57.23
C LEU A 210 -20.47 -15.58 55.82
N ILE A 211 -20.15 -14.77 54.82
CA ILE A 211 -20.39 -15.13 53.43
C ILE A 211 -19.21 -15.96 52.95
N LYS A 212 -19.49 -17.16 52.45
CA LYS A 212 -18.46 -18.02 51.90
C LYS A 212 -18.33 -17.73 50.41
N VAL A 213 -17.40 -16.85 50.06
CA VAL A 213 -17.19 -16.45 48.68
C VAL A 213 -16.27 -17.48 48.03
N ASP A 214 -16.82 -18.27 47.12
CA ASP A 214 -16.00 -19.26 46.41
C ASP A 214 -14.96 -18.56 45.56
N SER A 215 -13.79 -19.20 45.44
CA SER A 215 -12.68 -18.58 44.74
C SER A 215 -13.03 -18.26 43.29
N LYS A 216 -13.95 -19.03 42.69
CA LYS A 216 -14.22 -18.88 41.27
C LYS A 216 -15.15 -17.71 40.95
N GLN A 217 -15.85 -17.16 41.95
CA GLN A 217 -16.62 -15.94 41.70
C GLN A 217 -15.68 -14.79 41.37
N TYR A 218 -14.56 -14.69 42.09
CA TYR A 218 -13.56 -13.68 41.75
C TYR A 218 -13.03 -13.89 40.33
N ILE A 219 -12.84 -15.14 39.93
CA ILE A 219 -12.37 -15.43 38.58
C ILE A 219 -13.40 -14.98 37.55
N GLU A 220 -14.68 -15.24 37.84
CA GLU A 220 -15.74 -14.80 36.95
C GLU A 220 -15.74 -13.28 36.80
N PHE A 221 -15.59 -12.57 37.92
CA PHE A 221 -15.54 -11.12 37.87
C PHE A 221 -14.32 -10.65 37.08
N LEU A 222 -13.18 -11.32 37.27
CA LEU A 222 -11.98 -10.97 36.52
C LEU A 222 -12.21 -11.14 35.03
N SER A 223 -12.81 -12.25 34.62
CA SER A 223 -13.10 -12.46 33.21
C SER A 223 -14.06 -11.41 32.68
N ASP A 224 -15.07 -11.05 33.49
CA ASP A 224 -16.04 -10.05 33.05
C ASP A 224 -15.37 -8.71 32.81
N ILE A 225 -14.53 -8.26 33.74
CA ILE A 225 -13.86 -6.98 33.56
C ILE A 225 -12.88 -7.05 32.40
N LEU A 226 -12.13 -8.16 32.29
CA LEU A 226 -11.20 -8.32 31.18
C LEU A 226 -11.91 -8.53 29.86
N ASN A 227 -13.19 -8.93 29.90
CA ASN A 227 -14.01 -8.94 28.70
C ASN A 227 -14.47 -7.53 28.31
N ALA A 228 -14.32 -6.55 29.21
CA ALA A 228 -14.72 -5.17 28.96
C ALA A 228 -13.55 -4.29 28.56
N VAL A 229 -12.41 -4.89 28.24
CA VAL A 229 -11.22 -4.13 27.84
C VAL A 229 -10.66 -4.56 26.50
N LYS A 230 -11.05 -5.71 25.97
CA LYS A 230 -10.50 -6.15 24.68
C LYS A 230 -10.81 -5.19 23.56
N PRO A 231 -12.02 -4.64 23.42
CA PRO A 231 -12.28 -3.72 22.31
C PRO A 231 -11.38 -2.49 22.33
N TYR A 232 -10.90 -2.09 23.51
CA TYR A 232 -10.13 -0.87 23.66
C TYR A 232 -8.65 -1.12 23.87
N VAL A 233 -8.28 -2.25 24.48
CA VAL A 233 -6.89 -2.52 24.82
C VAL A 233 -6.63 -4.01 24.75
N ASN A 234 -5.42 -4.38 24.35
CA ASN A 234 -4.93 -5.75 24.44
C ASN A 234 -3.99 -5.82 25.63
N LEU A 235 -4.46 -6.43 26.72
CA LEU A 235 -3.75 -6.37 27.98
C LEU A 235 -2.38 -7.04 27.91
N LYS A 236 -2.18 -7.95 26.96
CA LYS A 236 -0.84 -8.52 26.78
C LYS A 236 0.15 -7.43 26.41
N THR A 237 -0.25 -6.52 25.52
CA THR A 237 0.50 -5.31 25.26
C THR A 237 0.18 -4.26 26.33
N TYR A 238 0.88 -3.13 26.28
CA TYR A 238 0.56 -1.98 27.13
C TYR A 238 0.64 -2.36 28.61
N ASN A 239 1.87 -2.61 29.06
CA ASN A 239 2.13 -2.98 30.45
C ASN A 239 1.17 -2.26 31.37
N THR A 240 0.49 -3.02 32.24
CA THR A 240 -0.71 -2.53 32.90
C THR A 240 -0.42 -2.17 34.35
N ILE A 241 -1.00 -1.05 34.78
CA ILE A 241 -0.93 -0.62 36.17
C ILE A 241 -2.35 -0.68 36.71
N PHE A 242 -2.63 -1.71 37.51
CA PHE A 242 -3.92 -1.84 38.17
C PHE A 242 -3.96 -0.91 39.37
N THR A 243 -5.06 -0.17 39.50
CA THR A 243 -5.25 0.75 40.61
C THR A 243 -6.68 0.64 41.12
N GLY A 244 -6.89 1.14 42.33
CA GLY A 244 -8.19 1.09 42.96
C GLY A 244 -8.27 -0.01 43.99
N GLY A 245 -9.27 0.12 44.88
CA GLY A 245 -9.43 -0.86 45.93
C GLY A 245 -9.74 -2.26 45.40
N THR A 246 -10.49 -2.33 44.31
CA THR A 246 -10.80 -3.63 43.72
C THR A 246 -9.53 -4.37 43.33
N SER A 247 -8.49 -3.64 42.93
CA SER A 247 -7.22 -4.29 42.61
C SER A 247 -6.64 -4.98 43.84
N LEU A 248 -6.66 -4.31 44.99
CA LEU A 248 -6.21 -4.96 46.22
C LEU A 248 -7.11 -6.13 46.55
N MET A 249 -8.41 -5.99 46.29
CA MET A 249 -9.36 -7.05 46.58
C MET A 249 -9.08 -8.31 45.78
N LEU A 250 -8.62 -8.15 44.53
CA LEU A 250 -8.42 -9.27 43.63
C LEU A 250 -6.95 -9.58 43.32
N LYS A 251 -6.01 -8.97 44.04
CA LYS A 251 -4.61 -9.01 43.64
C LYS A 251 -4.06 -10.43 43.54
N GLU A 252 -4.33 -11.27 44.53
CA GLU A 252 -3.73 -12.61 44.50
C GLU A 252 -4.23 -13.45 43.34
N TYR A 253 -5.37 -13.08 42.77
CA TYR A 253 -5.95 -13.73 41.60
C TYR A 253 -5.53 -13.06 40.31
N ILE A 254 -5.26 -11.75 40.36
CA ILE A 254 -4.72 -11.03 39.21
C ILE A 254 -3.30 -11.50 38.92
N GLU A 255 -2.53 -11.79 39.98
CA GLU A 255 -1.13 -12.16 39.81
C GLU A 255 -0.94 -13.45 39.04
N LYS A 256 -1.98 -14.26 38.88
CA LYS A 256 -1.90 -15.54 38.19
C LYS A 256 -2.54 -15.46 36.80
N LEU A 257 -2.42 -14.32 36.15
CA LEU A 257 -3.00 -14.15 34.83
C LEU A 257 -2.00 -14.49 33.73
N PRO A 258 -2.47 -14.81 32.52
CA PRO A 258 -1.58 -15.09 31.39
C PRO A 258 -1.11 -13.82 30.68
N LEU A 259 -0.65 -12.85 31.45
CA LEU A 259 -0.20 -11.57 30.94
C LEU A 259 1.32 -11.48 31.06
N ASN A 260 1.97 -11.11 29.95
CA ASN A 260 3.43 -11.09 29.92
C ASN A 260 4.00 -10.07 30.90
N LYS A 261 3.42 -8.88 30.93
CA LYS A 261 3.96 -7.77 31.72
C LYS A 261 2.81 -7.00 32.37
N PHE A 262 2.87 -6.86 33.68
CA PHE A 262 1.83 -6.16 34.43
C PHE A 262 2.31 -6.00 35.87
N LYS A 263 1.45 -5.41 36.70
CA LYS A 263 1.71 -5.26 38.12
C LYS A 263 0.47 -4.65 38.77
N VAL A 264 0.39 -4.77 40.09
CA VAL A 264 -0.64 -4.12 40.88
C VAL A 264 0.00 -2.97 41.64
N HIS A 265 -0.57 -1.79 41.47
CA HIS A 265 0.06 -0.60 42.03
C HIS A 265 0.10 -0.69 43.56
N PRO A 266 1.22 -0.34 44.19
CA PRO A 266 1.23 -0.26 45.65
C PRO A 266 0.37 0.90 46.13
N ASN A 267 -0.16 0.74 47.35
CA ASN A 267 -1.07 1.71 47.94
C ASN A 267 -2.07 2.21 46.89
N ALA A 268 -2.63 1.28 46.12
CA ALA A 268 -3.51 1.67 45.02
C ALA A 268 -4.64 2.57 45.50
N LEU A 269 -5.13 2.35 46.73
CA LEU A 269 -6.22 3.14 47.25
C LEU A 269 -5.96 4.63 47.07
N THR A 270 -4.77 5.07 47.48
CA THR A 270 -4.39 6.47 47.37
C THR A 270 -3.61 6.80 46.11
N SER A 271 -3.34 5.80 45.26
CA SER A 271 -2.56 6.05 44.06
C SER A 271 -3.18 7.16 43.23
N ASN A 272 -4.40 6.93 42.74
CA ASN A 272 -5.10 7.97 41.98
C ASN A 272 -5.02 9.31 42.68
N VAL A 273 -5.03 9.29 44.01
CA VAL A 273 -4.89 10.54 44.76
C VAL A 273 -3.47 11.06 44.65
N ASP A 274 -2.51 10.29 45.15
CA ASP A 274 -1.13 10.78 45.25
C ASP A 274 -0.66 11.32 43.90
N GLY A 275 -0.91 10.56 42.84
CA GLY A 275 -0.55 11.01 41.51
C GLY A 275 -1.04 12.41 41.25
N ALA A 276 -2.36 12.60 41.28
CA ALA A 276 -2.92 13.94 41.06
C ALA A 276 -2.31 14.92 42.04
N MET A 277 -2.10 14.47 43.28
CA MET A 277 -1.53 15.33 44.30
C MET A 277 -0.14 15.81 43.87
N GLU A 278 0.69 14.90 43.35
CA GLU A 278 1.96 15.32 42.79
C GLU A 278 1.75 16.40 41.73
N ALA A 279 0.77 16.19 40.85
CA ALA A 279 0.51 17.16 39.79
C ALA A 279 0.29 18.54 40.36
N SER A 280 -0.39 18.63 41.51
CA SER A 280 -0.64 19.94 42.10
C SER A 280 0.66 20.65 42.40
N LYS A 281 1.63 19.93 42.98
CA LYS A 281 2.93 20.53 43.26
C LYS A 281 3.54 21.09 41.99
N LYS A 282 3.29 20.45 40.85
CA LYS A 282 3.86 20.93 39.60
C LYS A 282 3.23 22.24 39.16
N VAL A 283 1.92 22.41 39.41
CA VAL A 283 1.21 23.55 38.84
C VAL A 283 1.39 24.79 39.70
N TRP A 284 0.90 24.75 40.94
CA TRP A 284 0.95 25.92 41.80
C TRP A 284 2.36 26.15 42.36
N ASN A 285 3.07 25.08 42.65
CA ASN A 285 4.43 25.19 43.19
C ASN A 285 5.47 24.85 42.13
N MET B 1 -27.05 -37.29 8.94
CA MET B 1 -28.22 -37.19 8.02
C MET B 1 -28.68 -35.75 7.92
N LYS B 2 -29.33 -35.26 8.98
CA LYS B 2 -29.72 -33.86 9.03
C LYS B 2 -28.52 -32.97 8.85
N ILE B 3 -28.78 -31.71 8.53
CA ILE B 3 -27.74 -30.69 8.40
C ILE B 3 -28.16 -29.46 9.18
N THR B 4 -27.22 -28.89 9.93
CA THR B 4 -27.47 -27.70 10.72
C THR B 4 -26.32 -26.72 10.54
N VAL B 5 -26.67 -25.45 10.31
CA VAL B 5 -25.69 -24.39 10.12
C VAL B 5 -25.90 -23.34 11.21
N VAL B 6 -24.80 -22.90 11.81
CA VAL B 6 -24.84 -21.98 12.94
C VAL B 6 -23.78 -20.90 12.72
N ASP B 7 -24.20 -19.64 12.68
CA ASP B 7 -23.30 -18.49 12.70
C ASP B 7 -23.40 -17.91 14.11
N LEU B 8 -22.38 -18.16 14.92
CA LEU B 8 -22.38 -17.65 16.29
C LEU B 8 -22.35 -16.13 16.32
N GLY B 9 -21.51 -15.52 15.49
CA GLY B 9 -21.40 -14.08 15.50
C GLY B 9 -20.79 -13.58 16.80
N ASN B 10 -20.99 -12.30 17.05
CA ASN B 10 -20.55 -11.68 18.30
C ASN B 10 -21.67 -10.98 19.05
N ILE B 11 -22.75 -10.58 18.38
CA ILE B 11 -23.88 -9.94 19.03
C ILE B 11 -25.15 -10.71 18.72
N ASN B 12 -25.18 -11.40 17.58
CA ASN B 12 -26.34 -12.17 17.16
C ASN B 12 -25.91 -13.56 16.74
N VAL B 13 -26.77 -14.53 17.00
CA VAL B 13 -26.59 -15.92 16.58
C VAL B 13 -27.68 -16.24 15.57
N LYS B 14 -27.30 -16.91 14.49
CA LYS B 14 -28.22 -17.24 13.40
C LYS B 14 -28.10 -18.71 13.07
N TYR B 15 -29.20 -19.44 13.25
CA TYR B 15 -29.22 -20.88 13.04
C TYR B 15 -30.19 -21.23 11.92
N VAL B 16 -29.85 -22.28 11.16
CA VAL B 16 -30.76 -22.80 10.15
C VAL B 16 -30.60 -24.32 10.11
N GLY B 17 -31.71 -25.03 10.32
CA GLY B 17 -31.76 -26.47 10.19
C GLY B 17 -33.11 -26.87 9.64
N GLU B 18 -33.77 -27.82 10.30
CA GLU B 18 -35.17 -28.10 9.97
C GLU B 18 -36.02 -26.86 10.14
N ASN B 19 -35.70 -26.02 11.12
CA ASN B 19 -36.36 -24.73 11.33
C ASN B 19 -35.29 -23.66 11.50
N LYS B 20 -35.47 -22.55 10.80
CA LYS B 20 -34.50 -21.46 10.82
C LYS B 20 -34.87 -20.43 11.89
N GLY B 21 -33.92 -19.56 12.19
CA GLY B 21 -34.19 -18.49 13.13
C GLY B 21 -32.90 -17.84 13.60
N ARG B 22 -33.06 -16.92 14.55
CA ARG B 22 -31.95 -16.16 15.09
C ARG B 22 -32.31 -15.65 16.47
N PHE B 23 -31.29 -15.24 17.21
CA PHE B 23 -31.48 -14.65 18.53
C PHE B 23 -30.24 -13.86 18.88
N SER B 24 -30.20 -13.33 20.11
CA SER B 24 -29.10 -12.50 20.55
C SER B 24 -27.99 -13.35 21.16
N SER B 25 -26.76 -12.87 21.01
CA SER B 25 -25.58 -13.59 21.48
C SER B 25 -25.31 -13.39 22.96
N LYS B 26 -26.10 -12.57 23.64
CA LYS B 26 -25.87 -12.32 25.06
C LYS B 26 -25.93 -13.63 25.84
N ILE B 27 -24.95 -13.83 26.71
CA ILE B 27 -24.86 -15.02 27.55
C ILE B 27 -24.42 -14.60 28.94
N THR B 28 -25.03 -15.20 29.96
CA THR B 28 -24.69 -14.90 31.35
C THR B 28 -24.78 -16.16 32.18
N ASN B 29 -23.76 -16.39 32.99
CA ASN B 29 -23.77 -17.44 34.00
C ASN B 29 -24.26 -16.94 35.36
N ASP B 30 -24.69 -15.69 35.42
CA ASP B 30 -25.11 -15.09 36.69
C ASP B 30 -26.29 -15.86 37.27
N TYR B 31 -26.31 -15.98 38.59
CA TYR B 31 -27.42 -16.63 39.28
C TYR B 31 -28.71 -15.87 39.01
N GLN B 32 -29.81 -16.61 38.87
CA GLN B 32 -31.09 -16.05 38.52
C GLN B 32 -32.18 -16.64 39.41
N SER B 33 -33.14 -15.79 39.78
CA SER B 33 -34.21 -16.20 40.67
C SER B 33 -35.33 -16.91 39.92
N TYR B 34 -35.97 -16.22 38.97
CA TYR B 34 -37.12 -16.76 38.24
C TYR B 34 -36.63 -17.43 36.98
N GLU B 35 -36.10 -18.64 37.14
CA GLU B 35 -35.54 -19.38 36.01
C GLU B 35 -36.62 -19.67 34.97
N GLU B 36 -37.83 -20.00 35.41
CA GLU B 36 -38.93 -20.24 34.48
C GLU B 36 -39.40 -18.91 33.91
N GLY B 37 -39.21 -18.73 32.61
CA GLY B 37 -39.53 -17.48 31.96
C GLY B 37 -38.40 -17.01 31.07
N PHE B 38 -37.19 -17.45 31.39
CA PHE B 38 -36.00 -17.16 30.60
C PHE B 38 -35.63 -18.39 29.77
N GLN B 39 -34.85 -18.16 28.72
CA GLN B 39 -34.26 -19.23 27.94
C GLN B 39 -32.88 -19.55 28.50
N ARG B 40 -32.60 -20.83 28.69
CA ARG B 40 -31.37 -21.25 29.35
C ARG B 40 -30.96 -22.62 28.85
N VAL B 41 -29.72 -22.97 29.15
CA VAL B 41 -29.23 -24.33 28.94
C VAL B 41 -28.25 -24.65 30.06
N GLU B 42 -28.31 -25.89 30.55
CA GLU B 42 -27.39 -26.39 31.56
C GLU B 42 -26.58 -27.52 30.94
N TYR B 43 -25.25 -27.37 30.96
CA TYR B 43 -24.34 -28.36 30.42
C TYR B 43 -23.37 -28.79 31.51
N ASN B 44 -23.24 -30.10 31.70
CA ASN B 44 -22.37 -30.70 32.71
C ASN B 44 -22.38 -29.93 34.03
N GLY B 45 -23.55 -29.45 34.45
CA GLY B 45 -23.74 -28.86 35.75
C GLY B 45 -23.72 -27.34 35.79
N ILE B 46 -23.19 -26.69 34.76
CA ILE B 46 -23.13 -25.23 34.72
C ILE B 46 -24.28 -24.72 33.87
N LYS B 47 -24.98 -23.71 34.38
CA LYS B 47 -26.18 -23.17 33.76
C LYS B 47 -25.87 -21.81 33.15
N THR B 48 -26.47 -21.53 32.00
CA THR B 48 -26.31 -20.24 31.32
C THR B 48 -27.64 -19.79 30.77
N TYR B 49 -27.92 -18.50 30.93
CA TYR B 49 -29.14 -17.88 30.44
C TYR B 49 -28.82 -17.07 29.19
N ILE B 50 -29.63 -17.27 28.15
CA ILE B 50 -29.36 -16.72 26.83
C ILE B 50 -30.31 -15.54 26.59
N GLY B 51 -29.88 -14.62 25.74
CA GLY B 51 -30.68 -13.47 25.38
C GLY B 51 -30.61 -12.32 26.36
N VAL B 52 -29.69 -12.36 27.33
CA VAL B 52 -29.59 -11.32 28.34
C VAL B 52 -28.23 -11.41 29.00
N GLY B 53 -27.79 -10.31 29.58
CA GLY B 53 -26.57 -10.30 30.38
C GLY B 53 -25.40 -9.71 29.60
N GLU B 54 -24.26 -10.40 29.65
CA GLU B 54 -23.04 -9.92 29.02
C GLU B 54 -23.12 -10.18 27.51
N LEU B 55 -22.00 -9.99 26.81
CA LEU B 55 -22.00 -10.03 25.35
C LEU B 55 -20.88 -10.87 24.75
N SER B 56 -19.85 -11.26 25.52
CA SER B 56 -18.79 -12.15 25.04
C SER B 56 -18.08 -11.56 23.82
N ARG B 57 -17.39 -10.45 24.08
CA ARG B 57 -16.68 -9.72 23.04
C ARG B 57 -15.36 -10.36 22.62
N GLU B 58 -14.95 -11.44 23.28
CA GLU B 58 -13.63 -12.01 23.01
C GLU B 58 -13.46 -12.31 21.54
N PHE B 59 -12.34 -11.85 20.99
CA PHE B 59 -11.97 -12.17 19.61
C PHE B 59 -11.61 -13.65 19.53
N ASN B 60 -11.23 -14.09 18.32
CA ASN B 60 -10.88 -15.49 18.06
C ASN B 60 -11.94 -16.41 18.66
N LYS B 61 -13.15 -16.29 18.12
CA LYS B 61 -14.32 -16.92 18.72
C LYS B 61 -14.26 -18.43 18.74
N ALA B 62 -13.15 -19.03 18.31
CA ALA B 62 -12.97 -20.47 18.47
C ALA B 62 -13.00 -20.91 19.93
N ASP B 63 -12.79 -19.98 20.87
CA ASP B 63 -12.72 -20.33 22.28
C ASP B 63 -13.51 -19.38 23.19
N ARG B 64 -14.41 -18.58 22.63
CA ARG B 64 -15.17 -17.62 23.45
C ARG B 64 -16.43 -18.25 24.03
N ASP B 65 -16.27 -19.40 24.68
CA ASP B 65 -17.39 -20.13 25.26
C ASP B 65 -18.50 -20.32 24.23
N TYR B 66 -18.13 -20.94 23.12
CA TYR B 66 -19.08 -21.28 22.07
C TYR B 66 -19.82 -22.55 22.46
N MET B 67 -20.35 -22.58 23.68
CA MET B 67 -20.80 -23.82 24.30
C MET B 67 -22.31 -23.86 24.49
N ALA B 68 -22.87 -22.88 25.21
CA ALA B 68 -24.30 -22.87 25.46
C ALA B 68 -25.08 -22.41 24.23
N GLN B 69 -24.59 -21.38 23.54
CA GLN B 69 -25.29 -20.88 22.37
C GLN B 69 -25.45 -21.96 21.32
N LEU B 70 -24.39 -22.75 21.09
CA LEU B 70 -24.44 -23.79 20.08
C LEU B 70 -25.55 -24.79 20.38
N LEU B 71 -25.53 -25.36 21.59
CA LEU B 71 -26.51 -26.38 21.93
C LEU B 71 -27.92 -25.81 21.92
N TYR B 72 -28.08 -24.59 22.42
CA TYR B 72 -29.40 -23.96 22.40
C TYR B 72 -29.91 -23.81 20.98
N SER B 73 -29.05 -23.37 20.05
CA SER B 73 -29.46 -23.23 18.66
C SER B 73 -29.80 -24.58 18.04
N LEU B 74 -29.00 -25.61 18.34
CA LEU B 74 -29.30 -26.93 17.80
C LEU B 74 -30.67 -27.41 18.27
N ALA B 75 -30.94 -27.26 19.57
CA ALA B 75 -32.23 -27.71 20.10
C ALA B 75 -33.37 -26.93 19.47
N LYS B 76 -33.22 -25.61 19.35
CA LYS B 76 -34.31 -24.81 18.80
C LYS B 76 -34.56 -25.13 17.34
N ALA B 77 -33.51 -25.32 16.55
CA ALA B 77 -33.67 -25.53 15.12
C ALA B 77 -34.32 -26.89 14.85
N ASN B 78 -33.67 -27.97 15.26
CA ASN B 78 -34.18 -29.31 15.03
C ASN B 78 -35.24 -29.64 16.08
N THR B 79 -35.63 -30.90 16.15
CA THR B 79 -36.63 -31.38 17.10
C THR B 79 -35.99 -32.37 18.06
N ALA B 80 -36.76 -32.76 19.08
CA ALA B 80 -36.23 -33.64 20.11
C ALA B 80 -35.87 -35.02 19.55
N ASP B 81 -36.65 -35.50 18.57
CA ASP B 81 -36.42 -36.84 18.05
C ASP B 81 -35.04 -36.96 17.41
N THR B 82 -34.60 -35.92 16.72
CA THR B 82 -33.31 -35.98 16.05
C THR B 82 -32.18 -36.24 17.04
N LYS B 83 -31.29 -37.15 16.68
CA LYS B 83 -30.13 -37.51 17.49
C LYS B 83 -28.81 -37.24 16.80
N GLU B 84 -28.68 -37.58 15.52
CA GLU B 84 -27.45 -37.40 14.76
C GLU B 84 -27.66 -36.36 13.68
N ILE B 85 -26.67 -35.48 13.52
CA ILE B 85 -26.75 -34.40 12.53
C ILE B 85 -25.36 -34.14 11.96
N ASN B 86 -25.28 -33.25 10.97
CA ASN B 86 -24.03 -32.78 10.41
C ASN B 86 -23.97 -31.28 10.62
N LEU B 87 -22.95 -30.83 11.36
CA LEU B 87 -22.81 -29.43 11.69
C LEU B 87 -21.88 -28.74 10.69
N THR B 88 -22.29 -27.56 10.24
CA THR B 88 -21.51 -26.75 9.31
C THR B 88 -21.39 -25.36 9.93
N LEU B 89 -20.26 -25.09 10.57
CA LEU B 89 -20.02 -23.82 11.23
C LEU B 89 -19.34 -22.83 10.29
N LEU B 90 -19.41 -21.57 10.66
CA LEU B 90 -18.83 -20.47 9.89
C LEU B 90 -17.84 -19.73 10.77
N LEU B 91 -16.57 -19.81 10.40
CA LEU B 91 -15.52 -19.08 11.09
C LEU B 91 -15.03 -17.93 10.22
N PRO B 92 -14.40 -16.94 10.83
CA PRO B 92 -13.84 -15.84 10.03
C PRO B 92 -12.75 -16.35 9.11
N ILE B 93 -12.55 -15.63 8.01
CA ILE B 93 -11.76 -16.11 6.89
C ILE B 93 -10.27 -16.10 7.22
N ILE B 94 -9.92 -15.74 8.45
CA ILE B 94 -8.52 -15.67 8.87
C ILE B 94 -8.19 -16.66 9.99
N GLN B 95 -9.16 -17.17 10.74
CA GLN B 95 -8.90 -18.04 11.88
C GLN B 95 -9.13 -19.51 11.55
N MET B 96 -8.77 -19.93 10.34
CA MET B 96 -9.06 -21.30 9.91
C MET B 96 -8.38 -22.33 10.80
N LYS B 97 -7.10 -22.13 11.11
CA LYS B 97 -6.35 -23.17 11.80
C LYS B 97 -7.01 -23.53 13.12
N ASN B 98 -7.74 -22.59 13.72
CA ASN B 98 -8.45 -22.87 14.96
C ASN B 98 -9.48 -23.98 14.79
N LYS B 99 -9.88 -24.29 13.55
CA LYS B 99 -10.79 -25.40 13.34
C LYS B 99 -10.20 -26.69 13.88
N THR B 100 -8.87 -26.81 13.88
CA THR B 100 -8.23 -27.99 14.48
C THR B 100 -8.59 -28.08 15.96
N ARG B 101 -8.56 -26.95 16.66
CA ARG B 101 -8.98 -26.92 18.06
C ARG B 101 -10.48 -27.12 18.21
N LEU B 102 -11.26 -26.91 17.15
CA LEU B 102 -12.70 -27.11 17.21
C LEU B 102 -13.07 -28.58 17.06
N ILE B 103 -12.65 -29.19 15.95
CA ILE B 103 -13.07 -30.55 15.63
C ILE B 103 -12.75 -31.49 16.78
N GLU B 104 -11.55 -31.37 17.34
CA GLU B 104 -11.12 -32.28 18.40
C GLU B 104 -12.12 -32.31 19.55
N THR B 105 -12.76 -31.19 19.84
CA THR B 105 -13.68 -31.11 20.97
C THR B 105 -15.12 -31.42 20.61
N LEU B 106 -15.44 -31.56 19.32
CA LEU B 106 -16.82 -31.75 18.91
C LEU B 106 -17.06 -33.03 18.12
N LYS B 107 -16.17 -33.39 17.21
CA LYS B 107 -16.43 -34.51 16.32
C LYS B 107 -16.63 -35.79 17.11
N GLY B 108 -17.67 -36.54 16.77
CA GLY B 108 -17.95 -37.79 17.45
C GLY B 108 -18.16 -37.63 18.94
N GLU B 109 -18.90 -36.59 19.34
CA GLU B 109 -19.16 -36.32 20.74
C GLU B 109 -20.67 -36.21 20.95
N ASN B 110 -21.15 -36.78 22.06
CA ASN B 110 -22.54 -36.72 22.44
C ASN B 110 -22.72 -35.70 23.54
N PHE B 111 -23.62 -34.74 23.32
CA PHE B 111 -23.90 -33.66 24.26
C PHE B 111 -25.30 -33.83 24.81
N LYS B 112 -25.42 -33.83 26.13
CA LYS B 112 -26.70 -33.86 26.83
C LYS B 112 -26.91 -32.54 27.53
N PHE B 113 -28.12 -32.00 27.44
CA PHE B 113 -28.41 -30.72 28.07
C PHE B 113 -29.90 -30.64 28.39
N LYS B 114 -30.27 -29.55 29.06
CA LYS B 114 -31.61 -29.37 29.61
C LYS B 114 -32.54 -28.63 28.65
N PHE B 115 -32.15 -27.45 28.20
CA PHE B 115 -32.97 -26.65 27.30
C PHE B 115 -34.32 -26.34 27.94
N ASN B 116 -34.25 -25.58 29.03
CA ASN B 116 -35.42 -25.14 29.78
C ASN B 116 -36.08 -26.28 30.54
N GLY B 117 -35.30 -27.27 30.97
CA GLY B 117 -35.76 -28.33 31.84
C GLY B 117 -36.12 -29.61 31.13
N ILE B 118 -36.37 -29.57 29.82
CA ILE B 118 -36.74 -30.77 29.07
C ILE B 118 -35.43 -31.41 28.60
N ASP B 119 -34.89 -32.28 29.44
CA ASP B 119 -33.59 -32.88 29.16
C ASP B 119 -33.61 -33.64 27.85
N ARG B 120 -32.51 -33.54 27.10
CA ARG B 120 -32.38 -34.23 25.83
C ARG B 120 -30.90 -34.42 25.52
N GLU B 121 -30.64 -35.18 24.46
CA GLU B 121 -29.29 -35.51 24.01
C GLU B 121 -29.19 -35.24 22.52
N ILE B 122 -27.96 -35.18 22.02
CA ILE B 122 -27.73 -35.00 20.59
C ILE B 122 -26.29 -35.38 20.28
N LYS B 123 -26.10 -35.97 19.10
CA LYS B 123 -24.77 -36.30 18.60
C LYS B 123 -24.62 -35.73 17.21
N ILE B 124 -23.36 -35.54 16.80
CA ILE B 124 -23.02 -35.00 15.48
C ILE B 124 -22.14 -36.01 14.76
N ASN B 125 -22.54 -36.41 13.56
CA ASN B 125 -21.77 -37.36 12.79
C ASN B 125 -20.39 -36.80 12.47
N ASP B 126 -20.34 -35.71 11.70
CA ASP B 126 -19.10 -35.07 11.33
C ASP B 126 -19.28 -33.56 11.37
N LEU B 127 -18.17 -32.86 11.59
CA LEU B 127 -18.15 -31.40 11.65
C LEU B 127 -17.50 -30.84 10.38
N MET B 128 -18.00 -29.69 9.95
CA MET B 128 -17.45 -29.00 8.79
C MET B 128 -17.41 -27.51 9.08
N VAL B 129 -16.47 -26.82 8.43
CA VAL B 129 -16.22 -25.41 8.69
C VAL B 129 -16.08 -24.68 7.37
N LEU B 130 -16.59 -23.45 7.31
CA LEU B 130 -16.46 -22.62 6.14
C LEU B 130 -16.09 -21.20 6.54
N PRO B 131 -15.36 -20.47 5.69
CA PRO B 131 -15.08 -19.06 5.98
C PRO B 131 -16.35 -18.23 5.95
N GLU B 132 -16.32 -17.16 6.74
CA GLU B 132 -17.40 -16.18 6.67
C GLU B 132 -17.30 -15.39 5.37
N GLY B 133 -18.45 -14.95 4.88
CA GLY B 133 -18.49 -14.16 3.66
C GLY B 133 -18.39 -15.02 2.41
N TYR B 134 -17.30 -15.79 2.29
CA TYR B 134 -17.22 -16.76 1.21
C TYR B 134 -18.48 -17.60 1.09
N ALA B 135 -19.02 -18.02 2.23
CA ALA B 135 -20.24 -18.82 2.22
C ALA B 135 -21.36 -18.10 1.46
N SER B 136 -21.56 -16.81 1.76
CA SER B 136 -22.69 -16.08 1.19
C SER B 136 -22.68 -16.10 -0.33
N TYR B 137 -21.50 -16.27 -0.94
CA TYR B 137 -21.42 -16.29 -2.40
C TYR B 137 -22.37 -17.32 -2.99
N TYR B 138 -22.51 -18.47 -2.33
CA TYR B 138 -23.40 -19.50 -2.84
C TYR B 138 -24.86 -19.04 -2.81
N SER B 139 -25.25 -18.33 -1.75
CA SER B 139 -26.59 -17.77 -1.68
C SER B 139 -26.82 -16.67 -2.71
N LEU B 140 -25.75 -16.15 -3.30
CA LEU B 140 -25.85 -15.04 -4.24
C LEU B 140 -26.59 -15.48 -5.50
N ASP B 141 -27.17 -14.50 -6.19
CA ASP B 141 -27.89 -14.77 -7.42
C ASP B 141 -26.90 -15.10 -8.54
N ILE B 142 -27.40 -15.83 -9.55
CA ILE B 142 -26.55 -16.29 -10.64
C ILE B 142 -25.99 -15.11 -11.41
N GLU B 143 -26.79 -14.05 -11.57
CA GLU B 143 -26.38 -12.92 -12.39
C GLU B 143 -25.09 -12.28 -11.90
N ASN B 144 -24.74 -12.47 -10.62
CA ASN B 144 -23.54 -11.88 -10.06
C ASN B 144 -22.39 -12.88 -9.93
N LYS B 145 -22.67 -14.18 -9.99
CA LYS B 145 -21.61 -15.17 -9.80
C LYS B 145 -20.60 -15.14 -10.93
N LYS B 146 -21.06 -14.97 -12.18
CA LYS B 146 -20.16 -15.05 -13.32
C LYS B 146 -19.09 -13.96 -13.24
N GLY B 147 -19.48 -12.74 -12.90
CA GLY B 147 -18.53 -11.64 -12.88
C GLY B 147 -17.59 -11.73 -11.70
N ASP B 148 -16.47 -10.99 -11.82
CA ASP B 148 -15.51 -10.88 -10.73
C ASP B 148 -16.10 -9.98 -9.66
N VAL B 149 -16.37 -10.55 -8.49
CA VAL B 149 -17.10 -9.86 -7.44
C VAL B 149 -16.24 -9.82 -6.18
N CYS B 150 -16.74 -9.08 -5.19
CA CYS B 150 -16.10 -8.96 -3.89
C CYS B 150 -17.16 -9.10 -2.81
N ILE B 151 -17.11 -10.20 -2.07
CA ILE B 151 -18.00 -10.39 -0.93
C ILE B 151 -17.44 -9.62 0.25
N LEU B 152 -18.25 -8.71 0.79
CA LEU B 152 -17.86 -7.82 1.87
C LEU B 152 -18.87 -7.97 3.00
N ASP B 153 -18.49 -8.73 4.03
CA ASP B 153 -19.35 -8.92 5.19
C ASP B 153 -18.96 -7.89 6.25
N LEU B 154 -19.95 -7.09 6.67
CA LEU B 154 -19.75 -6.05 7.66
C LEU B 154 -20.31 -6.55 8.98
N GLY B 155 -19.48 -7.29 9.71
CA GLY B 155 -19.89 -7.85 10.98
C GLY B 155 -19.91 -6.82 12.09
N SER B 156 -20.39 -7.27 13.26
CA SER B 156 -20.46 -6.37 14.41
C SER B 156 -19.07 -5.93 14.84
N ARG B 157 -18.08 -6.81 14.72
CA ARG B 157 -16.71 -6.48 15.06
C ARG B 157 -15.69 -6.82 13.97
N THR B 158 -16.05 -7.63 12.98
CA THR B 158 -15.12 -8.09 11.96
C THR B 158 -15.65 -7.75 10.58
N ILE B 159 -14.78 -7.19 9.74
CA ILE B 159 -15.05 -6.99 8.33
C ILE B 159 -14.34 -8.11 7.57
N ASN B 160 -15.09 -8.86 6.76
CA ASN B 160 -14.53 -9.99 6.02
C ASN B 160 -14.57 -9.66 4.53
N ILE B 161 -13.41 -9.76 3.88
CA ILE B 161 -13.28 -9.47 2.46
C ILE B 161 -12.87 -10.75 1.75
N CYS B 162 -13.63 -11.14 0.74
CA CYS B 162 -13.29 -12.29 -0.09
C CYS B 162 -13.54 -11.91 -1.54
N VAL B 163 -12.47 -11.77 -2.31
CA VAL B 163 -12.57 -11.39 -3.72
C VAL B 163 -12.65 -12.65 -4.56
N LEU B 164 -13.69 -12.76 -5.37
CA LEU B 164 -13.93 -13.94 -6.19
C LEU B 164 -13.76 -13.59 -7.66
N GLU B 165 -12.87 -14.32 -8.33
CA GLU B 165 -12.80 -14.31 -9.79
C GLU B 165 -13.90 -15.22 -10.32
N ASN B 166 -13.80 -15.64 -11.58
CA ASN B 166 -14.88 -16.42 -12.17
C ASN B 166 -14.95 -17.78 -11.51
N ALA B 167 -15.66 -17.85 -10.38
CA ALA B 167 -15.83 -19.07 -9.58
C ALA B 167 -14.57 -19.44 -8.81
N LYS B 168 -13.65 -18.50 -8.64
CA LYS B 168 -12.42 -18.75 -7.89
C LYS B 168 -12.09 -17.52 -7.05
N ILE B 169 -11.38 -17.76 -5.95
CA ILE B 169 -11.01 -16.70 -5.02
C ILE B 169 -9.60 -16.24 -5.35
N VAL B 170 -9.35 -14.95 -5.09
CA VAL B 170 -8.04 -14.34 -5.31
C VAL B 170 -7.49 -13.72 -4.03
N LYS B 171 -8.32 -12.96 -3.31
CA LYS B 171 -7.91 -12.26 -2.11
C LYS B 171 -8.83 -12.61 -0.96
N THR B 172 -8.26 -12.73 0.23
CA THR B 172 -9.01 -13.08 1.43
C THR B 172 -8.38 -12.36 2.61
N ASN B 173 -9.19 -11.62 3.37
CA ASN B 173 -8.63 -10.92 4.52
C ASN B 173 -9.72 -10.50 5.49
N THR B 174 -9.28 -10.07 6.67
CA THR B 174 -10.15 -9.64 7.75
C THR B 174 -9.64 -8.33 8.34
N ILE B 175 -10.58 -7.53 8.84
CA ILE B 175 -10.28 -6.27 9.50
C ILE B 175 -11.04 -6.23 10.81
N LYS B 176 -10.42 -5.68 11.85
CA LYS B 176 -11.04 -5.53 13.16
C LYS B 176 -11.85 -4.24 13.15
N LEU B 177 -13.14 -4.36 12.80
CA LEU B 177 -14.00 -3.20 12.71
C LEU B 177 -15.43 -3.68 12.50
N GLY B 178 -16.39 -2.90 12.98
CA GLY B 178 -17.78 -3.25 12.84
C GLY B 178 -18.66 -2.32 13.65
N SER B 179 -19.93 -2.70 13.76
CA SER B 179 -20.92 -1.87 14.44
C SER B 179 -20.62 -1.70 15.92
N PHE B 180 -19.86 -2.64 16.52
CA PHE B 180 -19.53 -2.50 17.93
C PHE B 180 -18.72 -1.23 18.19
N ASP B 181 -17.79 -0.92 17.29
CA ASP B 181 -17.02 0.32 17.43
C ASP B 181 -17.93 1.54 17.30
N PHE B 182 -18.93 1.47 16.42
CA PHE B 182 -19.88 2.57 16.31
C PHE B 182 -20.67 2.75 17.61
N TYR B 183 -21.10 1.65 18.21
CA TYR B 183 -21.81 1.74 19.49
C TYR B 183 -20.90 2.33 20.56
N SER B 184 -19.63 1.91 20.58
CA SER B 184 -18.69 2.50 21.52
C SER B 184 -18.54 3.99 21.29
N LYS B 185 -18.48 4.41 20.02
CA LYS B 185 -18.38 5.83 19.72
C LYS B 185 -19.59 6.59 20.25
N ILE B 186 -20.80 6.05 20.02
CA ILE B 186 -22.00 6.74 20.47
C ILE B 186 -22.02 6.84 21.99
N LYS B 187 -21.72 5.73 22.67
CA LYS B 187 -21.73 5.77 24.13
C LYS B 187 -20.64 6.69 24.67
N SER B 188 -19.54 6.85 23.94
CA SER B 188 -18.47 7.73 24.40
C SER B 188 -18.99 9.14 24.66
N LEU B 189 -19.91 9.62 23.83
CA LEU B 189 -20.48 10.95 24.03
C LEU B 189 -21.78 10.94 24.82
N GLU B 190 -22.50 9.81 24.83
CA GLU B 190 -23.75 9.77 25.60
C GLU B 190 -23.46 9.60 27.09
N ASN B 191 -22.68 8.60 27.46
CA ASN B 191 -22.31 8.37 28.85
C ASN B 191 -21.65 9.60 29.46
N ALA B 192 -21.01 10.43 28.63
CA ALA B 192 -20.25 11.55 29.16
C ALA B 192 -21.14 12.52 29.92
N LYS B 193 -22.31 12.86 29.37
CA LYS B 193 -23.12 13.89 29.97
C LYS B 193 -23.60 13.49 31.36
N GLY B 194 -24.52 12.54 31.43
CA GLY B 194 -25.00 12.06 32.73
C GLY B 194 -25.42 10.61 32.76
N GLU B 195 -25.30 9.90 31.64
CA GLU B 195 -26.00 8.65 31.45
C GLU B 195 -25.09 7.46 31.76
N ASP B 196 -25.64 6.25 31.57
CA ASP B 196 -24.97 5.01 31.97
C ASP B 196 -25.14 3.95 30.88
N TYR B 197 -25.24 4.37 29.63
CA TYR B 197 -25.43 3.41 28.55
C TYR B 197 -24.15 2.65 28.26
N ILE B 198 -24.32 1.45 27.72
CA ILE B 198 -23.22 0.58 27.33
C ILE B 198 -23.50 0.05 25.92
N GLU B 199 -22.59 -0.77 25.41
CA GLU B 199 -22.68 -1.27 24.05
C GLU B 199 -23.83 -2.23 23.83
N GLU B 200 -24.47 -2.71 24.90
CA GLU B 200 -25.53 -3.70 24.79
C GLU B 200 -26.91 -3.06 24.60
N ASP B 201 -27.28 -2.15 25.50
CA ASP B 201 -28.61 -1.54 25.50
C ASP B 201 -28.64 -0.21 24.75
N ILE B 202 -27.81 -0.05 23.73
CA ILE B 202 -27.69 1.22 23.02
C ILE B 202 -28.42 1.15 21.69
N GLN B 203 -28.35 0.01 21.02
CA GLN B 203 -29.06 -0.14 19.76
C GLN B 203 -30.57 -0.03 19.96
N ARG B 204 -31.08 -0.65 21.04
CA ARG B 204 -32.49 -0.54 21.34
C ARG B 204 -32.91 0.91 21.56
N LEU B 205 -32.01 1.73 22.13
CA LEU B 205 -32.32 3.13 22.31
C LEU B 205 -32.49 3.85 20.98
N ILE B 206 -31.64 3.53 20.00
CA ILE B 206 -31.80 4.08 18.67
C ILE B 206 -33.12 3.61 18.07
N ASP B 207 -33.43 2.32 18.24
CA ASP B 207 -34.65 1.77 17.64
C ASP B 207 -35.90 2.42 18.21
N ASN B 208 -35.95 2.62 19.52
CA ASN B 208 -37.14 3.16 20.16
C ASN B 208 -37.22 4.68 20.13
N GLY B 209 -36.15 5.35 19.75
CA GLY B 209 -36.19 6.79 19.56
C GLY B 209 -35.82 7.61 20.78
N LEU B 210 -34.70 7.27 21.41
CA LEU B 210 -34.13 8.10 22.47
C LEU B 210 -32.80 8.74 22.06
N ILE B 211 -31.94 7.98 21.42
CA ILE B 211 -30.67 8.51 20.91
C ILE B 211 -30.94 9.13 19.55
N LYS B 212 -30.57 10.40 19.41
CA LYS B 212 -30.71 11.10 18.13
C LYS B 212 -29.42 10.93 17.35
N VAL B 213 -29.39 9.93 16.49
CA VAL B 213 -28.20 9.62 15.70
C VAL B 213 -28.24 10.50 14.45
N ASP B 214 -27.33 11.48 14.39
CA ASP B 214 -27.25 12.35 13.23
C ASP B 214 -26.86 11.54 12.00
N SER B 215 -27.40 11.95 10.85
CA SER B 215 -27.17 11.20 9.62
C SER B 215 -25.69 11.09 9.28
N LYS B 216 -24.89 12.07 9.69
CA LYS B 216 -23.49 12.11 9.26
C LYS B 216 -22.60 11.17 10.07
N GLN B 217 -23.05 10.68 11.23
CA GLN B 217 -22.27 9.66 11.92
C GLN B 217 -22.22 8.38 11.11
N TYR B 218 -23.33 8.01 10.48
CA TYR B 218 -23.32 6.86 9.58
C TYR B 218 -22.36 7.10 8.42
N ILE B 219 -22.31 8.32 7.90
CA ILE B 219 -21.39 8.63 6.81
C ILE B 219 -19.95 8.49 7.27
N GLU B 220 -19.66 8.97 8.48
CA GLU B 220 -18.32 8.83 9.04
C GLU B 220 -17.94 7.36 9.16
N PHE B 221 -18.86 6.53 9.67
CA PHE B 221 -18.58 5.10 9.77
C PHE B 221 -18.36 4.48 8.39
N LEU B 222 -19.16 4.90 7.41
CA LEU B 222 -19.00 4.39 6.05
C LEU B 222 -17.62 4.73 5.52
N SER B 223 -17.18 5.98 5.71
CA SER B 223 -15.86 6.38 5.26
C SER B 223 -14.77 5.59 5.98
N ASP B 224 -14.97 5.36 7.28
CA ASP B 224 -13.97 4.61 8.04
C ASP B 224 -13.82 3.19 7.52
N ILE B 225 -14.94 2.50 7.28
CA ILE B 225 -14.86 1.13 6.78
C ILE B 225 -14.31 1.13 5.36
N LEU B 226 -14.74 2.07 4.52
CA LEU B 226 -14.23 2.16 3.16
C LEU B 226 -12.78 2.63 3.13
N ASN B 227 -12.30 3.26 4.20
CA ASN B 227 -10.88 3.53 4.34
C ASN B 227 -10.09 2.29 4.73
N ALA B 228 -10.78 1.22 5.15
CA ALA B 228 -10.14 -0.02 5.56
C ALA B 228 -10.17 -1.09 4.47
N VAL B 229 -10.51 -0.68 3.24
CA VAL B 229 -10.58 -1.62 2.12
C VAL B 229 -9.73 -1.20 0.94
N LYS B 230 -9.29 0.06 0.87
CA LYS B 230 -8.49 0.52 -0.26
C LYS B 230 -7.19 -0.27 -0.42
N PRO B 231 -6.43 -0.54 0.63
CA PRO B 231 -5.18 -1.31 0.44
C PRO B 231 -5.40 -2.68 -0.17
N TYR B 232 -6.58 -3.26 0.03
CA TYR B 232 -6.85 -4.62 -0.42
C TYR B 232 -7.75 -4.68 -1.64
N VAL B 233 -8.65 -3.71 -1.82
CA VAL B 233 -9.62 -3.75 -2.89
C VAL B 233 -9.93 -2.34 -3.33
N ASN B 234 -10.20 -2.18 -4.63
CA ASN B 234 -10.73 -0.94 -5.18
C ASN B 234 -12.22 -1.17 -5.44
N LEU B 235 -13.06 -0.58 -4.59
CA LEU B 235 -14.48 -0.89 -4.60
C LEU B 235 -15.15 -0.51 -5.91
N LYS B 236 -14.58 0.44 -6.65
CA LYS B 236 -15.13 0.76 -7.97
C LYS B 236 -15.06 -0.47 -8.88
N THR B 237 -13.95 -1.19 -8.83
CA THR B 237 -13.84 -2.50 -9.45
C THR B 237 -14.45 -3.56 -8.54
N TYR B 238 -14.54 -4.79 -9.03
CA TYR B 238 -14.94 -5.93 -8.20
C TYR B 238 -16.33 -5.72 -7.61
N ASN B 239 -17.32 -5.76 -8.49
CA ASN B 239 -18.72 -5.56 -8.11
C ASN B 239 -18.96 -6.17 -6.73
N THR B 240 -19.54 -5.39 -5.83
CA THR B 240 -19.49 -5.69 -4.41
C THR B 240 -20.83 -6.24 -3.92
N ILE B 241 -20.75 -7.26 -3.07
CA ILE B 241 -21.91 -7.82 -2.41
C ILE B 241 -21.75 -7.53 -0.92
N PHE B 242 -22.49 -6.55 -0.44
CA PHE B 242 -22.52 -6.24 0.98
C PHE B 242 -23.38 -7.25 1.72
N THR B 243 -22.87 -7.77 2.83
CA THR B 243 -23.59 -8.74 3.63
C THR B 243 -23.40 -8.40 5.10
N GLY B 244 -24.27 -8.96 5.93
CA GLY B 244 -24.25 -8.72 7.35
C GLY B 244 -25.30 -7.72 7.79
N GLY B 245 -25.60 -7.73 9.08
CA GLY B 245 -26.62 -6.85 9.60
C GLY B 245 -26.27 -5.38 9.45
N THR B 246 -24.98 -5.06 9.56
CA THR B 246 -24.55 -3.68 9.40
C THR B 246 -24.91 -3.16 8.01
N SER B 247 -24.91 -4.04 7.00
CA SER B 247 -25.32 -3.62 5.67
C SER B 247 -26.77 -3.17 5.66
N LEU B 248 -27.65 -3.93 6.30
CA LEU B 248 -29.05 -3.50 6.42
C LEU B 248 -29.13 -2.21 7.22
N MET B 249 -28.29 -2.07 8.24
CA MET B 249 -28.30 -0.89 9.08
C MET B 249 -27.95 0.37 8.28
N LEU B 250 -27.04 0.24 7.31
CA LEU B 250 -26.53 1.38 6.57
C LEU B 250 -26.98 1.43 5.11
N LYS B 251 -27.93 0.58 4.71
CA LYS B 251 -28.22 0.39 3.28
C LYS B 251 -28.63 1.68 2.57
N GLU B 252 -29.52 2.47 3.19
CA GLU B 252 -30.01 3.66 2.49
C GLU B 252 -28.91 4.68 2.26
N TYR B 253 -27.83 4.59 3.02
CA TYR B 253 -26.65 5.45 2.89
C TYR B 253 -25.60 4.84 1.98
N ILE B 254 -25.54 3.50 1.95
CA ILE B 254 -24.65 2.81 1.02
C ILE B 254 -25.13 3.01 -0.42
N GLU B 255 -26.45 3.05 -0.62
CA GLU B 255 -27.01 3.14 -1.96
C GLU B 255 -26.64 4.45 -2.66
N LYS B 256 -26.17 5.46 -1.93
CA LYS B 256 -25.83 6.75 -2.49
C LYS B 256 -24.31 6.93 -2.59
N LEU B 257 -23.59 5.85 -2.87
CA LEU B 257 -22.14 5.92 -2.97
C LEU B 257 -21.71 6.17 -4.40
N PRO B 258 -20.49 6.69 -4.61
CA PRO B 258 -19.95 6.89 -5.96
C PRO B 258 -19.33 5.63 -6.56
N LEU B 259 -20.04 4.51 -6.45
CA LEU B 259 -19.57 3.22 -6.94
C LEU B 259 -20.35 2.83 -8.19
N ASN B 260 -19.62 2.45 -9.23
CA ASN B 260 -20.25 2.15 -10.51
C ASN B 260 -21.19 0.95 -10.41
N LYS B 261 -20.75 -0.11 -9.74
CA LYS B 261 -21.49 -1.37 -9.70
C LYS B 261 -21.40 -1.95 -8.30
N PHE B 262 -22.55 -2.22 -7.69
CA PHE B 262 -22.61 -2.78 -6.35
C PHE B 262 -24.05 -3.16 -6.05
N LYS B 263 -24.29 -3.64 -4.83
CA LYS B 263 -25.62 -3.98 -4.36
C LYS B 263 -25.52 -4.39 -2.90
N VAL B 264 -26.66 -4.39 -2.22
CA VAL B 264 -26.78 -4.88 -0.85
C VAL B 264 -27.52 -6.21 -0.90
N HIS B 265 -26.92 -7.24 -0.34
CA HIS B 265 -27.48 -8.58 -0.48
C HIS B 265 -28.85 -8.65 0.21
N PRO B 266 -29.85 -9.25 -0.42
CA PRO B 266 -31.11 -9.47 0.27
C PRO B 266 -30.94 -10.47 1.41
N ASN B 267 -31.80 -10.33 2.42
CA ASN B 267 -31.73 -11.16 3.63
C ASN B 267 -30.28 -11.36 4.06
N ALA B 268 -29.50 -10.27 4.06
CA ALA B 268 -28.08 -10.37 4.35
C ALA B 268 -27.83 -11.08 5.68
N LEU B 269 -28.72 -10.89 6.64
CA LEU B 269 -28.53 -11.50 7.96
C LEU B 269 -28.24 -12.99 7.83
N THR B 270 -29.06 -13.69 7.04
CA THR B 270 -28.91 -15.12 6.85
C THR B 270 -28.09 -15.46 5.60
N SER B 271 -27.65 -14.47 4.84
CA SER B 271 -26.91 -14.76 3.61
C SER B 271 -25.71 -15.64 3.90
N ASN B 272 -24.76 -15.14 4.69
CA ASN B 272 -23.60 -15.93 5.07
C ASN B 272 -24.02 -17.33 5.51
N VAL B 273 -25.18 -17.45 6.15
CA VAL B 273 -25.68 -18.75 6.55
C VAL B 273 -26.13 -19.53 5.32
N ASP B 274 -27.15 -19.01 4.62
CA ASP B 274 -27.78 -19.76 3.53
C ASP B 274 -26.72 -20.25 2.55
N GLY B 275 -25.81 -19.37 2.16
CA GLY B 275 -24.73 -19.75 1.28
C GLY B 275 -24.04 -21.01 1.75
N ALA B 276 -23.43 -20.94 2.94
CA ALA B 276 -22.76 -22.11 3.48
C ALA B 276 -23.72 -23.28 3.56
N MET B 277 -24.97 -23.00 3.91
CA MET B 277 -25.98 -24.04 4.01
C MET B 277 -26.15 -24.73 2.66
N GLU B 278 -26.24 -23.96 1.58
CA GLU B 278 -26.25 -24.58 0.25
C GLU B 278 -25.03 -25.48 0.06
N ALA B 279 -23.85 -24.99 0.46
CA ALA B 279 -22.64 -25.79 0.31
C ALA B 279 -22.80 -27.16 0.95
N SER B 280 -23.48 -27.22 2.11
CA SER B 280 -23.65 -28.51 2.77
C SER B 280 -24.39 -29.49 1.86
N LYS B 281 -25.46 -29.02 1.21
CA LYS B 281 -26.19 -29.88 0.30
C LYS B 281 -25.27 -30.44 -0.78
N LYS B 282 -24.26 -29.66 -1.19
CA LYS B 282 -23.35 -30.11 -2.22
C LYS B 282 -22.45 -31.22 -1.70
N VAL B 283 -22.05 -31.17 -0.44
CA VAL B 283 -21.03 -32.08 0.07
C VAL B 283 -21.64 -33.41 0.48
N TRP B 284 -22.51 -33.39 1.48
CA TRP B 284 -23.08 -34.63 1.99
C TRP B 284 -24.17 -35.18 1.08
N ASN B 285 -24.94 -34.30 0.45
CA ASN B 285 -26.00 -34.72 -0.46
C ASN B 285 -25.60 -34.49 -1.91
N MET C 1 7.37 35.60 2.63
CA MET C 1 8.70 35.82 3.23
C MET C 1 9.26 34.51 3.77
N LYS C 2 8.71 34.06 4.89
CA LYS C 2 9.09 32.77 5.44
C LYS C 2 8.86 31.68 4.42
N ILE C 3 9.49 30.53 4.66
CA ILE C 3 9.30 29.35 3.82
C ILE C 3 9.02 28.15 4.72
N THR C 4 8.05 27.33 4.32
CA THR C 4 7.67 26.15 5.08
C THR C 4 7.47 24.98 4.12
N VAL C 5 8.06 23.84 4.46
CA VAL C 5 7.96 22.63 3.66
C VAL C 5 7.29 21.56 4.49
N VAL C 6 6.35 20.84 3.88
CA VAL C 6 5.55 19.84 4.58
C VAL C 6 5.44 18.61 3.69
N ASP C 7 5.89 17.47 4.20
CA ASP C 7 5.65 16.17 3.57
C ASP C 7 4.58 15.48 4.40
N LEU C 8 3.35 15.44 3.87
CA LEU C 8 2.25 14.83 4.59
C LEU C 8 2.48 13.34 4.78
N GLY C 9 2.93 12.66 3.73
CA GLY C 9 3.12 11.23 3.82
C GLY C 9 1.80 10.51 3.97
N ASN C 10 1.89 9.26 4.43
CA ASN C 10 0.71 8.45 4.72
C ASN C 10 0.69 7.91 6.15
N ILE C 11 1.83 7.80 6.81
CA ILE C 11 1.89 7.34 8.19
C ILE C 11 2.61 8.36 9.06
N ASN C 12 3.48 9.15 8.44
CA ASN C 12 4.24 10.16 9.15
C ASN C 12 4.17 11.49 8.39
N VAL C 13 4.16 12.58 9.15
CA VAL C 13 4.22 13.94 8.61
C VAL C 13 5.54 14.56 9.04
N LYS C 14 6.19 15.24 8.10
CA LYS C 14 7.50 15.83 8.35
C LYS C 14 7.48 17.29 7.90
N TYR C 15 7.70 18.20 8.84
CA TYR C 15 7.64 19.63 8.57
C TYR C 15 8.99 20.26 8.84
N VAL C 16 9.31 21.28 8.05
CA VAL C 16 10.52 22.07 8.28
C VAL C 16 10.22 23.52 7.93
N GLY C 17 10.42 24.41 8.90
CA GLY C 17 10.30 25.84 8.71
C GLY C 17 11.33 26.55 9.56
N GLU C 18 10.88 27.55 10.33
CA GLU C 18 11.76 28.12 11.35
C GLU C 18 12.21 27.05 12.33
N ASN C 19 11.35 26.08 12.64
CA ASN C 19 11.70 24.93 13.46
C ASN C 19 11.25 23.66 12.75
N LYS C 20 12.14 22.68 12.71
CA LYS C 20 11.87 21.43 12.03
C LYS C 20 11.29 20.40 12.99
N GLY C 21 10.74 19.32 12.42
CA GLY C 21 10.23 18.24 13.24
C GLY C 21 9.36 17.31 12.42
N ARG C 22 8.76 16.36 13.14
CA ARG C 22 7.91 15.35 12.51
C ARG C 22 6.96 14.80 13.56
N PHE C 23 5.92 14.13 13.09
CA PHE C 23 4.95 13.47 13.96
C PHE C 23 4.22 12.41 13.14
N SER C 24 3.23 11.78 13.76
CA SER C 24 2.48 10.71 13.13
C SER C 24 1.30 11.26 12.34
N SER C 25 0.95 10.57 11.27
CA SER C 25 -0.12 11.01 10.38
C SER C 25 -1.50 10.62 10.87
N LYS C 26 -1.60 9.90 12.00
CA LYS C 26 -2.89 9.48 12.50
C LYS C 26 -3.78 10.70 12.76
N ILE C 27 -5.02 10.62 12.29
CA ILE C 27 -6.00 11.69 12.47
C ILE C 27 -7.34 11.06 12.80
N THR C 28 -8.06 11.67 13.75
CA THR C 28 -9.37 11.18 14.15
C THR C 28 -10.28 12.36 14.46
N ASN C 29 -11.49 12.30 13.94
CA ASN C 29 -12.55 13.23 14.31
C ASN C 29 -13.42 12.71 15.43
N ASP C 30 -13.07 11.56 16.01
CA ASP C 30 -13.88 10.96 17.05
C ASP C 30 -13.99 11.88 18.25
N TYR C 31 -15.16 11.86 18.89
CA TYR C 31 -15.35 12.65 20.09
C TYR C 31 -14.39 12.18 21.19
N GLN C 32 -13.91 13.14 21.98
CA GLN C 32 -12.91 12.87 23.00
C GLN C 32 -13.31 13.57 24.29
N SER C 33 -13.04 12.90 25.41
CA SER C 33 -13.40 13.42 26.72
C SER C 33 -12.37 14.41 27.25
N TYR C 34 -11.13 13.95 27.42
CA TYR C 34 -10.07 14.76 28.01
C TYR C 34 -9.29 15.44 26.89
N GLU C 35 -9.89 16.52 26.36
CA GLU C 35 -9.28 17.22 25.24
C GLU C 35 -7.94 17.82 25.64
N GLU C 36 -7.83 18.33 26.86
CA GLU C 36 -6.57 18.87 27.35
C GLU C 36 -5.61 17.72 27.65
N GLY C 37 -4.53 17.63 26.88
CA GLY C 37 -3.60 16.52 27.01
C GLY C 37 -3.26 15.94 25.65
N PHE C 38 -4.18 16.09 24.71
CA PHE C 38 -3.96 15.67 23.34
C PHE C 38 -3.64 16.87 22.46
N GLN C 39 -3.02 16.59 21.31
CA GLN C 39 -2.79 17.59 20.29
C GLN C 39 -3.97 17.58 19.31
N ARG C 40 -4.49 18.76 19.00
CA ARG C 40 -5.69 18.86 18.20
C ARG C 40 -5.68 20.17 17.42
N VAL C 41 -6.58 20.25 16.44
CA VAL C 41 -6.86 21.49 15.74
C VAL C 41 -8.34 21.52 15.38
N GLU C 42 -8.94 22.69 15.52
CA GLU C 42 -10.33 22.91 15.14
C GLU C 42 -10.36 23.90 13.99
N TYR C 43 -10.95 23.51 12.87
CA TYR C 43 -11.07 24.33 11.68
C TYR C 43 -12.54 24.47 11.31
N ASN C 44 -12.99 25.70 11.12
CA ASN C 44 -14.38 26.01 10.77
C ASN C 44 -15.39 25.15 11.51
N GLY C 45 -15.14 24.88 12.78
CA GLY C 45 -16.09 24.21 13.64
C GLY C 45 -15.87 22.73 13.84
N ILE C 46 -15.09 22.08 12.97
CA ILE C 46 -14.83 20.64 13.09
C ILE C 46 -13.48 20.45 13.75
N LYS C 47 -13.43 19.56 14.73
CA LYS C 47 -12.25 19.31 15.55
C LYS C 47 -11.62 17.99 15.16
N THR C 48 -10.28 17.94 15.17
CA THR C 48 -9.55 16.72 14.86
C THR C 48 -8.37 16.58 15.81
N TYR C 49 -8.16 15.35 16.30
CA TYR C 49 -7.07 15.04 17.20
C TYR C 49 -5.98 14.31 16.43
N ILE C 50 -4.75 14.76 16.60
CA ILE C 50 -3.61 14.28 15.82
C ILE C 50 -2.77 13.36 16.68
N GLY C 51 -2.06 12.44 16.00
CA GLY C 51 -1.19 11.51 16.69
C GLY C 51 -1.87 10.29 17.24
N VAL C 52 -3.14 10.06 16.90
CA VAL C 52 -3.89 8.92 17.43
C VAL C 52 -5.10 8.69 16.54
N GLY C 53 -5.62 7.46 16.58
CA GLY C 53 -6.87 7.14 15.90
C GLY C 53 -6.62 6.42 14.59
N GLU C 54 -7.30 6.86 13.54
CA GLU C 54 -7.21 6.21 12.23
C GLU C 54 -5.91 6.62 11.55
N LEU C 55 -5.77 6.29 10.27
CA LEU C 55 -4.51 6.47 9.56
C LEU C 55 -4.64 7.12 8.19
N SER C 56 -5.84 7.23 7.62
CA SER C 56 -6.06 7.94 6.36
C SER C 56 -5.22 7.34 5.24
N ARG C 57 -5.57 6.09 4.90
CA ARG C 57 -4.85 5.34 3.88
C ARG C 57 -5.21 5.74 2.46
N GLU C 58 -6.15 6.67 2.27
CA GLU C 58 -6.61 6.99 0.93
C GLU C 58 -5.46 7.39 0.03
N PHE C 59 -5.41 6.77 -1.15
CA PHE C 59 -4.43 7.14 -2.16
C PHE C 59 -4.78 8.52 -2.71
N ASN C 60 -3.97 8.99 -3.67
CA ASN C 60 -4.14 10.31 -4.28
C ASN C 60 -4.36 11.36 -3.19
N LYS C 61 -3.32 11.53 -2.39
CA LYS C 61 -3.41 12.32 -1.16
C LYS C 61 -3.72 13.78 -1.40
N ALA C 62 -3.97 14.18 -2.63
CA ALA C 62 -4.43 15.54 -2.90
C ALA C 62 -5.77 15.83 -2.23
N ASP C 63 -6.53 14.80 -1.84
CA ASP C 63 -7.85 15.00 -1.27
C ASP C 63 -8.12 14.14 -0.05
N ARG C 64 -7.09 13.57 0.59
CA ARG C 64 -7.28 12.72 1.75
C ARG C 64 -7.32 13.53 3.05
N ASP C 65 -8.16 14.56 3.07
CA ASP C 65 -8.29 15.43 4.23
C ASP C 65 -6.92 15.94 4.68
N TYR C 66 -6.22 16.57 3.74
CA TYR C 66 -4.94 17.19 4.03
C TYR C 66 -5.16 18.53 4.69
N MET C 67 -5.99 18.55 5.74
CA MET C 67 -6.54 19.79 6.26
C MET C 67 -6.02 20.10 7.67
N ALA C 68 -6.23 19.19 8.61
CA ALA C 68 -5.79 19.43 9.98
C ALA C 68 -4.28 19.26 10.13
N GLN C 69 -3.74 18.22 9.50
CA GLN C 69 -2.30 17.98 9.62
C GLN C 69 -1.50 19.17 9.11
N LEU C 70 -1.92 19.74 7.98
CA LEU C 70 -1.19 20.86 7.42
C LEU C 70 -1.13 22.03 8.40
N LEU C 71 -2.29 22.47 8.88
CA LEU C 71 -2.33 23.63 9.77
C LEU C 71 -1.57 23.35 11.07
N TYR C 72 -1.72 22.13 11.60
CA TYR C 72 -1.00 21.78 12.81
C TYR C 72 0.51 21.87 12.60
N SER C 73 1.00 21.36 11.46
CA SER C 73 2.41 21.44 11.17
C SER C 73 2.88 22.87 11.00
N LEU C 74 2.08 23.70 10.31
CA LEU C 74 2.46 25.10 10.14
C LEU C 74 2.58 25.79 11.50
N ALA C 75 1.60 25.58 12.37
CA ALA C 75 1.64 26.21 13.68
C ALA C 75 2.84 25.73 14.49
N LYS C 76 3.12 24.42 14.46
CA LYS C 76 4.22 23.90 15.24
C LYS C 76 5.57 24.41 14.73
N ALA C 77 5.74 24.46 13.40
CA ALA C 77 7.03 24.84 12.84
C ALA C 77 7.32 26.30 13.10
N ASN C 78 6.48 27.20 12.59
CA ASN C 78 6.68 28.63 12.75
C ASN C 78 6.19 29.05 14.14
N THR C 79 6.08 30.36 14.35
CA THR C 79 5.62 30.93 15.61
C THR C 79 4.32 31.68 15.38
N ALA C 80 3.72 32.12 16.49
CA ALA C 80 2.42 32.79 16.41
C ALA C 80 2.51 34.11 15.66
N ASP C 81 3.62 34.82 15.81
CA ASP C 81 3.75 36.14 15.19
C ASP C 81 3.64 36.04 13.67
N THR C 82 4.24 35.00 13.08
CA THR C 82 4.23 34.87 11.64
C THR C 82 2.80 34.82 11.09
N LYS C 83 2.56 35.56 10.03
CA LYS C 83 1.25 35.62 9.38
C LYS C 83 1.31 35.16 7.92
N GLU C 84 2.31 35.59 7.16
CA GLU C 84 2.44 35.25 5.75
C GLU C 84 3.66 34.37 5.54
N ILE C 85 3.51 33.33 4.73
CA ILE C 85 4.59 32.40 4.45
C ILE C 85 4.50 31.92 3.02
N ASN C 86 5.49 31.13 2.59
CA ASN C 86 5.49 30.48 1.29
C ASN C 86 5.54 28.98 1.53
N LEU C 87 4.51 28.27 1.06
CA LEU C 87 4.40 26.83 1.27
C LEU C 87 4.98 26.09 0.07
N THR C 88 5.76 25.06 0.37
CA THR C 88 6.35 24.20 -0.66
C THR C 88 6.01 22.75 -0.30
N LEU C 89 4.98 22.22 -0.93
CA LEU C 89 4.51 20.87 -0.66
C LEU C 89 5.20 19.86 -1.58
N LEU C 90 5.12 18.60 -1.18
CA LEU C 90 5.73 17.49 -1.91
C LEU C 90 4.64 16.50 -2.26
N LEU C 91 4.37 16.36 -3.55
CA LEU C 91 3.41 15.38 -4.04
C LEU C 91 4.15 14.24 -4.73
N PRO C 92 3.51 13.08 -4.87
CA PRO C 92 4.15 11.98 -5.59
C PRO C 92 4.36 12.35 -7.05
N ILE C 93 5.36 11.72 -7.65
CA ILE C 93 5.90 12.14 -8.94
C ILE C 93 4.93 11.81 -10.07
N ILE C 94 3.75 11.27 -9.74
CA ILE C 94 2.76 10.90 -10.74
C ILE C 94 1.47 11.69 -10.63
N GLN C 95 1.16 12.29 -9.48
CA GLN C 95 -0.11 12.99 -9.27
C GLN C 95 0.04 14.50 -9.42
N MET C 96 0.85 14.97 -10.38
CA MET C 96 1.12 16.39 -10.50
C MET C 96 -0.15 17.18 -10.79
N LYS C 97 -0.96 16.71 -11.73
CA LYS C 97 -2.09 17.52 -12.19
C LYS C 97 -3.01 17.87 -11.03
N ASN C 98 -3.03 17.04 -9.99
CA ASN C 98 -3.84 17.33 -8.82
C ASN C 98 -3.42 18.64 -8.15
N LYS C 99 -2.20 19.13 -8.43
CA LYS C 99 -1.80 20.42 -7.88
C LYS C 99 -2.78 21.51 -8.30
N THR C 100 -3.40 21.37 -9.47
CA THR C 100 -4.42 22.33 -9.87
C THR C 100 -5.56 22.36 -8.88
N ARG C 101 -5.99 21.18 -8.43
CA ARG C 101 -7.01 21.11 -7.38
C ARG C 101 -6.50 21.59 -6.04
N LEU C 102 -5.18 21.62 -5.84
CA LEU C 102 -4.61 22.08 -4.58
C LEU C 102 -4.57 23.61 -4.53
N ILE C 103 -3.90 24.23 -5.50
CA ILE C 103 -3.67 25.66 -5.45
C ILE C 103 -4.98 26.42 -5.30
N GLU C 104 -5.99 26.01 -6.07
CA GLU C 104 -7.27 26.72 -6.05
C GLU C 104 -7.83 26.83 -4.63
N THR C 105 -7.59 25.84 -3.80
CA THR C 105 -8.15 25.83 -2.45
C THR C 105 -7.23 26.44 -1.41
N LEU C 106 -6.00 26.78 -1.77
CA LEU C 106 -5.03 27.27 -0.78
C LEU C 106 -4.46 28.64 -1.11
N LYS C 107 -4.12 28.90 -2.37
CA LYS C 107 -3.43 30.13 -2.72
C LYS C 107 -4.26 31.34 -2.33
N GLY C 108 -3.62 32.30 -1.67
CA GLY C 108 -4.30 33.52 -1.27
C GLY C 108 -5.47 33.26 -0.35
N GLU C 109 -5.31 32.36 0.61
CA GLU C 109 -6.36 32.00 1.55
C GLU C 109 -5.84 32.17 2.97
N ASN C 110 -6.70 32.71 3.84
CA ASN C 110 -6.37 32.90 5.25
C ASN C 110 -7.08 31.83 6.06
N PHE C 111 -6.30 31.09 6.85
CA PHE C 111 -6.81 30.01 7.68
C PHE C 111 -6.68 30.39 9.15
N LYS C 112 -7.80 30.29 9.88
CA LYS C 112 -7.83 30.51 11.32
C LYS C 112 -8.11 29.19 12.01
N PHE C 113 -7.39 28.91 13.09
CA PHE C 113 -7.59 27.66 13.80
C PHE C 113 -7.17 27.84 15.26
N LYS C 114 -7.39 26.78 16.03
CA LYS C 114 -7.24 26.82 17.48
C LYS C 114 -5.85 26.37 17.94
N PHE C 115 -5.42 25.18 17.52
CA PHE C 115 -4.12 24.64 17.91
C PHE C 115 -4.01 24.54 19.44
N ASN C 116 -4.86 23.69 19.99
CA ASN C 116 -4.91 23.41 21.42
C ASN C 116 -5.47 24.59 22.22
N GLY C 117 -6.38 25.35 21.61
CA GLY C 117 -7.10 26.40 22.29
C GLY C 117 -6.55 27.79 22.11
N ILE C 118 -5.29 27.92 21.70
CA ILE C 118 -4.67 29.24 21.51
C ILE C 118 -4.97 29.66 20.07
N ASP C 119 -6.10 30.32 19.88
CA ASP C 119 -6.56 30.67 18.54
C ASP C 119 -5.54 31.55 17.84
N ARG C 120 -5.36 31.30 16.54
CA ARG C 120 -4.44 32.08 15.73
C ARG C 120 -4.87 31.98 14.27
N GLU C 121 -4.19 32.79 13.44
CA GLU C 121 -4.47 32.88 12.02
C GLU C 121 -3.16 32.74 11.25
N ILE C 122 -3.28 32.50 9.95
CA ILE C 122 -2.11 32.40 9.09
C ILE C 122 -2.56 32.53 7.64
N LYS C 123 -1.73 33.17 6.83
CA LYS C 123 -1.94 33.29 5.40
C LYS C 123 -0.69 32.82 4.66
N ILE C 124 -0.88 32.43 3.41
CA ILE C 124 0.21 31.97 2.56
C ILE C 124 0.26 32.85 1.32
N ASN C 125 1.43 33.43 1.05
CA ASN C 125 1.58 34.29 -0.12
C ASN C 125 1.34 33.50 -1.41
N ASP C 126 2.17 32.50 -1.67
CA ASP C 126 2.04 31.66 -2.85
C ASP C 126 2.35 30.22 -2.48
N LEU C 127 1.77 29.30 -3.25
CA LEU C 127 1.97 27.87 -3.05
C LEU C 127 2.88 27.32 -4.15
N MET C 128 3.68 26.32 -3.78
CA MET C 128 4.57 25.66 -4.73
C MET C 128 4.56 24.17 -4.44
N VAL C 129 4.82 23.37 -5.47
CA VAL C 129 4.72 21.92 -5.38
C VAL C 129 5.95 21.30 -6.04
N LEU C 130 6.44 20.21 -5.47
CA LEU C 130 7.56 19.48 -6.05
C LEU C 130 7.28 17.98 -5.99
N PRO C 131 7.82 17.21 -6.94
CA PRO C 131 7.69 15.76 -6.86
C PRO C 131 8.42 15.19 -5.67
N GLU C 132 7.92 14.06 -5.18
CA GLU C 132 8.63 13.33 -4.14
C GLU C 132 9.87 12.66 -4.75
N GLY C 133 10.90 12.50 -3.93
CA GLY C 133 12.12 11.85 -4.38
C GLY C 133 13.01 12.78 -5.18
N TYR C 134 12.48 13.34 -6.28
CA TYR C 134 13.23 14.38 -7.00
C TYR C 134 13.75 15.44 -6.06
N ALA C 135 12.93 15.86 -5.09
CA ALA C 135 13.37 16.88 -4.15
C ALA C 135 14.65 16.46 -3.45
N SER C 136 14.71 15.21 -2.96
CA SER C 136 15.85 14.77 -2.16
C SER C 136 17.16 14.93 -2.90
N TYR C 137 17.13 14.93 -4.24
CA TYR C 137 18.36 15.07 -5.00
C TYR C 137 19.14 16.31 -4.60
N TYR C 138 18.42 17.40 -4.31
CA TYR C 138 19.10 18.63 -3.90
C TYR C 138 19.80 18.46 -2.56
N SER C 139 19.19 17.73 -1.62
CA SER C 139 19.84 17.45 -0.36
C SER C 139 21.03 16.52 -0.52
N LEU C 140 21.15 15.86 -1.66
CA LEU C 140 22.22 14.89 -1.88
C LEU C 140 23.57 15.58 -1.89
N ASP C 141 24.61 14.80 -1.59
CA ASP C 141 25.96 15.32 -1.60
C ASP C 141 26.44 15.56 -3.03
N ILE C 142 27.41 16.46 -3.17
CA ILE C 142 27.89 16.84 -4.49
C ILE C 142 28.53 15.66 -5.19
N GLU C 143 29.21 14.79 -4.44
CA GLU C 143 29.94 13.68 -5.05
C GLU C 143 29.03 12.76 -5.85
N ASN C 144 27.74 12.76 -5.56
CA ASN C 144 26.79 11.91 -6.27
C ASN C 144 25.98 12.64 -7.32
N LYS C 145 25.93 13.97 -7.28
CA LYS C 145 25.12 14.71 -8.23
C LYS C 145 25.66 14.58 -9.65
N LYS C 146 26.98 14.63 -9.82
CA LYS C 146 27.54 14.63 -11.17
C LYS C 146 27.19 13.36 -11.93
N GLY C 147 27.28 12.21 -11.27
CA GLY C 147 27.01 10.95 -11.94
C GLY C 147 25.54 10.74 -12.21
N ASP C 148 25.26 9.82 -13.13
CA ASP C 148 23.90 9.42 -13.44
C ASP C 148 23.38 8.55 -12.30
N VAL C 149 22.40 9.06 -11.56
CA VAL C 149 21.92 8.42 -10.35
C VAL C 149 20.44 8.09 -10.49
N CYS C 150 19.93 7.38 -9.49
CA CYS C 150 18.53 7.02 -9.41
C CYS C 150 18.05 7.26 -7.99
N ILE C 151 17.18 8.26 -7.81
CA ILE C 151 16.57 8.51 -6.52
C ILE C 151 15.42 7.53 -6.34
N LEU C 152 15.47 6.75 -5.26
CA LEU C 152 14.50 5.70 -4.98
C LEU C 152 13.94 5.95 -3.58
N ASP C 153 12.75 6.51 -3.51
CA ASP C 153 12.08 6.75 -2.24
C ASP C 153 11.17 5.58 -1.93
N LEU C 154 11.39 4.94 -0.78
CA LEU C 154 10.61 3.79 -0.34
C LEU C 154 9.63 4.27 0.71
N GLY C 155 8.48 4.76 0.24
CA GLY C 155 7.47 5.28 1.14
C GLY C 155 6.68 4.17 1.82
N SER C 156 5.81 4.59 2.74
CA SER C 156 4.99 3.62 3.46
C SER C 156 4.06 2.88 2.51
N ARG C 157 3.56 3.55 1.48
CA ARG C 157 2.69 2.93 0.49
C ARG C 157 3.12 3.17 -0.94
N THR C 158 4.01 4.13 -1.21
CA THR C 158 4.39 4.48 -2.57
C THR C 158 5.90 4.39 -2.73
N ILE C 159 6.34 3.76 -3.81
CA ILE C 159 7.73 3.75 -4.22
C ILE C 159 7.87 4.77 -5.34
N ASN C 160 8.78 5.72 -5.18
CA ASN C 160 8.99 6.77 -6.16
C ASN C 160 10.36 6.61 -6.80
N ILE C 161 10.39 6.54 -8.13
CA ILE C 161 11.62 6.37 -8.89
C ILE C 161 11.82 7.60 -9.75
N CYS C 162 12.98 8.23 -9.62
CA CYS C 162 13.35 9.36 -10.46
C CYS C 162 14.81 9.19 -10.89
N VAL C 163 15.02 8.90 -12.17
CA VAL C 163 16.35 8.68 -12.71
C VAL C 163 16.90 10.01 -13.20
N LEU C 164 18.07 10.40 -12.70
CA LEU C 164 18.69 11.67 -13.02
C LEU C 164 19.95 11.43 -13.84
N GLU C 165 20.00 12.03 -15.03
CA GLU C 165 21.25 12.14 -15.78
C GLU C 165 22.04 13.30 -15.20
N ASN C 166 23.03 13.81 -15.93
CA ASN C 166 23.90 14.83 -15.37
C ASN C 166 23.12 16.12 -15.18
N ALA C 167 22.45 16.23 -14.03
CA ALA C 167 21.61 17.37 -13.66
C ALA C 167 20.30 17.41 -14.43
N LYS C 168 19.89 16.29 -15.03
CA LYS C 168 18.64 16.22 -15.76
C LYS C 168 17.97 14.89 -15.49
N ILE C 169 16.65 14.88 -15.61
CA ILE C 169 15.85 13.69 -15.35
C ILE C 169 15.58 12.99 -16.68
N VAL C 170 15.46 11.66 -16.61
CA VAL C 170 15.16 10.83 -17.79
C VAL C 170 13.90 10.00 -17.56
N LYS C 171 13.79 9.35 -16.40
CA LYS C 171 12.68 8.47 -16.10
C LYS C 171 12.02 8.89 -14.79
N THR C 172 10.70 8.78 -14.73
CA THR C 172 9.94 9.16 -13.55
C THR C 172 8.74 8.22 -13.44
N ASN C 173 8.58 7.59 -12.28
CA ASN C 173 7.44 6.69 -12.13
C ASN C 173 7.17 6.39 -10.65
N THR C 174 6.01 5.78 -10.42
CA THR C 174 5.54 5.43 -9.09
C THR C 174 5.02 4.00 -9.09
N ILE C 175 5.15 3.36 -7.94
CA ILE C 175 4.67 2.00 -7.72
C ILE C 175 3.87 1.98 -6.41
N LYS C 176 2.77 1.23 -6.41
CA LYS C 176 1.94 1.08 -5.21
C LYS C 176 2.54 -0.02 -4.35
N LEU C 177 3.40 0.38 -3.42
CA LEU C 177 4.08 -0.58 -2.55
C LEU C 177 4.84 0.20 -1.48
N GLY C 178 4.98 -0.43 -0.32
CA GLY C 178 5.68 0.20 0.78
C GLY C 178 5.54 -0.62 2.05
N SER C 179 5.95 0.00 3.16
CA SER C 179 5.95 -0.69 4.45
C SER C 179 4.55 -1.05 4.92
N PHE C 180 3.53 -0.35 4.44
CA PHE C 180 2.16 -0.67 4.83
C PHE C 180 1.79 -2.09 4.41
N ASP C 181 2.22 -2.50 3.21
CA ASP C 181 1.96 -3.86 2.77
C ASP C 181 2.69 -4.87 3.65
N PHE C 182 3.90 -4.53 4.09
CA PHE C 182 4.63 -5.40 5.00
C PHE C 182 3.88 -5.55 6.33
N TYR C 183 3.37 -4.45 6.86
CA TYR C 183 2.58 -4.51 8.09
C TYR C 183 1.34 -5.36 7.90
N SER C 184 0.68 -5.21 6.75
CA SER C 184 -0.48 -6.05 6.45
C SER C 184 -0.09 -7.52 6.41
N LYS C 185 1.06 -7.82 5.81
CA LYS C 185 1.53 -9.20 5.76
C LYS C 185 1.77 -9.75 7.15
N ILE C 186 2.41 -8.98 8.02
CA ILE C 186 2.69 -9.45 9.36
C ILE C 186 1.39 -9.69 10.13
N LYS C 187 0.46 -8.73 10.05
CA LYS C 187 -0.80 -8.90 10.75
C LYS C 187 -1.61 -10.07 10.19
N SER C 188 -1.45 -10.36 8.90
CA SER C 188 -2.18 -11.48 8.31
C SER C 188 -1.93 -12.77 9.06
N LEU C 189 -0.69 -13.00 9.53
CA LEU C 189 -0.37 -14.19 10.28
C LEU C 189 -0.48 -13.99 11.79
N GLU C 190 -0.35 -12.76 12.28
CA GLU C 190 -0.47 -12.55 13.72
C GLU C 190 -1.93 -12.59 14.18
N ASN C 191 -2.79 -11.79 13.53
CA ASN C 191 -4.20 -11.77 13.87
C ASN C 191 -4.83 -13.15 13.72
N ALA C 192 -4.25 -14.01 12.87
CA ALA C 192 -4.86 -15.30 12.62
C ALA C 192 -4.95 -16.15 13.88
N LYS C 193 -3.87 -16.19 14.67
CA LYS C 193 -3.84 -17.11 15.80
C LYS C 193 -4.91 -16.76 16.83
N GLY C 194 -4.72 -15.65 17.55
CA GLY C 194 -5.72 -15.22 18.51
C GLY C 194 -5.81 -13.72 18.71
N GLU C 195 -5.01 -12.95 17.98
CA GLU C 195 -4.74 -11.56 18.34
C GLU C 195 -5.64 -10.62 17.55
N ASP C 196 -5.44 -9.31 17.78
CA ASP C 196 -6.30 -8.27 17.22
C ASP C 196 -5.47 -7.10 16.72
N TYR C 197 -4.25 -7.37 16.26
CA TYR C 197 -3.38 -6.30 15.80
C TYR C 197 -3.86 -5.78 14.44
N ILE C 198 -3.51 -4.51 14.18
CA ILE C 198 -3.82 -3.84 12.92
C ILE C 198 -2.56 -3.14 12.43
N GLU C 199 -2.68 -2.46 11.29
CA GLU C 199 -1.52 -1.83 10.65
C GLU C 199 -0.99 -0.65 11.43
N GLU C 200 -1.72 -0.16 12.44
CA GLU C 200 -1.30 1.02 13.17
C GLU C 200 -0.40 0.68 14.36
N ASP C 201 -0.86 -0.22 15.23
CA ASP C 201 -0.15 -0.55 16.46
C ASP C 201 0.75 -1.77 16.30
N ILE C 202 1.30 -2.00 15.10
CA ILE C 202 2.08 -3.20 14.83
C ILE C 202 3.56 -2.86 14.81
N GLN C 203 3.92 -1.69 14.29
CA GLN C 203 5.33 -1.29 14.29
C GLN C 203 5.84 -1.12 15.71
N ARG C 204 5.04 -0.52 16.58
CA ARG C 204 5.43 -0.38 17.98
C ARG C 204 5.68 -1.73 18.62
N LEU C 205 4.91 -2.75 18.22
CA LEU C 205 5.14 -4.10 18.76
C LEU C 205 6.51 -4.62 18.36
N ILE C 206 6.91 -4.40 17.11
CA ILE C 206 8.25 -4.77 16.69
C ILE C 206 9.29 -4.01 17.48
N ASP C 207 9.06 -2.70 17.68
CA ASP C 207 10.04 -1.87 18.37
C ASP C 207 10.24 -2.32 19.81
N ASN C 208 9.14 -2.62 20.51
CA ASN C 208 9.23 -2.97 21.93
C ASN C 208 9.55 -4.43 22.16
N GLY C 209 9.51 -5.28 21.14
CA GLY C 209 9.95 -6.65 21.26
C GLY C 209 8.85 -7.63 21.64
N LEU C 210 7.74 -7.59 20.93
CA LEU C 210 6.70 -8.61 21.04
C LEU C 210 6.56 -9.44 19.78
N ILE C 211 6.59 -8.81 18.61
CA ILE C 211 6.55 -9.53 17.34
C ILE C 211 7.98 -9.96 16.99
N LYS C 212 8.16 -11.26 16.77
CA LYS C 212 9.46 -11.79 16.37
C LYS C 212 9.51 -11.80 14.86
N VAL C 213 10.08 -10.75 14.29
CA VAL C 213 10.19 -10.61 12.84
C VAL C 213 11.43 -11.35 12.39
N ASP C 214 11.25 -12.47 11.69
CA ASP C 214 12.38 -13.22 11.18
C ASP C 214 13.13 -12.39 10.15
N SER C 215 14.46 -12.58 10.12
CA SER C 215 15.30 -11.77 9.24
C SER C 215 14.90 -11.93 7.78
N LYS C 216 14.35 -13.08 7.40
CA LYS C 216 14.09 -13.35 5.99
C LYS C 216 12.82 -12.69 5.48
N GLN C 217 11.93 -12.24 6.36
CA GLN C 217 10.79 -11.45 5.89
C GLN C 217 11.25 -10.13 5.28
N TYR C 218 12.24 -9.49 5.91
CA TYR C 218 12.82 -8.29 5.33
C TYR C 218 13.44 -8.59 3.96
N ILE C 219 14.08 -9.76 3.83
CA ILE C 219 14.67 -10.14 2.55
C ILE C 219 13.58 -10.33 1.50
N GLU C 220 12.48 -10.95 1.89
CA GLU C 220 11.35 -11.13 0.97
C GLU C 220 10.81 -9.78 0.51
N PHE C 221 10.66 -8.85 1.45
CA PHE C 221 10.18 -7.51 1.07
C PHE C 221 11.18 -6.82 0.14
N LEU C 222 12.48 -6.99 0.42
CA LEU C 222 13.50 -6.39 -0.43
C LEU C 222 13.40 -6.95 -1.85
N SER C 223 13.25 -8.26 -1.97
CA SER C 223 13.11 -8.87 -3.29
C SER C 223 11.85 -8.38 -3.98
N ASP C 224 10.76 -8.23 -3.23
CA ASP C 224 9.51 -7.77 -3.82
C ASP C 224 9.66 -6.36 -4.39
N ILE C 225 10.25 -5.45 -3.61
CA ILE C 225 10.42 -4.08 -4.10
C ILE C 225 11.40 -4.05 -5.26
N LEU C 226 12.50 -4.81 -5.16
CA LEU C 226 13.46 -4.87 -6.24
C LEU C 226 12.92 -5.60 -7.46
N ASN C 227 11.88 -6.41 -7.28
CA ASN C 227 11.16 -6.96 -8.42
C ASN C 227 10.23 -5.94 -9.06
N ALA C 228 10.00 -4.81 -8.41
CA ALA C 228 9.13 -3.76 -8.93
C ALA C 228 9.91 -2.62 -9.56
N VAL C 229 11.21 -2.82 -9.80
CA VAL C 229 12.05 -1.80 -10.40
C VAL C 229 12.77 -2.26 -11.65
N LYS C 230 12.86 -3.57 -11.90
CA LYS C 230 13.56 -4.06 -13.08
C LYS C 230 12.96 -3.53 -14.38
N PRO C 231 11.64 -3.51 -14.57
CA PRO C 231 11.12 -2.99 -15.84
C PRO C 231 11.51 -1.56 -16.12
N TYR C 232 11.77 -0.76 -15.08
CA TYR C 232 12.05 0.66 -15.23
C TYR C 232 13.51 1.00 -15.05
N VAL C 233 14.25 0.25 -14.22
CA VAL C 233 15.62 0.57 -13.89
C VAL C 233 16.40 -0.71 -13.66
N ASN C 234 17.68 -0.68 -14.02
CA ASN C 234 18.63 -1.73 -13.68
C ASN C 234 19.49 -1.20 -12.53
N LEU C 235 19.22 -1.70 -11.31
CA LEU C 235 19.82 -1.12 -10.12
C LEU C 235 21.34 -1.24 -10.12
N LYS C 236 21.90 -2.20 -10.86
CA LYS C 236 23.35 -2.27 -10.97
C LYS C 236 23.90 -1.02 -11.61
N THR C 237 23.23 -0.52 -12.65
CA THR C 237 23.50 0.79 -13.21
C THR C 237 22.78 1.85 -12.37
N TYR C 238 23.04 3.13 -12.69
CA TYR C 238 22.30 4.23 -12.09
C TYR C 238 22.45 4.24 -10.57
N ASN C 239 23.68 4.55 -10.14
CA ASN C 239 24.00 4.61 -8.71
C ASN C 239 22.80 5.11 -7.92
N THR C 240 22.42 4.38 -6.89
CA THR C 240 21.10 4.52 -6.29
C THR C 240 21.19 5.28 -4.97
N ILE C 241 20.23 6.17 -4.76
CA ILE C 241 20.08 6.90 -3.51
C ILE C 241 18.75 6.45 -2.90
N PHE C 242 18.85 5.58 -1.89
CA PHE C 242 17.67 5.14 -1.15
C PHE C 242 17.25 6.23 -0.18
N THR C 243 15.95 6.53 -0.16
CA THR C 243 15.41 7.55 0.73
C THR C 243 14.10 7.04 1.31
N GLY C 244 13.68 7.69 2.39
CA GLY C 244 12.46 7.31 3.08
C GLY C 244 12.74 6.51 4.33
N GLY C 245 11.74 6.45 5.21
CA GLY C 245 11.91 5.73 6.46
C GLY C 245 12.13 4.25 6.26
N THR C 246 11.50 3.68 5.24
CA THR C 246 11.70 2.25 4.95
C THR C 246 13.16 1.95 4.68
N SER C 247 13.88 2.90 4.09
CA SER C 247 15.31 2.70 3.85
C SER C 247 16.06 2.54 5.17
N LEU C 248 15.77 3.40 6.15
CA LEU C 248 16.37 3.23 7.47
C LEU C 248 15.94 1.92 8.09
N MET C 249 14.69 1.52 7.86
CA MET C 249 14.16 0.29 8.42
C MET C 249 14.93 -0.93 7.89
N LEU C 250 15.34 -0.88 6.62
CA LEU C 250 15.96 -2.04 5.97
C LEU C 250 17.44 -1.85 5.68
N LYS C 251 18.08 -0.80 6.20
CA LYS C 251 19.41 -0.43 5.75
C LYS C 251 20.44 -1.53 5.93
N GLU C 252 20.46 -2.20 7.09
CA GLU C 252 21.49 -3.19 7.34
C GLU C 252 21.37 -4.38 6.40
N TYR C 253 20.20 -4.58 5.81
CA TYR C 253 19.94 -5.64 4.85
C TYR C 253 20.13 -5.15 3.41
N ILE C 254 19.90 -3.86 3.18
CA ILE C 254 20.20 -3.27 1.88
C ILE C 254 21.70 -3.24 1.63
N GLU C 255 22.48 -2.99 2.68
CA GLU C 255 23.92 -2.86 2.53
C GLU C 255 24.60 -4.14 2.05
N LYS C 256 23.93 -5.28 2.12
CA LYS C 256 24.48 -6.57 1.71
C LYS C 256 23.91 -7.03 0.38
N LEU C 257 23.64 -6.08 -0.52
CA LEU C 257 23.07 -6.42 -1.82
C LEU C 257 24.18 -6.60 -2.86
N PRO C 258 23.90 -7.34 -3.94
CA PRO C 258 24.86 -7.52 -5.04
C PRO C 258 24.87 -6.35 -6.02
N LEU C 259 24.92 -5.13 -5.49
CA LEU C 259 24.90 -3.92 -6.29
C LEU C 259 26.28 -3.27 -6.27
N ASN C 260 26.79 -2.94 -7.45
CA ASN C 260 28.15 -2.40 -7.55
C ASN C 260 28.28 -1.05 -6.84
N LYS C 261 27.29 -0.17 -7.03
CA LYS C 261 27.38 1.19 -6.53
C LYS C 261 26.01 1.62 -6.02
N PHE C 262 25.96 2.05 -4.77
CA PHE C 262 24.71 2.48 -4.13
C PHE C 262 25.06 3.10 -2.79
N LYS C 263 24.01 3.51 -2.07
CA LYS C 263 24.15 4.05 -0.73
C LYS C 263 22.76 4.30 -0.17
N VAL C 264 22.67 4.46 1.15
CA VAL C 264 21.45 4.83 1.83
C VAL C 264 21.60 6.27 2.29
N HIS C 265 20.66 7.11 1.91
CA HIS C 265 20.79 8.54 2.17
C HIS C 265 20.81 8.80 3.67
N PRO C 266 21.71 9.66 4.16
CA PRO C 266 21.63 10.06 5.57
C PRO C 266 20.39 10.89 5.83
N ASN C 267 19.92 10.83 7.08
CA ASN C 267 18.69 11.50 7.49
C ASN C 267 17.62 11.37 6.40
N ALA C 268 17.45 10.17 5.87
CA ALA C 268 16.54 9.95 4.76
C ALA C 268 15.15 10.48 5.08
N LEU C 269 14.73 10.37 6.35
CA LEU C 269 13.40 10.81 6.74
C LEU C 269 13.12 12.22 6.24
N THR C 270 14.04 13.14 6.48
CA THR C 270 13.90 14.53 6.06
C THR C 270 14.56 14.81 4.73
N SER C 271 15.20 13.82 4.10
CA SER C 271 15.89 14.07 2.84
C SER C 271 14.93 14.68 1.82
N ASN C 272 13.90 13.93 1.44
CA ASN C 272 12.90 14.44 0.51
C ASN C 272 12.46 15.85 0.90
N VAL C 273 12.41 16.12 2.20
CA VAL C 273 12.07 17.46 2.66
C VAL C 273 13.21 18.42 2.37
N ASP C 274 14.37 18.18 2.99
CA ASP C 274 15.47 19.14 2.92
C ASP C 274 15.77 19.50 1.47
N GLY C 275 15.84 18.50 0.60
CA GLY C 275 16.06 18.74 -0.81
C GLY C 275 15.10 19.79 -1.34
N ALA C 276 13.81 19.49 -1.29
CA ALA C 276 12.82 20.46 -1.76
C ALA C 276 12.99 21.78 -1.05
N MET C 277 13.30 21.72 0.24
CA MET C 277 13.50 22.92 1.03
C MET C 277 14.63 23.76 0.45
N GLU C 278 15.75 23.12 0.10
CA GLU C 278 16.80 23.85 -0.60
C GLU C 278 16.25 24.51 -1.85
N ALA C 279 15.45 23.77 -2.63
CA ALA C 279 14.89 24.32 -3.86
C ALA C 279 14.17 25.64 -3.58
N SER C 280 13.46 25.72 -2.45
CA SER C 280 12.73 26.95 -2.15
C SER C 280 13.69 28.13 -2.07
N LYS C 281 14.82 27.94 -1.38
CA LYS C 281 15.81 29.02 -1.30
C LYS C 281 16.23 29.48 -2.69
N LYS C 282 16.27 28.56 -3.65
CA LYS C 282 16.67 28.92 -5.01
C LYS C 282 15.61 29.79 -5.69
N VAL C 283 14.33 29.53 -5.41
CA VAL C 283 13.27 30.17 -6.19
C VAL C 283 12.96 31.56 -5.62
N TRP C 284 12.49 31.61 -4.38
CA TRP C 284 12.08 32.88 -3.79
C TRP C 284 13.28 33.72 -3.36
N ASN C 285 14.34 33.06 -2.89
CA ASN C 285 15.53 33.77 -2.45
C ASN C 285 16.67 33.60 -3.46
N MET D 1 9.89 -41.67 -21.04
CA MET D 1 8.79 -42.20 -21.89
C MET D 1 7.84 -41.08 -22.29
N LYS D 2 7.03 -40.63 -21.33
CA LYS D 2 6.16 -39.51 -21.55
C LYS D 2 6.97 -38.29 -21.98
N ILE D 3 6.27 -37.30 -22.56
CA ILE D 3 6.88 -36.04 -22.94
C ILE D 3 6.02 -34.91 -22.42
N THR D 4 6.67 -33.89 -21.87
CA THR D 4 5.98 -32.72 -21.33
C THR D 4 6.70 -31.47 -21.77
N VAL D 5 5.93 -30.48 -22.26
CA VAL D 5 6.47 -29.21 -22.72
C VAL D 5 5.86 -28.11 -21.86
N VAL D 6 6.70 -27.17 -21.43
CA VAL D 6 6.29 -26.10 -20.53
C VAL D 6 6.91 -24.80 -21.02
N ASP D 7 6.05 -23.82 -21.31
CA ASP D 7 6.48 -22.45 -21.56
C ASP D 7 6.13 -21.64 -20.33
N LEU D 8 7.15 -21.33 -19.52
CA LEU D 8 6.91 -20.58 -18.29
C LEU D 8 6.39 -19.17 -18.59
N GLY D 9 6.98 -18.50 -19.58
CA GLY D 9 6.57 -17.15 -19.87
C GLY D 9 6.91 -16.21 -18.73
N ASN D 10 6.25 -15.05 -18.76
CA ASN D 10 6.39 -14.06 -17.70
C ASN D 10 5.08 -13.66 -17.06
N ILE D 11 3.94 -13.84 -17.76
CA ILE D 11 2.64 -13.51 -17.21
C ILE D 11 1.74 -14.74 -17.29
N ASN D 12 2.01 -15.62 -18.25
CA ASN D 12 1.22 -16.83 -18.44
C ASN D 12 2.14 -18.04 -18.58
N VAL D 13 1.67 -19.16 -18.06
CA VAL D 13 2.35 -20.44 -18.19
C VAL D 13 1.49 -21.35 -19.06
N LYS D 14 2.12 -22.07 -19.99
CA LYS D 14 1.42 -22.91 -20.93
C LYS D 14 2.07 -24.29 -20.95
N TYR D 15 1.30 -25.31 -20.57
CA TYR D 15 1.81 -26.67 -20.46
C TYR D 15 1.07 -27.57 -21.44
N VAL D 16 1.79 -28.56 -21.97
CA VAL D 16 1.17 -29.58 -22.80
C VAL D 16 1.87 -30.91 -22.52
N GLY D 17 1.08 -31.91 -22.11
CA GLY D 17 1.56 -33.27 -21.92
C GLY D 17 0.47 -34.24 -22.32
N GLU D 18 0.17 -35.19 -21.44
CA GLU D 18 -1.02 -36.02 -21.64
C GLU D 18 -2.28 -35.16 -21.69
N ASN D 19 -2.31 -34.07 -20.93
CA ASN D 19 -3.39 -33.09 -20.97
C ASN D 19 -2.79 -31.70 -21.09
N LYS D 20 -3.33 -30.90 -22.01
CA LYS D 20 -2.82 -29.57 -22.26
C LYS D 20 -3.57 -28.54 -21.42
N GLY D 21 -3.02 -27.33 -21.36
CA GLY D 21 -3.68 -26.25 -20.66
C GLY D 21 -2.74 -25.09 -20.40
N ARG D 22 -3.25 -24.12 -19.67
CA ARG D 22 -2.49 -22.92 -19.35
C ARG D 22 -3.08 -22.29 -18.10
N PHE D 23 -2.30 -21.38 -17.51
CA PHE D 23 -2.74 -20.63 -16.34
C PHE D 23 -1.87 -19.38 -16.22
N SER D 24 -2.07 -18.63 -15.14
CA SER D 24 -1.35 -17.38 -14.94
C SER D 24 -0.04 -17.63 -14.22
N SER D 25 0.94 -16.78 -14.52
CA SER D 25 2.28 -16.91 -13.96
C SER D 25 2.41 -16.31 -12.57
N LYS D 26 1.35 -15.70 -12.03
CA LYS D 26 1.43 -15.09 -10.71
C LYS D 26 1.82 -16.13 -9.67
N ILE D 27 2.78 -15.77 -8.82
CA ILE D 27 3.25 -16.64 -7.76
C ILE D 27 3.46 -15.80 -6.51
N THR D 28 3.07 -16.34 -5.36
CA THR D 28 3.22 -15.65 -4.10
C THR D 28 3.57 -16.64 -3.00
N ASN D 29 4.57 -16.30 -2.19
CA ASN D 29 4.89 -17.05 -0.99
C ASN D 29 4.22 -16.47 0.24
N ASP D 30 3.35 -15.47 0.06
CA ASP D 30 2.71 -14.82 1.19
C ASP D 30 1.86 -15.81 1.97
N TYR D 31 1.84 -15.63 3.29
CA TYR D 31 1.02 -16.48 4.14
C TYR D 31 -0.46 -16.30 3.77
N GLN D 32 -1.21 -17.41 3.85
CA GLN D 32 -2.59 -17.42 3.44
C GLN D 32 -3.43 -18.16 4.49
N SER D 33 -4.64 -17.66 4.71
CA SER D 33 -5.53 -18.22 5.72
C SER D 33 -6.28 -19.43 5.19
N TYR D 34 -7.09 -19.23 4.14
CA TYR D 34 -7.95 -20.30 3.61
C TYR D 34 -7.19 -21.00 2.48
N GLU D 35 -6.27 -21.88 2.89
CA GLU D 35 -5.46 -22.59 1.91
C GLU D 35 -6.31 -23.46 1.00
N GLU D 36 -7.34 -24.10 1.56
CA GLU D 36 -8.24 -24.92 0.77
C GLU D 36 -9.14 -24.00 -0.06
N GLY D 37 -8.99 -24.06 -1.39
CA GLY D 37 -9.71 -23.18 -2.28
C GLY D 37 -8.78 -22.54 -3.29
N PHE D 38 -7.52 -22.42 -2.93
CA PHE D 38 -6.48 -21.92 -3.82
C PHE D 38 -5.66 -23.08 -4.38
N GLN D 39 -4.98 -22.81 -5.49
CA GLN D 39 -4.02 -23.74 -6.06
C GLN D 39 -2.64 -23.42 -5.50
N ARG D 40 -1.93 -24.45 -5.05
CA ARG D 40 -0.66 -24.23 -4.37
C ARG D 40 0.25 -25.44 -4.59
N VAL D 41 1.52 -25.25 -4.27
CA VAL D 41 2.47 -26.35 -4.20
C VAL D 41 3.46 -26.06 -3.09
N GLU D 42 3.83 -27.10 -2.34
CA GLU D 42 4.83 -27.01 -1.30
C GLU D 42 6.02 -27.87 -1.69
N TYR D 43 7.20 -27.26 -1.76
CA TYR D 43 8.43 -27.94 -2.11
C TYR D 43 9.44 -27.74 -1.00
N ASN D 44 10.03 -28.85 -0.54
CA ASN D 44 11.02 -28.86 0.53
C ASN D 44 10.69 -27.88 1.65
N GLY D 45 9.41 -27.78 2.00
CA GLY D 45 8.98 -27.02 3.17
C GLY D 45 8.45 -25.64 2.87
N ILE D 46 8.73 -25.06 1.71
CA ILE D 46 8.28 -23.74 1.35
C ILE D 46 7.04 -23.86 0.46
N LYS D 47 6.02 -23.09 0.78
CA LYS D 47 4.72 -23.16 0.11
C LYS D 47 4.54 -21.95 -0.79
N THR D 48 3.92 -22.16 -1.96
CA THR D 48 3.64 -21.08 -2.88
C THR D 48 2.25 -21.27 -3.47
N TYR D 49 1.52 -20.16 -3.57
CA TYR D 49 0.17 -20.14 -4.13
C TYR D 49 0.23 -19.56 -5.54
N ILE D 50 -0.41 -20.26 -6.47
CA ILE D 50 -0.32 -19.95 -7.89
C ILE D 50 -1.61 -19.27 -8.34
N GLY D 51 -1.51 -18.46 -9.39
CA GLY D 51 -2.66 -17.79 -9.94
C GLY D 51 -3.05 -16.50 -9.24
N VAL D 52 -2.21 -16.00 -8.32
CA VAL D 52 -2.52 -14.80 -7.57
C VAL D 52 -1.25 -14.25 -6.97
N GLY D 53 -1.24 -12.97 -6.66
CA GLY D 53 -0.15 -12.35 -5.94
C GLY D 53 0.76 -11.56 -6.87
N GLU D 54 2.07 -11.77 -6.73
CA GLU D 54 3.05 -11.03 -7.51
C GLU D 54 3.13 -11.62 -8.92
N LEU D 55 4.13 -11.20 -9.69
CA LEU D 55 4.21 -11.56 -11.10
C LEU D 55 5.57 -12.04 -11.56
N SER D 56 6.64 -11.86 -10.78
CA SER D 56 7.96 -12.40 -11.10
C SER D 56 8.46 -11.87 -12.44
N ARG D 57 8.69 -10.56 -12.46
CA ARG D 57 9.13 -9.86 -13.67
C ARG D 57 10.61 -10.07 -13.99
N GLU D 58 11.35 -10.76 -13.14
CA GLU D 58 12.79 -10.86 -13.34
C GLU D 58 13.12 -11.39 -14.72
N PHE D 59 14.02 -10.69 -15.41
CA PHE D 59 14.52 -11.14 -16.69
C PHE D 59 15.41 -12.38 -16.49
N ASN D 60 15.96 -12.91 -17.57
CA ASN D 60 16.79 -14.10 -17.55
C ASN D 60 16.12 -15.18 -16.72
N LYS D 61 14.97 -15.64 -17.21
CA LYS D 61 14.07 -16.49 -16.45
C LYS D 61 14.67 -17.84 -16.10
N ALA D 62 15.95 -18.08 -16.43
CA ALA D 62 16.63 -19.29 -15.98
C ALA D 62 16.70 -19.38 -14.47
N ASP D 63 16.52 -18.26 -13.76
CA ASP D 63 16.67 -18.24 -12.30
C ASP D 63 15.56 -17.46 -11.59
N ARG D 64 14.44 -17.18 -12.26
CA ARG D 64 13.37 -16.40 -11.63
C ARG D 64 12.40 -17.31 -10.88
N ASP D 65 12.94 -18.15 -10.01
CA ASP D 65 12.14 -19.10 -9.23
C ASP D 65 11.21 -19.89 -10.14
N TYR D 66 11.82 -20.56 -11.12
CA TYR D 66 11.09 -21.43 -12.02
C TYR D 66 10.83 -22.77 -11.33
N MET D 67 10.30 -22.72 -10.11
CA MET D 67 10.32 -23.87 -9.23
C MET D 67 8.91 -24.40 -8.97
N ALA D 68 8.02 -23.57 -8.44
CA ALA D 68 6.66 -24.02 -8.14
C ALA D 68 5.81 -24.14 -9.40
N GLN D 69 5.93 -23.18 -10.32
CA GLN D 69 5.14 -23.23 -11.54
C GLN D 69 5.42 -24.50 -12.33
N LEU D 70 6.70 -24.88 -12.42
CA LEU D 70 7.05 -26.06 -13.19
C LEU D 70 6.38 -27.31 -12.63
N LEU D 71 6.55 -27.56 -11.32
CA LEU D 71 5.99 -28.77 -10.72
C LEU D 71 4.48 -28.75 -10.79
N TYR D 72 3.87 -27.59 -10.56
CA TYR D 72 2.41 -27.49 -10.66
C TYR D 72 1.93 -27.86 -12.06
N SER D 73 2.61 -27.34 -13.09
CA SER D 73 2.24 -27.66 -14.45
C SER D 73 2.43 -29.14 -14.76
N LEU D 74 3.53 -29.74 -14.29
CA LEU D 74 3.74 -31.16 -14.52
C LEU D 74 2.62 -31.98 -13.89
N ALA D 75 2.27 -31.66 -12.64
CA ALA D 75 1.21 -32.41 -11.97
C ALA D 75 -0.12 -32.25 -12.70
N LYS D 76 -0.44 -31.02 -13.11
CA LYS D 76 -1.73 -30.80 -13.76
C LYS D 76 -1.79 -31.50 -15.11
N ALA D 77 -0.71 -31.47 -15.89
CA ALA D 77 -0.73 -32.04 -17.23
C ALA D 77 -0.85 -33.55 -17.18
N ASN D 78 0.14 -34.21 -16.57
CA ASN D 78 0.15 -35.66 -16.49
C ASN D 78 -0.76 -36.12 -15.35
N THR D 79 -0.67 -37.39 -14.99
CA THR D 79 -1.47 -37.97 -13.91
C THR D 79 -0.54 -38.44 -12.79
N ALA D 80 -1.15 -38.84 -11.68
CA ALA D 80 -0.39 -39.24 -10.51
C ALA D 80 0.46 -40.48 -10.78
N ASP D 81 -0.06 -41.40 -11.59
CA ASP D 81 0.66 -42.66 -11.83
C ASP D 81 2.01 -42.41 -12.48
N THR D 82 2.08 -41.45 -13.40
CA THR D 82 3.32 -41.18 -14.10
C THR D 82 4.44 -40.81 -13.13
N LYS D 83 5.60 -41.39 -13.33
CA LYS D 83 6.78 -41.12 -12.51
C LYS D 83 7.94 -40.56 -13.30
N GLU D 84 8.23 -41.10 -14.48
CA GLU D 84 9.34 -40.66 -15.31
C GLU D 84 8.82 -40.02 -16.59
N ILE D 85 9.42 -38.90 -16.97
CA ILE D 85 9.00 -38.17 -18.16
C ILE D 85 10.22 -37.56 -18.84
N ASN D 86 10.01 -36.93 -20.00
CA ASN D 86 11.02 -36.18 -20.70
C ASN D 86 10.54 -34.74 -20.82
N LEU D 87 11.30 -33.81 -20.24
CA LEU D 87 10.92 -32.42 -20.23
C LEU D 87 11.56 -31.69 -21.40
N THR D 88 10.77 -30.85 -22.07
CA THR D 88 11.24 -30.03 -23.19
C THR D 88 10.84 -28.59 -22.90
N LEU D 89 11.77 -27.81 -22.37
CA LEU D 89 11.51 -26.43 -22.00
C LEU D 89 11.83 -25.49 -23.17
N LEU D 90 11.30 -24.27 -23.08
CA LEU D 90 11.47 -23.24 -24.10
C LEU D 90 12.10 -22.03 -23.44
N LEU D 91 13.32 -21.73 -23.83
CA LEU D 91 14.02 -20.54 -23.37
C LEU D 91 14.08 -19.50 -24.48
N PRO D 92 14.30 -18.23 -24.14
CA PRO D 92 14.45 -17.22 -25.18
C PRO D 92 15.69 -17.49 -26.01
N ILE D 93 15.65 -17.00 -27.25
CA ILE D 93 16.60 -17.40 -28.28
C ILE D 93 17.98 -16.79 -28.01
N ILE D 94 18.12 -16.06 -26.91
CA ILE D 94 19.39 -15.42 -26.57
C ILE D 94 20.02 -15.95 -25.30
N GLN D 95 19.26 -16.58 -24.40
CA GLN D 95 19.79 -17.04 -23.11
C GLN D 95 20.11 -18.54 -23.11
N MET D 96 20.65 -19.05 -24.22
CA MET D 96 20.88 -20.49 -24.33
C MET D 96 21.85 -20.99 -23.28
N LYS D 97 22.96 -20.29 -23.06
CA LYS D 97 24.01 -20.81 -22.20
C LYS D 97 23.48 -21.08 -20.81
N ASN D 98 22.43 -20.37 -20.39
CA ASN D 98 21.83 -20.61 -19.09
C ASN D 98 21.27 -22.01 -18.98
N LYS D 99 21.05 -22.70 -20.10
CA LYS D 99 20.62 -24.10 -20.03
C LYS D 99 21.61 -24.94 -19.25
N THR D 100 22.90 -24.57 -19.29
CA THR D 100 23.88 -25.28 -18.47
C THR D 100 23.52 -25.18 -16.99
N ARG D 101 23.13 -23.98 -16.55
CA ARG D 101 22.67 -23.81 -15.17
C ARG D 101 21.34 -24.50 -14.92
N LEU D 102 20.59 -24.81 -15.97
CA LEU D 102 19.30 -25.48 -15.80
C LEU D 102 19.50 -26.99 -15.61
N ILE D 103 20.15 -27.63 -16.58
CA ILE D 103 20.25 -29.09 -16.59
C ILE D 103 20.84 -29.58 -15.27
N GLU D 104 21.91 -28.92 -14.80
CA GLU D 104 22.60 -29.36 -13.60
C GLU D 104 21.63 -29.50 -12.43
N THR D 105 20.62 -28.64 -12.35
CA THR D 105 19.70 -28.66 -11.22
C THR D 105 18.47 -29.54 -11.45
N LEU D 106 18.28 -30.06 -12.65
CA LEU D 106 17.07 -30.82 -12.96
C LEU D 106 17.34 -32.23 -13.43
N LYS D 107 18.33 -32.43 -14.30
CA LYS D 107 18.54 -33.75 -14.92
C LYS D 107 18.78 -34.80 -13.85
N GLY D 108 18.07 -35.93 -13.98
CA GLY D 108 18.24 -37.02 -13.04
C GLY D 108 17.93 -36.63 -11.61
N GLU D 109 16.87 -35.86 -11.40
CA GLU D 109 16.45 -35.41 -10.08
C GLU D 109 15.02 -35.80 -9.83
N ASN D 110 14.74 -36.25 -8.61
CA ASN D 110 13.39 -36.61 -8.19
C ASN D 110 12.81 -35.50 -7.33
N PHE D 111 11.64 -35.01 -7.71
CA PHE D 111 10.96 -33.93 -7.01
C PHE D 111 9.69 -34.47 -6.38
N LYS D 112 9.53 -34.22 -5.08
CA LYS D 112 8.33 -34.56 -4.33
C LYS D 112 7.64 -33.28 -3.92
N PHE D 113 6.31 -33.25 -4.07
CA PHE D 113 5.56 -32.06 -3.72
C PHE D 113 4.14 -32.44 -3.35
N LYS D 114 3.37 -31.43 -2.92
CA LYS D 114 2.05 -31.64 -2.36
C LYS D 114 0.94 -31.51 -3.41
N PHE D 115 0.90 -30.39 -4.13
CA PHE D 115 -0.12 -30.16 -5.14
C PHE D 115 -1.52 -30.23 -4.52
N ASN D 116 -1.76 -29.27 -3.62
CA ASN D 116 -3.05 -29.13 -2.93
C ASN D 116 -3.28 -30.25 -1.92
N GLY D 117 -2.20 -30.75 -1.32
CA GLY D 117 -2.29 -31.70 -0.23
C GLY D 117 -2.13 -33.15 -0.62
N ILE D 118 -2.33 -33.49 -1.90
CA ILE D 118 -2.22 -34.87 -2.36
C ILE D 118 -0.76 -35.09 -2.73
N ASP D 119 0.04 -35.50 -1.75
CA ASP D 119 1.47 -35.63 -1.95
C ASP D 119 1.77 -36.62 -3.08
N ARG D 120 2.79 -36.30 -3.87
CA ARG D 120 3.21 -37.16 -4.97
C ARG D 120 4.67 -36.85 -5.30
N GLU D 121 5.22 -37.68 -6.18
CA GLU D 121 6.61 -37.59 -6.61
C GLU D 121 6.66 -37.64 -8.12
N ILE D 122 7.81 -37.25 -8.68
CA ILE D 122 8.01 -37.31 -10.12
C ILE D 122 9.49 -37.22 -10.41
N LYS D 123 9.93 -37.93 -11.44
CA LYS D 123 11.31 -37.86 -11.92
C LYS D 123 11.30 -37.59 -13.41
N ILE D 124 12.41 -37.06 -13.91
CA ILE D 124 12.58 -36.73 -15.31
C ILE D 124 13.79 -37.49 -15.84
N ASN D 125 13.60 -38.25 -16.92
CA ASN D 125 14.70 -39.01 -17.50
C ASN D 125 15.79 -38.08 -18.00
N ASP D 126 15.46 -37.24 -18.98
CA ASP D 126 16.42 -36.29 -19.53
C ASP D 126 15.71 -34.97 -19.81
N LEU D 127 16.48 -33.89 -19.79
CA LEU D 127 15.96 -32.55 -20.06
C LEU D 127 16.41 -32.08 -21.44
N MET D 128 15.56 -31.30 -22.09
CA MET D 128 15.86 -30.74 -23.39
C MET D 128 15.36 -29.31 -23.43
N VAL D 129 16.00 -28.49 -24.26
CA VAL D 129 15.72 -27.05 -24.31
C VAL D 129 15.64 -26.63 -25.78
N LEU D 130 14.71 -25.71 -26.06
CA LEU D 130 14.58 -25.16 -27.41
C LEU D 130 14.41 -23.65 -27.33
N PRO D 131 14.86 -22.92 -28.35
CA PRO D 131 14.60 -21.47 -28.38
C PRO D 131 13.12 -21.18 -28.52
N GLU D 132 12.72 -20.03 -27.99
CA GLU D 132 11.38 -19.53 -28.21
C GLU D 132 11.23 -19.06 -29.66
N GLY D 133 10.01 -19.18 -30.18
CA GLY D 133 9.74 -18.75 -31.54
C GLY D 133 10.19 -19.76 -32.57
N TYR D 134 11.49 -20.09 -32.57
CA TYR D 134 11.96 -21.19 -33.43
C TYR D 134 11.08 -22.42 -33.30
N ALA D 135 10.68 -22.75 -32.08
CA ALA D 135 9.83 -23.91 -31.87
C ALA D 135 8.57 -23.82 -32.72
N SER D 136 7.90 -22.66 -32.69
CA SER D 136 6.61 -22.53 -33.35
C SER D 136 6.68 -22.86 -34.82
N TYR D 137 7.86 -22.74 -35.44
CA TYR D 137 8.00 -23.03 -36.85
C TYR D 137 7.51 -24.44 -37.17
N TYR D 138 7.75 -25.39 -36.27
CA TYR D 138 7.31 -26.76 -36.51
C TYR D 138 5.79 -26.85 -36.51
N SER D 139 5.13 -26.12 -35.61
CA SER D 139 3.67 -26.07 -35.61
C SER D 139 3.11 -25.39 -36.84
N LEU D 140 3.94 -24.66 -37.58
CA LEU D 140 3.48 -23.90 -38.73
C LEU D 140 2.99 -24.83 -39.84
N ASP D 141 2.13 -24.30 -40.68
CA ASP D 141 1.60 -25.07 -41.79
C ASP D 141 2.67 -25.26 -42.86
N ILE D 142 2.51 -26.31 -43.66
CA ILE D 142 3.51 -26.66 -44.66
C ILE D 142 3.63 -25.56 -45.70
N GLU D 143 2.51 -24.91 -46.04
CA GLU D 143 2.52 -23.92 -47.11
C GLU D 143 3.47 -22.77 -46.82
N ASN D 144 3.82 -22.55 -45.55
CA ASN D 144 4.71 -21.46 -45.18
C ASN D 144 6.13 -21.92 -44.90
N LYS D 145 6.34 -23.22 -44.66
CA LYS D 145 7.68 -23.70 -44.31
C LYS D 145 8.65 -23.54 -45.47
N LYS D 146 8.21 -23.83 -46.70
CA LYS D 146 9.12 -23.81 -47.83
C LYS D 146 9.72 -22.43 -48.05
N GLY D 147 8.90 -21.39 -47.96
CA GLY D 147 9.39 -20.05 -48.21
C GLY D 147 10.27 -19.53 -47.09
N ASP D 148 11.04 -18.50 -47.41
CA ASP D 148 11.86 -17.81 -46.42
C ASP D 148 10.95 -16.98 -45.53
N VAL D 149 10.85 -17.34 -44.26
CA VAL D 149 9.89 -16.74 -43.35
C VAL D 149 10.62 -16.12 -42.17
N CYS D 150 9.87 -15.42 -41.33
CA CYS D 150 10.38 -14.79 -40.13
C CYS D 150 9.40 -15.08 -39.00
N ILE D 151 9.82 -15.89 -38.04
CA ILE D 151 9.01 -16.15 -36.85
C ILE D 151 9.21 -14.98 -35.90
N LEU D 152 8.10 -14.33 -35.52
CA LEU D 152 8.11 -13.15 -34.67
C LEU D 152 7.19 -13.41 -33.50
N ASP D 153 7.77 -13.73 -32.34
CA ASP D 153 7.01 -13.96 -31.13
C ASP D 153 6.95 -12.66 -30.34
N LEU D 154 5.73 -12.19 -30.06
CA LEU D 154 5.50 -10.95 -29.32
C LEU D 154 5.11 -11.33 -27.90
N GLY D 155 6.13 -11.55 -27.06
CA GLY D 155 5.90 -11.93 -25.68
C GLY D 155 5.47 -10.76 -24.83
N SER D 156 5.14 -11.09 -23.57
CA SER D 156 4.71 -10.05 -22.64
C SER D 156 5.83 -9.06 -22.38
N ARG D 157 7.08 -9.53 -22.35
CA ARG D 157 8.23 -8.66 -22.15
C ARG D 157 9.34 -8.84 -23.18
N THR D 158 9.33 -9.92 -23.96
CA THR D 158 10.40 -10.22 -24.90
C THR D 158 9.83 -10.41 -26.29
N ILE D 159 10.48 -9.77 -27.27
CA ILE D 159 10.20 -10.00 -28.68
C ILE D 159 11.29 -10.91 -29.20
N ASN D 160 10.90 -12.04 -29.80
CA ASN D 160 11.84 -13.02 -30.31
C ASN D 160 11.75 -13.06 -31.83
N ILE D 161 12.89 -12.88 -32.50
CA ILE D 161 12.96 -12.87 -33.95
C ILE D 161 13.83 -14.04 -34.38
N CYS D 162 13.29 -14.89 -35.26
CA CYS D 162 14.05 -15.99 -35.84
C CYS D 162 13.73 -16.06 -37.32
N VAL D 163 14.71 -15.70 -38.15
CA VAL D 163 14.53 -15.69 -39.60
C VAL D 163 14.94 -17.06 -40.14
N LEU D 164 14.05 -17.71 -40.87
CA LEU D 164 14.27 -19.04 -41.40
C LEU D 164 14.36 -18.98 -42.92
N GLU D 165 15.47 -19.47 -43.46
CA GLU D 165 15.58 -19.75 -44.88
C GLU D 165 14.91 -21.08 -45.15
N ASN D 166 15.19 -21.70 -46.29
CA ASN D 166 14.49 -22.92 -46.66
C ASN D 166 14.89 -24.05 -45.72
N ALA D 167 14.21 -24.12 -44.58
CA ALA D 167 14.46 -25.11 -43.52
C ALA D 167 15.74 -24.83 -42.74
N LYS D 168 16.26 -23.61 -42.82
CA LYS D 168 17.47 -23.23 -42.10
C LYS D 168 17.30 -21.82 -41.55
N ILE D 169 18.00 -21.54 -40.46
CA ILE D 169 17.95 -20.25 -39.80
C ILE D 169 19.11 -19.39 -40.28
N VAL D 170 18.87 -18.08 -40.32
CA VAL D 170 19.88 -17.10 -40.72
C VAL D 170 20.12 -16.06 -39.63
N LYS D 171 19.04 -15.52 -39.06
CA LYS D 171 19.14 -14.47 -38.06
C LYS D 171 18.36 -14.88 -36.81
N THR D 172 18.89 -14.51 -35.65
CA THR D 172 18.28 -14.84 -34.37
C THR D 172 18.56 -13.71 -33.40
N ASN D 173 17.51 -13.17 -32.78
CA ASN D 173 17.74 -12.08 -31.83
C ASN D 173 16.53 -11.88 -30.94
N THR D 174 16.75 -11.07 -29.90
CA THR D 174 15.74 -10.76 -28.89
C THR D 174 15.72 -9.27 -28.62
N ILE D 175 14.55 -8.77 -28.27
CA ILE D 175 14.35 -7.37 -27.90
C ILE D 175 13.57 -7.32 -26.60
N LYS D 176 13.93 -6.37 -25.73
CA LYS D 176 13.23 -6.19 -24.46
C LYS D 176 12.03 -5.31 -24.71
N LEU D 177 10.88 -5.95 -24.96
CA LEU D 177 9.65 -5.23 -25.26
C LEU D 177 8.50 -6.22 -25.30
N GLY D 178 7.32 -5.74 -24.95
CA GLY D 178 6.15 -6.59 -24.95
C GLY D 178 4.96 -5.88 -24.32
N SER D 179 3.91 -6.67 -24.08
CA SER D 179 2.67 -6.12 -23.54
C SER D 179 2.83 -5.54 -22.15
N PHE D 180 3.85 -5.98 -21.41
CA PHE D 180 4.07 -5.43 -20.07
C PHE D 180 4.35 -3.94 -20.13
N ASP D 181 5.14 -3.52 -21.12
CA ASP D 181 5.40 -2.09 -21.28
C ASP D 181 4.13 -1.33 -21.63
N PHE D 182 3.26 -1.94 -22.43
CA PHE D 182 1.97 -1.32 -22.73
C PHE D 182 1.12 -1.14 -21.48
N TYR D 183 1.10 -2.17 -20.63
CA TYR D 183 0.36 -2.07 -19.37
C TYR D 183 0.95 -0.97 -18.48
N SER D 184 2.27 -0.89 -18.43
CA SER D 184 2.93 0.18 -17.68
C SER D 184 2.53 1.54 -18.23
N LYS D 185 2.47 1.67 -19.56
CA LYS D 185 2.07 2.93 -20.16
C LYS D 185 0.65 3.30 -19.77
N ILE D 186 -0.26 2.33 -19.82
CA ILE D 186 -1.66 2.62 -19.47
C ILE D 186 -1.76 3.03 -18.01
N LYS D 187 -1.11 2.28 -17.12
CA LYS D 187 -1.19 2.62 -15.71
C LYS D 187 -0.52 3.96 -15.42
N SER D 188 0.47 4.35 -16.22
CA SER D 188 1.14 5.63 -16.00
C SER D 188 0.14 6.78 -16.02
N LEU D 189 -0.86 6.71 -16.90
CA LEU D 189 -1.87 7.76 -16.97
C LEU D 189 -3.11 7.44 -16.14
N GLU D 190 -3.38 6.17 -15.85
CA GLU D 190 -4.55 5.85 -15.03
C GLU D 190 -4.28 6.13 -13.56
N ASN D 191 -3.20 5.57 -13.02
CA ASN D 191 -2.84 5.80 -11.63
C ASN D 191 -2.68 7.29 -11.33
N ALA D 192 -2.35 8.09 -12.34
CA ALA D 192 -2.07 9.50 -12.11
C ALA D 192 -3.27 10.22 -11.53
N LYS D 193 -4.46 9.99 -12.09
CA LYS D 193 -5.63 10.77 -11.69
C LYS D 193 -5.98 10.53 -10.23
N GLY D 194 -6.49 9.35 -9.90
CA GLY D 194 -6.81 9.02 -8.52
C GLY D 194 -6.68 7.55 -8.16
N GLU D 195 -6.27 6.72 -9.10
CA GLU D 195 -6.48 5.29 -8.99
C GLU D 195 -5.21 4.61 -8.47
N ASP D 196 -5.27 3.27 -8.36
CA ASP D 196 -4.21 2.48 -7.75
C ASP D 196 -3.96 1.22 -8.56
N TYR D 197 -4.15 1.29 -9.88
CA TYR D 197 -3.95 0.12 -10.72
C TYR D 197 -2.47 -0.18 -10.89
N ILE D 198 -2.18 -1.45 -11.16
CA ILE D 198 -0.83 -1.93 -11.40
C ILE D 198 -0.85 -2.82 -12.65
N GLU D 199 0.32 -3.35 -13.00
CA GLU D 199 0.46 -4.12 -14.22
C GLU D 199 -0.25 -5.46 -14.17
N GLU D 200 -0.72 -5.89 -13.00
CA GLU D 200 -1.36 -7.19 -12.86
C GLU D 200 -2.86 -7.14 -13.11
N ASP D 201 -3.57 -6.26 -12.42
CA ASP D 201 -5.02 -6.18 -12.49
C ASP D 201 -5.51 -5.14 -13.50
N ILE D 202 -4.75 -4.93 -14.57
CA ILE D 202 -5.07 -3.88 -15.54
C ILE D 202 -5.67 -4.49 -16.79
N GLN D 203 -5.17 -5.66 -17.21
CA GLN D 203 -5.74 -6.32 -18.37
C GLN D 203 -7.19 -6.72 -18.13
N ARG D 204 -7.48 -7.23 -16.92
CA ARG D 204 -8.85 -7.57 -16.58
C ARG D 204 -9.76 -6.35 -16.67
N LEU D 205 -9.25 -5.17 -16.32
CA LEU D 205 -10.05 -3.96 -16.43
C LEU D 205 -10.42 -3.67 -17.88
N ILE D 206 -9.46 -3.86 -18.80
CA ILE D 206 -9.77 -3.71 -20.21
C ILE D 206 -10.82 -4.73 -20.64
N ASP D 207 -10.64 -5.98 -20.18
CA ASP D 207 -11.55 -7.04 -20.60
C ASP D 207 -12.98 -6.78 -20.13
N ASN D 208 -13.16 -6.33 -18.88
CA ASN D 208 -14.48 -6.14 -18.32
C ASN D 208 -15.10 -4.79 -18.68
N GLY D 209 -14.32 -3.87 -19.24
CA GLY D 209 -14.87 -2.63 -19.73
C GLY D 209 -14.87 -1.49 -18.73
N LEU D 210 -13.73 -1.24 -18.10
CA LEU D 210 -13.53 -0.06 -17.27
C LEU D 210 -12.50 0.90 -17.85
N ILE D 211 -11.39 0.39 -18.37
CA ILE D 211 -10.39 1.20 -19.03
C ILE D 211 -10.81 1.39 -20.48
N LYS D 212 -10.92 2.64 -20.91
CA LYS D 212 -11.27 2.95 -22.30
C LYS D 212 -9.96 3.09 -23.07
N VAL D 213 -9.54 2.00 -23.70
CA VAL D 213 -8.30 1.97 -24.47
C VAL D 213 -8.60 2.50 -25.88
N ASP D 214 -8.10 3.70 -26.17
CA ASP D 214 -8.30 4.25 -27.50
C ASP D 214 -7.60 3.40 -28.55
N SER D 215 -8.21 3.33 -29.73
CA SER D 215 -7.68 2.45 -30.78
C SER D 215 -6.26 2.81 -31.15
N LYS D 216 -5.88 4.09 -31.00
CA LYS D 216 -4.58 4.53 -31.48
C LYS D 216 -3.44 4.18 -30.55
N GLN D 217 -3.71 3.83 -29.29
CA GLN D 217 -2.65 3.33 -28.43
C GLN D 217 -2.11 2.00 -28.95
N TYR D 218 -2.99 1.13 -29.43
CA TYR D 218 -2.53 -0.10 -30.07
C TYR D 218 -1.68 0.20 -31.28
N ILE D 219 -2.06 1.22 -32.06
CA ILE D 219 -1.27 1.60 -33.24
C ILE D 219 0.11 2.10 -32.81
N GLU D 220 0.15 2.88 -31.74
CA GLU D 220 1.44 3.36 -31.23
C GLU D 220 2.32 2.19 -30.81
N PHE D 221 1.74 1.21 -30.11
CA PHE D 221 2.51 0.03 -29.71
C PHE D 221 2.99 -0.75 -30.93
N LEU D 222 2.12 -0.86 -31.94
CA LEU D 222 2.51 -1.55 -33.17
C LEU D 222 3.69 -0.87 -33.84
N SER D 223 3.64 0.46 -33.93
CA SER D 223 4.76 1.19 -34.51
C SER D 223 6.02 1.02 -33.69
N ASP D 224 5.89 1.03 -32.36
CA ASP D 224 7.05 0.87 -31.49
C ASP D 224 7.72 -0.48 -31.71
N ILE D 225 6.92 -1.56 -31.74
CA ILE D 225 7.51 -2.87 -31.94
C ILE D 225 8.08 -2.99 -33.35
N LEU D 226 7.36 -2.47 -34.36
CA LEU D 226 7.87 -2.50 -35.72
C LEU D 226 9.04 -1.57 -35.93
N ASN D 227 9.22 -0.59 -35.03
CA ASN D 227 10.44 0.20 -35.01
C ASN D 227 11.61 -0.57 -34.40
N ALA D 228 11.35 -1.69 -33.74
CA ALA D 228 12.37 -2.51 -33.09
C ALA D 228 12.77 -3.71 -33.94
N VAL D 229 12.35 -3.74 -35.20
CA VAL D 229 12.67 -4.85 -36.09
C VAL D 229 13.35 -4.41 -37.37
N LYS D 230 13.30 -3.13 -37.73
CA LYS D 230 13.93 -2.68 -38.98
C LYS D 230 15.42 -2.96 -39.01
N PRO D 231 16.20 -2.72 -37.95
CA PRO D 231 17.65 -2.99 -38.03
C PRO D 231 17.95 -4.45 -38.33
N TYR D 232 17.06 -5.36 -37.96
CA TYR D 232 17.32 -6.79 -38.09
C TYR D 232 16.54 -7.43 -39.23
N VAL D 233 15.36 -6.91 -39.57
CA VAL D 233 14.50 -7.53 -40.56
C VAL D 233 13.72 -6.44 -41.29
N ASN D 234 13.46 -6.69 -42.57
CA ASN D 234 12.54 -5.88 -43.36
C ASN D 234 11.24 -6.66 -43.49
N LEU D 235 10.22 -6.25 -42.74
CA LEU D 235 9.00 -7.04 -42.63
C LEU D 235 8.29 -7.22 -43.96
N LYS D 236 8.50 -6.32 -44.91
CA LYS D 236 7.94 -6.51 -46.24
C LYS D 236 8.47 -7.79 -46.87
N THR D 237 9.76 -8.05 -46.72
CA THR D 237 10.35 -9.33 -47.05
C THR D 237 10.14 -10.31 -45.89
N TYR D 238 10.51 -11.56 -46.10
CA TYR D 238 10.53 -12.56 -45.04
C TYR D 238 9.13 -12.74 -44.44
N ASN D 239 8.25 -13.32 -45.26
CA ASN D 239 6.87 -13.56 -44.86
C ASN D 239 6.80 -13.91 -43.38
N THR D 240 5.95 -13.21 -42.64
CA THR D 240 6.05 -13.15 -41.19
C THR D 240 4.99 -14.03 -40.53
N ILE D 241 5.40 -14.73 -39.49
CA ILE D 241 4.49 -15.53 -38.67
C ILE D 241 4.49 -14.89 -37.29
N PHE D 242 3.42 -14.15 -36.99
CA PHE D 242 3.23 -13.56 -35.67
C PHE D 242 2.76 -14.64 -34.70
N THR D 243 3.40 -14.69 -33.53
CA THR D 243 3.04 -15.65 -32.50
C THR D 243 3.03 -14.96 -31.15
N GLY D 244 2.40 -15.61 -30.18
CA GLY D 244 2.28 -15.07 -28.84
C GLY D 244 0.92 -14.45 -28.59
N GLY D 245 0.60 -14.28 -27.30
CA GLY D 245 -0.69 -13.73 -26.94
C GLY D 245 -0.88 -12.31 -27.43
N THR D 246 0.20 -11.53 -27.43
CA THR D 246 0.12 -10.15 -27.92
C THR D 246 -0.36 -10.12 -29.37
N SER D 247 -0.01 -11.13 -30.16
CA SER D 247 -0.49 -11.18 -31.54
C SER D 247 -2.00 -11.30 -31.58
N LEU D 248 -2.58 -12.17 -30.74
CA LEU D 248 -4.04 -12.24 -30.65
C LEU D 248 -4.61 -10.93 -30.15
N MET D 249 -3.91 -10.28 -29.22
CA MET D 249 -4.38 -9.03 -28.67
C MET D 249 -4.46 -7.94 -29.72
N LEU D 250 -3.54 -7.94 -30.69
CA LEU D 250 -3.45 -6.88 -31.68
C LEU D 250 -3.84 -7.33 -33.10
N LYS D 251 -4.41 -8.52 -33.26
CA LYS D 251 -4.56 -9.10 -34.59
C LYS D 251 -5.37 -8.24 -35.53
N GLU D 252 -6.51 -7.70 -35.08
CA GLU D 252 -7.36 -6.95 -35.99
C GLU D 252 -6.70 -5.68 -36.49
N TYR D 253 -5.69 -5.20 -35.77
CA TYR D 253 -4.90 -4.04 -36.14
C TYR D 253 -3.66 -4.41 -36.94
N ILE D 254 -3.13 -5.60 -36.69
CA ILE D 254 -2.02 -6.13 -37.49
C ILE D 254 -2.48 -6.41 -38.91
N GLU D 255 -3.72 -6.90 -39.04
CA GLU D 255 -4.22 -7.29 -40.36
C GLU D 255 -4.32 -6.14 -41.34
N LYS D 256 -4.28 -4.89 -40.86
CA LYS D 256 -4.39 -3.72 -41.70
C LYS D 256 -3.05 -3.02 -41.91
N LEU D 257 -1.97 -3.80 -41.98
CA LEU D 257 -0.65 -3.26 -42.16
C LEU D 257 -0.28 -3.19 -43.63
N PRO D 258 0.68 -2.32 -44.00
CA PRO D 258 1.16 -2.23 -45.39
C PRO D 258 2.22 -3.29 -45.72
N LEU D 259 1.94 -4.53 -45.35
CA LEU D 259 2.86 -5.64 -45.56
C LEU D 259 2.32 -6.54 -46.66
N ASN D 260 3.18 -6.86 -47.64
CA ASN D 260 2.74 -7.63 -48.79
C ASN D 260 2.30 -9.03 -48.39
N LYS D 261 3.07 -9.70 -47.53
CA LYS D 261 2.82 -11.09 -47.18
C LYS D 261 3.07 -11.29 -45.70
N PHE D 262 2.08 -11.81 -45.00
CA PHE D 262 2.17 -12.05 -43.56
C PHE D 262 0.95 -12.85 -43.13
N LYS D 263 0.86 -13.11 -41.83
CA LYS D 263 -0.28 -13.79 -41.23
C LYS D 263 -0.08 -13.82 -39.73
N VAL D 264 -1.17 -14.07 -39.00
CA VAL D 264 -1.15 -14.27 -37.56
C VAL D 264 -1.37 -15.75 -37.29
N HIS D 265 -0.46 -16.36 -36.55
CA HIS D 265 -0.50 -17.80 -36.36
C HIS D 265 -1.78 -18.19 -35.62
N PRO D 266 -2.47 -19.24 -36.06
CA PRO D 266 -3.59 -19.75 -35.28
C PRO D 266 -3.11 -20.35 -33.97
N ASN D 267 -3.99 -20.31 -32.96
CA ASN D 267 -3.68 -20.77 -31.62
C ASN D 267 -2.27 -20.34 -31.22
N ALA D 268 -1.94 -19.07 -31.49
CA ALA D 268 -0.57 -18.60 -31.25
C ALA D 268 -0.14 -18.86 -29.82
N LEU D 269 -1.08 -18.79 -28.86
CA LEU D 269 -0.73 -19.00 -27.47
C LEU D 269 0.07 -20.28 -27.28
N THR D 270 -0.41 -21.38 -27.86
CA THR D 270 0.26 -22.67 -27.75
C THR D 270 1.18 -22.95 -28.93
N SER D 271 1.27 -22.05 -29.91
CA SER D 271 2.10 -22.31 -31.08
C SER D 271 3.53 -22.63 -30.66
N ASN D 272 4.21 -21.66 -30.04
CA ASN D 272 5.56 -21.88 -29.55
C ASN D 272 5.66 -23.20 -28.81
N VAL D 273 4.60 -23.58 -28.10
CA VAL D 273 4.58 -24.86 -27.41
C VAL D 273 4.48 -26.00 -28.43
N ASP D 274 3.37 -26.04 -29.17
CA ASP D 274 3.10 -27.18 -30.04
C ASP D 274 4.29 -27.46 -30.94
N GLY D 275 4.85 -26.43 -31.55
CA GLY D 275 6.01 -26.57 -32.38
C GLY D 275 7.10 -27.36 -31.68
N ALA D 276 7.60 -26.82 -30.56
CA ALA D 276 8.62 -27.52 -29.81
C ALA D 276 8.15 -28.92 -29.45
N MET D 277 6.87 -29.04 -29.10
CA MET D 277 6.30 -30.32 -28.74
C MET D 277 6.43 -31.31 -29.90
N GLU D 278 6.12 -30.86 -31.12
CA GLU D 278 6.38 -31.72 -32.28
C GLU D 278 7.84 -32.15 -32.32
N ALA D 279 8.75 -31.19 -32.09
CA ALA D 279 10.18 -31.52 -32.12
C ALA D 279 10.49 -32.68 -31.19
N SER D 280 9.84 -32.73 -30.02
CA SER D 280 10.11 -33.81 -29.09
C SER D 280 9.82 -35.16 -29.74
N LYS D 281 8.67 -35.26 -30.41
CA LYS D 281 8.34 -36.50 -31.10
C LYS D 281 9.44 -36.91 -32.07
N LYS D 282 10.10 -35.93 -32.67
CA LYS D 282 11.16 -36.24 -33.63
C LYS D 282 12.38 -36.82 -32.93
N VAL D 283 12.69 -36.34 -31.73
CA VAL D 283 13.95 -36.71 -31.08
C VAL D 283 13.84 -38.04 -30.36
N TRP D 284 12.98 -38.11 -29.35
CA TRP D 284 12.88 -39.34 -28.56
C TRP D 284 12.10 -40.42 -29.29
N ASN D 285 11.09 -40.04 -30.07
CA ASN D 285 10.28 -40.99 -30.80
C ASN D 285 10.62 -40.96 -32.29
N MET E 1 15.96 35.51 -44.36
CA MET E 1 17.11 36.32 -43.88
C MET E 1 18.08 35.44 -43.11
N LYS E 2 17.69 35.08 -41.88
CA LYS E 2 18.48 34.16 -41.09
C LYS E 2 18.70 32.86 -41.84
N ILE E 3 19.69 32.09 -41.39
CA ILE E 3 19.97 30.77 -41.95
C ILE E 3 20.10 29.78 -40.81
N THR E 4 19.49 28.60 -40.97
CA THR E 4 19.55 27.56 -39.97
C THR E 4 19.81 26.23 -40.64
N VAL E 5 20.76 25.46 -40.09
CA VAL E 5 21.14 24.15 -40.61
C VAL E 5 20.87 23.12 -39.54
N VAL E 6 20.27 22.01 -39.94
CA VAL E 6 19.85 20.96 -39.02
C VAL E 6 20.22 19.61 -39.62
N ASP E 7 21.03 18.84 -38.89
CA ASP E 7 21.30 17.45 -39.21
C ASP E 7 20.52 16.61 -38.21
N LEU E 8 19.41 16.03 -38.67
CA LEU E 8 18.58 15.23 -37.79
C LEU E 8 19.32 13.99 -37.29
N GLY E 9 20.02 13.31 -38.19
CA GLY E 9 20.70 12.10 -37.81
C GLY E 9 19.72 11.01 -37.44
N ASN E 10 20.24 10.00 -36.73
CA ASN E 10 19.43 8.91 -36.22
C ASN E 10 19.55 8.72 -34.72
N ILE E 11 20.63 9.17 -34.10
CA ILE E 11 20.80 9.06 -32.65
C ILE E 11 21.07 10.44 -32.07
N ASN E 12 21.63 11.34 -32.87
CA ASN E 12 21.94 12.69 -32.43
C ASN E 12 21.43 13.70 -33.45
N VAL E 13 21.00 14.84 -32.94
CA VAL E 13 20.59 15.98 -33.76
C VAL E 13 21.59 17.11 -33.53
N LYS E 14 21.97 17.77 -34.62
CA LYS E 14 22.98 18.82 -34.57
C LYS E 14 22.45 20.03 -35.32
N TYR E 15 22.30 21.15 -34.60
CA TYR E 15 21.73 22.37 -35.16
C TYR E 15 22.76 23.48 -35.10
N VAL E 16 22.72 24.37 -36.10
CA VAL E 16 23.55 25.56 -36.10
C VAL E 16 22.76 26.70 -36.73
N GLY E 17 22.60 27.79 -35.99
CA GLY E 17 21.98 28.99 -36.48
C GLY E 17 22.65 30.20 -35.84
N GLU E 18 21.85 31.10 -35.27
CA GLU E 18 22.43 32.16 -34.45
C GLU E 18 23.19 31.56 -33.27
N ASN E 19 22.74 30.44 -32.74
CA ASN E 19 23.43 29.69 -31.70
C ASN E 19 23.51 28.23 -32.10
N LYS E 20 24.69 27.64 -31.97
CA LYS E 20 24.92 26.26 -32.37
C LYS E 20 24.70 25.32 -31.18
N GLY E 21 24.60 24.04 -31.48
CA GLY E 21 24.48 23.05 -30.42
C GLY E 21 24.02 21.71 -30.99
N ARG E 22 23.79 20.79 -30.07
CA ARG E 22 23.37 19.44 -30.42
C ARG E 22 22.65 18.82 -29.23
N PHE E 23 21.94 17.73 -29.51
CA PHE E 23 21.25 16.97 -28.48
C PHE E 23 20.97 15.57 -29.01
N SER E 24 20.25 14.77 -28.22
CA SER E 24 19.97 13.39 -28.59
C SER E 24 18.70 13.31 -29.42
N SER E 25 18.65 12.33 -30.31
CA SER E 25 17.53 12.14 -31.22
C SER E 25 16.37 11.40 -30.59
N LYS E 26 16.49 10.96 -29.34
CA LYS E 26 15.41 10.23 -28.70
C LYS E 26 14.14 11.07 -28.67
N ILE E 27 13.02 10.45 -29.05
CA ILE E 27 11.73 11.12 -29.06
C ILE E 27 10.69 10.13 -28.53
N THR E 28 9.77 10.63 -27.71
CA THR E 28 8.71 9.81 -27.16
C THR E 28 7.43 10.62 -27.07
N ASN E 29 6.33 10.02 -27.51
CA ASN E 29 4.99 10.56 -27.31
C ASN E 29 4.33 10.02 -26.06
N ASP E 30 5.05 9.23 -25.27
CA ASP E 30 4.49 8.61 -24.08
C ASP E 30 4.01 9.67 -23.10
N TYR E 31 2.89 9.38 -22.42
CA TYR E 31 2.38 10.28 -21.41
C TYR E 31 3.40 10.44 -20.29
N GLN E 32 3.48 11.64 -19.75
CA GLN E 32 4.47 11.97 -18.73
C GLN E 32 3.81 12.75 -17.60
N SER E 33 4.25 12.47 -16.38
CA SER E 33 3.68 13.11 -15.19
C SER E 33 4.28 14.49 -14.94
N TYR E 34 5.59 14.55 -14.71
CA TYR E 34 6.26 15.80 -14.36
C TYR E 34 6.78 16.45 -15.64
N GLU E 35 5.86 17.09 -16.37
CA GLU E 35 6.21 17.71 -17.63
C GLU E 35 7.25 18.82 -17.43
N GLU E 36 7.11 19.59 -16.35
CA GLU E 36 8.08 20.64 -16.05
C GLU E 36 9.37 19.99 -15.55
N GLY E 37 10.44 20.13 -16.33
CA GLY E 37 11.70 19.49 -16.01
C GLY E 37 12.27 18.79 -17.22
N PHE E 38 11.40 18.40 -18.14
CA PHE E 38 11.80 17.79 -19.40
C PHE E 38 11.71 18.81 -20.53
N GLN E 39 12.42 18.52 -21.61
CA GLN E 39 12.31 19.30 -22.83
C GLN E 39 11.26 18.66 -23.72
N ARG E 40 10.36 19.48 -24.26
CA ARG E 40 9.23 18.97 -25.01
C ARG E 40 8.80 19.99 -26.05
N VAL E 41 7.97 19.53 -26.98
CA VAL E 41 7.29 20.42 -27.92
C VAL E 41 5.92 19.84 -28.21
N GLU E 42 4.92 20.71 -28.30
CA GLU E 42 3.56 20.33 -28.66
C GLU E 42 3.22 20.97 -30.00
N TYR E 43 2.85 20.16 -30.97
CA TYR E 43 2.48 20.61 -32.30
C TYR E 43 1.07 20.12 -32.63
N ASN E 44 0.22 21.05 -33.06
CA ASN E 44 -1.17 20.76 -33.40
C ASN E 44 -1.83 19.77 -32.45
N GLY E 45 -1.54 19.89 -31.16
CA GLY E 45 -2.22 19.13 -30.13
C GLY E 45 -1.49 17.90 -29.64
N ILE E 46 -0.51 17.40 -30.38
CA ILE E 46 0.25 16.21 -29.98
C ILE E 46 1.56 16.67 -29.34
N LYS E 47 1.89 16.09 -28.20
CA LYS E 47 3.06 16.47 -27.41
C LYS E 47 4.13 15.40 -27.53
N THR E 48 5.39 15.84 -27.56
CA THR E 48 6.52 14.92 -27.64
C THR E 48 7.63 15.42 -26.73
N TYR E 49 8.25 14.49 -26.01
CA TYR E 49 9.35 14.79 -25.10
C TYR E 49 10.65 14.35 -25.75
N ILE E 50 11.65 15.24 -25.73
CA ILE E 50 12.89 15.04 -26.44
C ILE E 50 13.99 14.69 -25.45
N GLY E 51 15.00 13.97 -25.94
CA GLY E 51 16.12 13.58 -25.11
C GLY E 51 15.91 12.34 -24.28
N VAL E 52 14.82 11.60 -24.51
CA VAL E 52 14.51 10.42 -23.72
C VAL E 52 13.50 9.58 -24.48
N GLY E 53 13.45 8.29 -24.17
CA GLY E 53 12.43 7.41 -24.70
C GLY E 53 12.97 6.55 -25.84
N GLU E 54 12.21 6.49 -26.93
CA GLU E 54 12.57 5.65 -28.07
C GLU E 54 13.66 6.35 -28.88
N LEU E 55 13.95 5.81 -30.06
CA LEU E 55 15.10 6.27 -30.85
C LEU E 55 14.79 6.53 -32.32
N SER E 56 13.65 6.07 -32.84
CA SER E 56 13.24 6.37 -34.22
C SER E 56 14.28 5.88 -35.23
N ARG E 57 14.42 4.56 -35.27
CA ARG E 57 15.39 3.90 -36.14
C ARG E 57 14.96 3.85 -37.60
N GLU E 58 13.76 4.31 -37.93
CA GLU E 58 13.25 4.14 -39.29
C GLU E 58 14.23 4.72 -40.31
N PHE E 59 14.54 3.93 -41.32
CA PHE E 59 15.35 4.39 -42.44
C PHE E 59 14.56 5.41 -43.25
N ASN E 60 15.16 5.92 -44.33
CA ASN E 60 14.55 6.93 -45.20
C ASN E 60 13.94 8.04 -44.34
N LYS E 61 14.83 8.74 -43.64
CA LYS E 61 14.41 9.68 -42.60
C LYS E 61 13.60 10.85 -43.13
N ALA E 62 13.27 10.87 -44.43
CA ALA E 62 12.36 11.87 -44.95
C ALA E 62 10.99 11.80 -44.30
N ASP E 63 10.64 10.68 -43.67
CA ASP E 63 9.31 10.49 -43.10
C ASP E 63 9.33 9.89 -41.70
N ARG E 64 10.47 9.89 -41.01
CA ARG E 64 10.55 9.28 -39.68
C ARG E 64 10.17 10.28 -38.58
N ASP E 65 9.02 10.92 -38.75
CA ASP E 65 8.54 11.92 -37.81
C ASP E 65 9.62 12.97 -37.53
N TYR E 66 10.08 13.59 -38.60
CA TYR E 66 11.05 14.67 -38.52
C TYR E 66 10.34 15.96 -38.14
N MET E 67 9.51 15.91 -37.09
CA MET E 67 8.54 16.94 -36.83
C MET E 67 8.86 17.71 -35.55
N ALA E 68 8.95 17.02 -34.41
CA ALA E 68 9.23 17.69 -33.15
C ALA E 68 10.68 18.10 -33.04
N GLN E 69 11.60 17.23 -33.45
CA GLN E 69 13.03 17.53 -33.35
C GLN E 69 13.36 18.80 -34.13
N LEU E 70 12.80 18.93 -35.33
CA LEU E 70 13.10 20.08 -36.17
C LEU E 70 12.70 21.38 -35.47
N LEU E 71 11.44 21.47 -35.02
CA LEU E 71 10.96 22.70 -34.40
C LEU E 71 11.71 22.99 -33.12
N TYR E 72 12.00 21.95 -32.33
CA TYR E 72 12.76 22.15 -31.11
C TYR E 72 14.13 22.72 -31.40
N SER E 73 14.81 22.19 -32.42
CA SER E 73 16.13 22.70 -32.79
C SER E 73 16.04 24.14 -33.28
N LEU E 74 15.02 24.45 -34.09
CA LEU E 74 14.88 25.82 -34.56
C LEU E 74 14.70 26.78 -33.40
N ALA E 75 13.83 26.43 -32.46
CA ALA E 75 13.59 27.30 -31.32
C ALA E 75 14.86 27.47 -30.48
N LYS E 76 15.59 26.37 -30.24
CA LYS E 76 16.78 26.47 -29.41
C LYS E 76 17.87 27.30 -30.08
N ALA E 77 18.06 27.12 -31.39
CA ALA E 77 19.14 27.80 -32.08
C ALA E 77 18.88 29.30 -32.16
N ASN E 78 17.79 29.70 -32.79
CA ASN E 78 17.46 31.11 -32.96
C ASN E 78 16.80 31.62 -31.67
N THR E 79 16.21 32.81 -31.74
CA THR E 79 15.54 33.43 -30.62
C THR E 79 14.07 33.59 -30.94
N ALA E 80 13.30 34.02 -29.93
CA ALA E 80 11.85 34.14 -30.08
C ALA E 80 11.50 35.22 -31.10
N ASP E 81 12.27 36.30 -31.16
CA ASP E 81 11.93 37.41 -32.05
C ASP E 81 11.94 36.95 -33.51
N THR E 82 12.88 36.09 -33.89
CA THR E 82 12.97 35.65 -35.27
C THR E 82 11.68 34.98 -35.72
N LYS E 83 11.22 35.35 -36.91
CA LYS E 83 10.01 34.78 -37.51
C LYS E 83 10.28 34.07 -38.83
N GLU E 84 11.08 34.66 -39.70
CA GLU E 84 11.37 34.10 -41.01
C GLU E 84 12.84 33.69 -41.08
N ILE E 85 13.10 32.51 -41.65
CA ILE E 85 14.45 32.00 -41.77
C ILE E 85 14.59 31.22 -43.07
N ASN E 86 15.82 30.77 -43.36
CA ASN E 86 16.10 29.89 -44.49
C ASN E 86 16.67 28.59 -43.94
N LEU E 87 15.99 27.49 -44.20
CA LEU E 87 16.39 26.19 -43.69
C LEU E 87 17.24 25.46 -44.72
N THR E 88 18.33 24.87 -44.24
CA THR E 88 19.23 24.08 -45.09
C THR E 88 19.41 22.72 -44.41
N LEU E 89 18.67 21.72 -44.88
CA LEU E 89 18.71 20.40 -44.29
C LEU E 89 19.74 19.52 -45.01
N LEU E 90 20.11 18.44 -44.35
CA LEU E 90 21.11 17.49 -44.85
C LEU E 90 20.45 16.12 -44.94
N LEU E 91 20.29 15.62 -46.15
CA LEU E 91 19.78 14.29 -46.38
C LEU E 91 20.90 13.36 -46.83
N PRO E 92 20.73 12.06 -46.70
CA PRO E 92 21.73 11.13 -47.20
C PRO E 92 21.86 11.23 -48.72
N ILE E 93 23.04 10.88 -49.20
CA ILE E 93 23.43 11.18 -50.58
C ILE E 93 22.68 10.28 -51.57
N ILE E 94 21.78 9.44 -51.07
CA ILE E 94 21.02 8.54 -51.94
C ILE E 94 19.52 8.82 -51.94
N GLN E 95 18.98 9.51 -50.93
CA GLN E 95 17.54 9.73 -50.82
C GLN E 95 17.13 11.12 -51.30
N MET E 96 17.77 11.63 -52.36
CA MET E 96 17.51 13.00 -52.80
C MET E 96 16.05 13.21 -53.20
N LYS E 97 15.49 12.28 -53.98
CA LYS E 97 14.17 12.51 -54.54
C LYS E 97 13.14 12.75 -53.44
N ASN E 98 13.39 12.21 -52.25
CA ASN E 98 12.48 12.44 -51.13
C ASN E 98 12.39 13.92 -50.77
N LYS E 99 13.35 14.74 -51.21
CA LYS E 99 13.24 16.17 -50.97
C LYS E 99 11.96 16.73 -51.56
N THR E 100 11.47 16.12 -52.65
CA THR E 100 10.19 16.54 -53.21
C THR E 100 9.08 16.38 -52.19
N ARG E 101 9.08 15.25 -51.47
CA ARG E 101 8.12 15.03 -50.40
C ARG E 101 8.38 15.95 -49.21
N LEU E 102 9.59 16.50 -49.10
CA LEU E 102 9.90 17.39 -47.98
C LEU E 102 9.39 18.80 -48.25
N ILE E 103 9.83 19.39 -49.36
CA ILE E 103 9.54 20.80 -49.63
C ILE E 103 8.03 21.04 -49.59
N GLU E 104 7.26 20.15 -50.21
CA GLU E 104 5.82 20.34 -50.28
C GLU E 104 5.20 20.55 -48.90
N THR E 105 5.75 19.89 -47.88
CA THR E 105 5.18 19.98 -46.54
C THR E 105 5.77 21.10 -45.70
N LEU E 106 6.83 21.76 -46.17
CA LEU E 106 7.52 22.77 -45.36
C LEU E 106 7.56 24.14 -46.00
N LYS E 107 7.83 24.22 -47.30
CA LYS E 107 8.05 25.52 -47.93
C LYS E 107 6.82 26.41 -47.78
N GLY E 108 7.06 27.66 -47.37
CA GLY E 108 5.97 28.59 -47.21
C GLY E 108 4.94 28.16 -46.20
N GLU E 109 5.37 27.58 -45.08
CA GLU E 109 4.49 27.09 -44.03
C GLU E 109 4.86 27.74 -42.71
N ASN E 110 3.84 28.11 -41.94
CA ASN E 110 4.02 28.70 -40.62
C ASN E 110 3.71 27.64 -39.56
N PHE E 111 4.67 27.42 -38.67
CA PHE E 111 4.56 26.44 -37.60
C PHE E 111 4.49 27.14 -36.26
N LYS E 112 3.47 26.81 -35.48
CA LYS E 112 3.31 27.31 -34.12
C LYS E 112 3.48 26.16 -33.15
N PHE E 113 4.22 26.39 -32.07
CA PHE E 113 4.47 25.34 -31.09
C PHE E 113 4.73 25.97 -29.74
N LYS E 114 4.88 25.10 -28.74
CA LYS E 114 4.95 25.49 -27.34
C LYS E 114 6.40 25.68 -26.87
N PHE E 115 7.24 24.66 -27.03
CA PHE E 115 8.63 24.72 -26.60
C PHE E 115 8.71 25.00 -25.09
N ASN E 116 8.20 24.03 -24.33
CA ASN E 116 8.21 24.08 -22.87
C ASN E 116 7.24 25.12 -22.32
N GLY E 117 6.14 25.35 -23.04
CA GLY E 117 5.05 26.19 -22.56
C GLY E 117 5.08 27.62 -23.06
N ILE E 118 6.22 28.10 -23.55
CA ILE E 118 6.34 29.48 -24.04
C ILE E 118 5.96 29.44 -25.52
N ASP E 119 4.67 29.59 -25.80
CA ASP E 119 4.17 29.46 -27.16
C ASP E 119 4.84 30.47 -28.07
N ARG E 120 5.13 30.04 -29.30
CA ARG E 120 5.75 30.89 -30.30
C ARG E 120 5.43 30.35 -31.68
N GLU E 121 5.80 31.13 -32.69
CA GLU E 121 5.55 30.81 -34.09
C GLU E 121 6.86 30.99 -34.87
N ILE E 122 6.87 30.44 -36.08
CA ILE E 122 8.04 30.60 -36.95
C ILE E 122 7.62 30.24 -38.37
N LYS E 123 8.20 30.95 -39.33
CA LYS E 123 8.00 30.66 -40.74
C LYS E 123 9.37 30.54 -41.42
N ILE E 124 9.38 29.85 -42.56
CA ILE E 124 10.59 29.63 -43.33
C ILE E 124 10.37 30.19 -44.74
N ASN E 125 11.26 31.07 -45.18
CA ASN E 125 11.14 31.65 -46.51
C ASN E 125 11.24 30.58 -47.58
N ASP E 126 12.38 29.91 -47.66
CA ASP E 126 12.60 28.85 -48.63
C ASP E 126 13.40 27.72 -47.98
N LEU E 127 13.22 26.51 -48.50
CA LEU E 127 13.91 25.34 -48.02
C LEU E 127 15.00 24.92 -49.01
N MET E 128 16.09 24.38 -48.47
CA MET E 128 17.18 23.89 -49.29
C MET E 128 17.70 22.60 -48.69
N VAL E 129 18.27 21.75 -49.54
CA VAL E 129 18.70 20.41 -49.14
C VAL E 129 20.09 20.14 -49.71
N LEU E 130 20.91 19.45 -48.93
CA LEU E 130 22.24 19.06 -49.39
C LEU E 130 22.52 17.62 -49.01
N PRO E 131 23.33 16.91 -49.79
CA PRO E 131 23.72 15.55 -49.40
C PRO E 131 24.57 15.57 -48.14
N GLU E 132 24.49 14.46 -47.40
CA GLU E 132 25.39 14.27 -46.27
C GLU E 132 26.80 13.97 -46.78
N GLY E 133 27.79 14.36 -45.98
CA GLY E 133 29.17 14.12 -46.35
C GLY E 133 29.70 15.12 -47.35
N TYR E 134 29.06 15.20 -48.53
CA TYR E 134 29.39 16.25 -49.48
C TYR E 134 29.47 17.61 -48.81
N ALA E 135 28.52 17.91 -47.92
CA ALA E 135 28.53 19.19 -47.24
C ALA E 135 29.85 19.42 -46.53
N SER E 136 30.34 18.41 -45.79
CA SER E 136 31.52 18.59 -44.96
C SER E 136 32.72 19.05 -45.78
N TYR E 137 32.74 18.75 -47.08
CA TYR E 137 33.87 19.15 -47.92
C TYR E 137 34.12 20.65 -47.82
N TYR E 138 33.06 21.44 -47.73
CA TYR E 138 33.23 22.89 -47.63
C TYR E 138 33.91 23.27 -46.32
N SER E 139 33.55 22.60 -45.22
CA SER E 139 34.21 22.85 -43.95
C SER E 139 35.67 22.39 -43.96
N LEU E 140 36.06 21.58 -44.94
CA LEU E 140 37.40 21.04 -45.00
C LEU E 140 38.43 22.15 -45.22
N ASP E 141 39.66 21.88 -44.80
CA ASP E 141 40.74 22.84 -44.98
C ASP E 141 41.15 22.91 -46.45
N ILE E 142 41.74 24.05 -46.81
CA ILE E 142 42.10 24.29 -48.21
C ILE E 142 43.14 23.28 -48.67
N GLU E 143 44.06 22.90 -47.78
CA GLU E 143 45.16 22.02 -48.17
C GLU E 143 44.68 20.70 -48.71
N ASN E 144 43.45 20.29 -48.38
CA ASN E 144 42.91 19.02 -48.84
C ASN E 144 41.92 19.17 -50.01
N LYS E 145 41.40 20.38 -50.24
CA LYS E 145 40.41 20.56 -51.29
C LYS E 145 41.01 20.32 -52.67
N LYS E 146 42.23 20.80 -52.91
CA LYS E 146 42.81 20.72 -54.24
C LYS E 146 42.96 19.27 -54.69
N GLY E 147 43.43 18.40 -53.80
CA GLY E 147 43.67 17.02 -54.18
C GLY E 147 42.37 16.24 -54.33
N ASP E 148 42.48 15.11 -55.03
CA ASP E 148 41.36 14.19 -55.18
C ASP E 148 41.16 13.46 -53.86
N VAL E 149 40.02 13.72 -53.22
CA VAL E 149 39.77 13.24 -51.87
C VAL E 149 38.50 12.38 -51.87
N CYS E 150 38.26 11.77 -50.72
CA CYS E 150 37.07 10.94 -50.50
C CYS E 150 36.48 11.30 -49.14
N ILE E 151 35.31 11.93 -49.15
CA ILE E 151 34.59 12.22 -47.92
C ILE E 151 33.87 10.96 -47.48
N LEU E 152 34.16 10.50 -46.26
CA LEU E 152 33.63 9.26 -45.72
C LEU E 152 32.96 9.59 -44.39
N ASP E 153 31.64 9.68 -44.39
CA ASP E 153 30.89 9.94 -43.16
C ASP E 153 30.45 8.61 -42.57
N LEU E 154 30.84 8.36 -41.32
CA LEU E 154 30.51 7.13 -40.61
C LEU E 154 29.39 7.44 -39.65
N GLY E 155 28.16 7.37 -40.15
CA GLY E 155 26.99 7.66 -39.35
C GLY E 155 26.64 6.53 -38.41
N SER E 156 25.64 6.80 -37.56
CA SER E 156 25.20 5.78 -36.62
C SER E 156 24.63 4.56 -37.34
N ARG E 157 23.96 4.78 -38.47
CA ARG E 157 23.41 3.69 -39.26
C ARG E 157 23.78 3.75 -40.74
N THR E 158 24.28 4.88 -41.24
CA THR E 158 24.55 5.05 -42.66
C THR E 158 25.99 5.48 -42.86
N ILE E 159 26.67 4.82 -43.80
CA ILE E 159 27.98 5.23 -44.27
C ILE E 159 27.79 5.96 -45.58
N ASN E 160 28.29 7.18 -45.67
CA ASN E 160 28.14 8.02 -46.85
C ASN E 160 29.50 8.22 -47.51
N ILE E 161 29.60 7.88 -48.79
CA ILE E 161 30.83 8.00 -49.55
C ILE E 161 30.62 9.01 -50.66
N CYS E 162 31.48 10.02 -50.72
CA CYS E 162 31.44 11.00 -51.80
C CYS E 162 32.87 11.26 -52.24
N VAL E 163 33.22 10.81 -53.44
CA VAL E 163 34.57 10.97 -53.97
C VAL E 163 34.61 12.26 -54.76
N LEU E 164 35.54 13.14 -54.41
CA LEU E 164 35.68 14.46 -55.04
C LEU E 164 36.96 14.52 -55.83
N GLU E 165 36.85 14.83 -57.11
CA GLU E 165 37.99 15.21 -57.93
C GLU E 165 38.30 16.68 -57.65
N ASN E 166 39.07 17.34 -58.51
CA ASN E 166 39.50 18.69 -58.23
C ASN E 166 38.29 19.63 -58.27
N ALA E 167 37.58 19.73 -57.15
CA ALA E 167 36.39 20.54 -56.99
C ALA E 167 35.17 19.95 -57.70
N LYS E 168 35.21 18.66 -58.02
CA LYS E 168 34.10 17.99 -58.68
C LYS E 168 33.94 16.59 -58.09
N ILE E 169 32.72 16.08 -58.15
CA ILE E 169 32.39 14.77 -57.61
C ILE E 169 32.44 13.75 -58.74
N VAL E 170 32.80 12.52 -58.39
CA VAL E 170 32.86 11.41 -59.33
C VAL E 170 31.98 10.25 -58.89
N LYS E 171 32.06 9.87 -57.61
CA LYS E 171 31.32 8.73 -57.09
C LYS E 171 30.53 9.16 -55.87
N THR E 172 29.33 8.60 -55.72
CA THR E 172 28.44 8.92 -54.62
C THR E 172 27.66 7.67 -54.26
N ASN E 173 27.69 7.29 -52.98
CA ASN E 173 26.94 6.10 -52.59
C ASN E 173 26.74 6.05 -51.08
N THR E 174 25.88 5.13 -50.68
CA THR E 174 25.51 4.92 -49.28
C THR E 174 25.55 3.44 -48.95
N ILE E 175 25.85 3.14 -47.69
CA ILE E 175 25.88 1.78 -47.17
C ILE E 175 25.09 1.77 -45.86
N LYS E 176 24.35 0.69 -45.64
CA LYS E 176 23.58 0.52 -44.40
C LYS E 176 24.50 -0.08 -43.35
N LEU E 177 25.13 0.79 -42.57
CA LEU E 177 26.08 0.36 -41.55
C LEU E 177 26.46 1.55 -40.69
N GLY E 178 26.78 1.28 -39.44
CA GLY E 178 27.17 2.35 -38.53
C GLY E 178 27.29 1.82 -37.11
N SER E 179 27.40 2.76 -36.18
CA SER E 179 27.61 2.42 -34.78
C SER E 179 26.42 1.69 -34.18
N PHE E 180 25.22 1.86 -34.76
CA PHE E 180 24.05 1.15 -34.24
C PHE E 180 24.24 -0.35 -34.32
N ASP E 181 24.81 -0.83 -35.43
CA ASP E 181 25.08 -2.25 -35.56
C ASP E 181 26.10 -2.71 -34.52
N PHE E 182 27.08 -1.87 -34.21
CA PHE E 182 28.04 -2.22 -33.17
C PHE E 182 27.36 -2.33 -31.81
N TYR E 183 26.45 -1.41 -31.51
CA TYR E 183 25.71 -1.48 -30.26
C TYR E 183 24.86 -2.73 -30.21
N SER E 184 24.23 -3.09 -31.33
CA SER E 184 23.46 -4.32 -31.40
C SER E 184 24.35 -5.53 -31.14
N LYS E 185 25.56 -5.52 -31.71
CA LYS E 185 26.49 -6.61 -31.49
C LYS E 185 26.86 -6.73 -30.02
N ILE E 186 27.14 -5.61 -29.36
CA ILE E 186 27.53 -5.65 -27.95
C ILE E 186 26.38 -6.17 -27.11
N LYS E 187 25.17 -5.65 -27.35
CA LYS E 187 24.03 -6.11 -26.56
C LYS E 187 23.72 -7.56 -26.83
N SER E 188 24.02 -8.06 -28.04
CA SER E 188 23.75 -9.46 -28.34
C SER E 188 24.43 -10.38 -27.34
N LEU E 189 25.64 -10.04 -26.90
CA LEU E 189 26.34 -10.86 -25.92
C LEU E 189 26.12 -10.40 -24.49
N GLU E 190 25.78 -9.12 -24.28
CA GLU E 190 25.54 -8.66 -22.91
C GLU E 190 24.17 -9.12 -22.39
N ASN E 191 23.11 -8.84 -23.16
CA ASN E 191 21.78 -9.26 -22.78
C ASN E 191 21.70 -10.77 -22.59
N ALA E 192 22.57 -11.52 -23.26
CA ALA E 192 22.48 -12.98 -23.21
C ALA E 192 22.66 -13.50 -21.78
N LYS E 193 23.64 -12.99 -21.06
CA LYS E 193 23.96 -13.56 -19.76
C LYS E 193 22.79 -13.41 -18.78
N GLY E 194 22.54 -12.18 -18.32
CA GLY E 194 21.43 -11.93 -17.43
C GLY E 194 20.80 -10.55 -17.56
N GLU E 195 21.29 -9.73 -18.47
CA GLU E 195 21.03 -8.30 -18.42
C GLU E 195 19.88 -7.93 -19.36
N ASP E 196 19.59 -6.63 -19.42
CA ASP E 196 18.44 -6.11 -20.15
C ASP E 196 18.81 -4.86 -20.92
N TYR E 197 20.06 -4.76 -21.37
CA TYR E 197 20.50 -3.58 -22.09
C TYR E 197 19.92 -3.56 -23.50
N ILE E 198 19.80 -2.35 -24.04
CA ILE E 198 19.32 -2.12 -25.39
C ILE E 198 20.26 -1.14 -26.09
N GLU E 199 19.94 -0.81 -27.34
CA GLU E 199 20.82 0.04 -28.14
C GLU E 199 20.87 1.48 -27.66
N GLU E 200 19.98 1.87 -26.76
CA GLU E 200 19.91 3.26 -26.30
C GLU E 200 20.83 3.52 -25.11
N ASP E 201 20.70 2.72 -24.05
CA ASP E 201 21.43 2.94 -22.81
C ASP E 201 22.72 2.13 -22.74
N ILE E 202 23.35 1.85 -23.89
CA ILE E 202 24.51 0.99 -23.94
C ILE E 202 25.78 1.82 -24.08
N GLN E 203 25.72 2.90 -24.87
CA GLN E 203 26.87 3.77 -25.02
C GLN E 203 27.25 4.41 -23.69
N ARG E 204 26.25 4.85 -22.93
CA ARG E 204 26.51 5.42 -21.61
C ARG E 204 27.21 4.42 -20.70
N LEU E 205 26.88 3.13 -20.84
CA LEU E 205 27.56 2.11 -20.04
C LEU E 205 29.04 2.04 -20.39
N ILE E 206 29.37 2.12 -21.67
CA ILE E 206 30.78 2.16 -22.06
C ILE E 206 31.44 3.41 -21.49
N ASP E 207 30.75 4.55 -21.57
CA ASP E 207 31.35 5.80 -21.12
C ASP E 207 31.63 5.77 -19.62
N ASN E 208 30.70 5.27 -18.82
CA ASN E 208 30.84 5.28 -17.37
C ASN E 208 31.66 4.12 -16.84
N GLY E 209 31.97 3.12 -17.67
CA GLY E 209 32.86 2.05 -17.27
C GLY E 209 32.18 0.85 -16.65
N LEU E 210 31.16 0.33 -17.30
CA LEU E 210 30.55 -0.94 -16.93
C LEU E 210 30.76 -2.02 -17.97
N ILE E 211 30.61 -1.68 -19.25
CA ILE E 211 30.88 -2.62 -20.34
C ILE E 211 32.36 -2.58 -20.64
N LYS E 212 33.01 -3.74 -20.59
CA LYS E 212 34.43 -3.85 -20.92
C LYS E 212 34.54 -4.16 -22.40
N VAL E 213 34.71 -3.12 -23.21
CA VAL E 213 34.81 -3.27 -24.66
C VAL E 213 36.26 -3.59 -24.99
N ASP E 214 36.51 -4.83 -25.43
CA ASP E 214 37.86 -5.22 -25.82
C ASP E 214 38.30 -4.41 -27.03
N SER E 215 39.60 -4.12 -27.08
CA SER E 215 40.12 -3.27 -28.14
C SER E 215 39.87 -3.87 -29.52
N LYS E 216 39.78 -5.20 -29.62
CA LYS E 216 39.69 -5.84 -30.92
C LYS E 216 38.28 -5.80 -31.51
N GLN E 217 37.25 -5.52 -30.71
CA GLN E 217 35.93 -5.31 -31.28
C GLN E 217 35.91 -4.08 -32.17
N TYR E 218 36.57 -3.01 -31.75
CA TYR E 218 36.71 -1.84 -32.60
C TYR E 218 37.44 -2.19 -33.90
N ILE E 219 38.46 -3.04 -33.80
CA ILE E 219 39.20 -3.45 -35.00
C ILE E 219 38.29 -4.24 -35.93
N GLU E 220 37.46 -5.12 -35.37
CA GLU E 220 36.52 -5.87 -36.18
C GLU E 220 35.54 -4.95 -36.89
N PHE E 221 35.03 -3.95 -36.17
CA PHE E 221 34.12 -2.99 -36.80
C PHE E 221 34.84 -2.20 -37.89
N LEU E 222 36.10 -1.83 -37.65
CA LEU E 222 36.88 -1.10 -38.66
C LEU E 222 37.03 -1.94 -39.92
N SER E 223 37.37 -3.23 -39.75
CA SER E 223 37.50 -4.11 -40.91
C SER E 223 36.17 -4.26 -41.63
N ASP E 224 35.08 -4.36 -40.87
CA ASP E 224 33.77 -4.52 -41.49
C ASP E 224 33.42 -3.31 -42.35
N ILE E 225 33.62 -2.09 -41.81
CA ILE E 225 33.30 -0.90 -42.60
C ILE E 225 34.25 -0.77 -43.78
N LEU E 226 35.54 -1.05 -43.56
CA LEU E 226 36.50 -0.98 -44.65
C LEU E 226 36.30 -2.10 -45.66
N ASN E 227 35.61 -3.17 -45.26
CA ASN E 227 35.18 -4.19 -46.21
C ASN E 227 33.97 -3.72 -47.04
N ALA E 228 33.32 -2.63 -46.62
CA ALA E 228 32.16 -2.11 -47.31
C ALA E 228 32.50 -0.93 -48.21
N VAL E 229 33.79 -0.70 -48.46
CA VAL E 229 34.23 0.41 -49.31
C VAL E 229 35.11 -0.03 -50.45
N LYS E 230 35.67 -1.24 -50.43
CA LYS E 230 36.55 -1.69 -51.51
C LYS E 230 35.85 -1.69 -52.86
N PRO E 231 34.62 -2.18 -53.00
CA PRO E 231 33.99 -2.18 -54.32
C PRO E 231 33.85 -0.80 -54.92
N TYR E 232 33.77 0.23 -54.08
CA TYR E 232 33.52 1.59 -54.55
C TYR E 232 34.76 2.47 -54.49
N VAL E 233 35.68 2.22 -53.57
CA VAL E 233 36.83 3.10 -53.37
C VAL E 233 38.01 2.26 -52.90
N ASN E 234 39.20 2.66 -53.32
CA ASN E 234 40.46 2.12 -52.80
C ASN E 234 41.03 3.15 -51.83
N LEU E 235 40.91 2.87 -50.53
CA LEU E 235 41.23 3.87 -49.53
C LEU E 235 42.68 4.30 -49.56
N LYS E 236 43.58 3.47 -50.09
CA LYS E 236 44.96 3.90 -50.26
C LYS E 236 45.04 5.11 -51.18
N THR E 237 44.28 5.08 -52.26
CA THR E 237 44.08 6.26 -53.10
C THR E 237 42.99 7.14 -52.48
N TYR E 238 42.79 8.32 -53.07
CA TYR E 238 41.68 9.19 -52.70
C TYR E 238 41.76 9.58 -51.22
N ASN E 239 42.78 10.39 -50.92
CA ASN E 239 43.01 10.87 -49.55
C ASN E 239 41.68 11.07 -48.83
N THR E 240 41.55 10.49 -47.66
CA THR E 240 40.25 10.28 -47.04
C THR E 240 40.01 11.28 -45.92
N ILE E 241 38.79 11.79 -45.87
CA ILE E 241 38.35 12.66 -44.79
C ILE E 241 37.26 11.90 -44.03
N PHE E 242 37.61 11.38 -42.87
CA PHE E 242 36.64 10.72 -42.01
C PHE E 242 35.81 11.77 -41.27
N THR E 243 34.50 11.58 -41.26
CA THR E 243 33.61 12.50 -40.59
C THR E 243 32.54 11.69 -39.85
N GLY E 244 31.87 12.35 -38.92
CA GLY E 244 30.86 11.73 -38.11
C GLY E 244 31.36 11.36 -36.73
N GLY E 245 30.41 11.15 -35.82
CA GLY E 245 30.77 10.82 -34.45
C GLY E 245 31.53 9.52 -34.33
N THR E 246 31.19 8.54 -35.18
CA THR E 246 31.89 7.26 -35.17
C THR E 246 33.37 7.45 -35.43
N SER E 247 33.73 8.45 -36.25
CA SER E 247 35.14 8.73 -36.50
C SER E 247 35.85 9.14 -35.21
N LEU E 248 35.23 10.02 -34.42
CA LEU E 248 35.80 10.36 -33.13
C LEU E 248 35.85 9.15 -32.22
N MET E 249 34.84 8.30 -32.30
CA MET E 249 34.77 7.10 -31.47
C MET E 249 35.93 6.16 -31.76
N LEU E 250 36.36 6.07 -33.02
CA LEU E 250 37.37 5.11 -33.44
C LEU E 250 38.69 5.74 -33.85
N LYS E 251 38.89 7.04 -33.58
CA LYS E 251 40.01 7.76 -34.16
C LYS E 251 41.37 7.16 -33.78
N GLU E 252 41.58 6.82 -32.52
CA GLU E 252 42.90 6.34 -32.12
C GLU E 252 43.25 5.01 -32.76
N TYR E 253 42.24 4.28 -33.24
CA TYR E 253 42.40 3.02 -33.96
C TYR E 253 42.47 3.23 -35.46
N ILE E 254 41.81 4.26 -35.96
CA ILE E 254 41.91 4.63 -37.37
C ILE E 254 43.31 5.14 -37.68
N GLU E 255 43.91 5.86 -36.74
CA GLU E 255 45.21 6.47 -36.98
C GLU E 255 46.32 5.45 -37.21
N LYS E 256 46.10 4.18 -36.87
CA LYS E 256 47.09 3.14 -37.01
C LYS E 256 46.77 2.23 -38.20
N LEU E 257 46.21 2.78 -39.26
CA LEU E 257 45.85 2.00 -40.42
C LEU E 257 46.99 2.01 -41.44
N PRO E 258 47.03 1.01 -42.34
CA PRO E 258 48.03 0.96 -43.41
C PRO E 258 47.66 1.80 -44.62
N LEU E 259 47.25 3.04 -44.37
CA LEU E 259 46.82 3.97 -45.41
C LEU E 259 47.88 5.05 -45.58
N ASN E 260 48.28 5.28 -46.83
CA ASN E 260 49.36 6.23 -47.09
C ASN E 260 48.96 7.65 -46.70
N LYS E 261 47.74 8.06 -47.05
CA LYS E 261 47.31 9.44 -46.84
C LYS E 261 45.86 9.45 -46.37
N PHE E 262 45.62 10.09 -45.24
CA PHE E 262 44.27 10.17 -44.66
C PHE E 262 44.32 11.15 -43.50
N LYS E 263 43.18 11.30 -42.83
CA LYS E 263 43.06 12.14 -41.64
C LYS E 263 41.65 11.98 -41.09
N VAL E 264 41.47 12.37 -39.84
CA VAL E 264 40.17 12.43 -39.19
C VAL E 264 39.78 13.89 -39.06
N HIS E 265 38.61 14.23 -39.58
CA HIS E 265 38.22 15.63 -39.63
C HIS E 265 38.08 16.20 -38.22
N PRO E 266 38.59 17.41 -37.96
CA PRO E 266 38.33 18.04 -36.67
C PRO E 266 36.86 18.41 -36.53
N ASN E 267 36.40 18.44 -35.29
CA ASN E 267 35.00 18.71 -34.98
C ASN E 267 34.09 17.98 -35.95
N ALA E 268 34.39 16.70 -36.21
CA ALA E 268 33.64 15.95 -37.22
C ALA E 268 32.15 16.00 -36.95
N LEU E 269 31.76 16.02 -35.67
CA LEU E 269 30.34 16.03 -35.32
C LEU E 269 29.60 17.09 -36.10
N THR E 270 30.12 18.31 -36.10
CA THR E 270 29.50 19.44 -36.79
C THR E 270 30.06 19.66 -38.20
N SER E 271 31.03 18.84 -38.62
CA SER E 271 31.62 19.04 -39.94
C SER E 271 30.55 19.03 -41.02
N ASN E 272 29.88 17.91 -41.19
CA ASN E 272 28.80 17.82 -42.16
C ASN E 272 27.86 19.02 -42.06
N VAL E 273 27.67 19.53 -40.85
CA VAL E 273 26.86 20.72 -40.66
C VAL E 273 27.59 21.94 -41.21
N ASP E 274 28.73 22.27 -40.60
CA ASP E 274 29.42 23.51 -40.93
C ASP E 274 29.61 23.65 -42.43
N GLY E 275 30.08 22.57 -43.07
CA GLY E 275 30.25 22.56 -44.51
C GLY E 275 29.00 23.06 -45.21
N ALA E 276 27.89 22.34 -45.04
CA ALA E 276 26.64 22.75 -45.65
C ALA E 276 26.30 24.18 -45.25
N MET E 277 26.57 24.50 -43.99
CA MET E 277 26.29 25.84 -43.49
C MET E 277 27.07 26.88 -44.28
N GLU E 278 28.35 26.62 -44.54
CA GLU E 278 29.10 27.51 -45.42
C GLU E 278 28.39 27.65 -46.76
N ALA E 279 27.94 26.53 -47.32
CA ALA E 279 27.27 26.57 -48.61
C ALA E 279 26.11 27.56 -48.59
N SER E 280 25.38 27.62 -47.48
CA SER E 280 24.25 28.54 -47.41
C SER E 280 24.71 29.97 -47.63
N LYS E 281 25.81 30.36 -46.97
CA LYS E 281 26.35 31.70 -47.17
C LYS E 281 26.61 31.98 -48.63
N LYS E 282 27.02 30.95 -49.38
CA LYS E 282 27.31 31.13 -50.79
C LYS E 282 26.04 31.40 -51.60
N VAL E 283 24.94 30.76 -51.22
CA VAL E 283 23.74 30.81 -52.07
C VAL E 283 22.94 32.06 -51.79
N TRP E 284 22.43 32.21 -50.57
CA TRP E 284 21.56 33.34 -50.26
C TRP E 284 22.37 34.63 -50.06
N ASN E 285 23.57 34.52 -49.51
CA ASN E 285 24.42 35.68 -49.28
C ASN E 285 25.57 35.71 -50.29
#